data_5YH3
#
_entry.id   5YH3
#
_cell.length_a   78.469
_cell.length_b   192.747
_cell.length_c   226.669
_cell.angle_alpha   90.00
_cell.angle_beta   90.00
_cell.angle_gamma   90.00
#
_symmetry.space_group_name_H-M   'P 21 21 21'
#
loop_
_entity.id
_entity.type
_entity.pdbx_description
1 polymer 'Pseudokinase FAM20A'
2 polymer 'Extracellular serine/threonine protein kinase FAM20C'
3 non-polymer "ADENOSINE-5'-TRIPHOSPHATE"
#
loop_
_entity_poly.entity_id
_entity_poly.type
_entity_poly.pdbx_seq_one_letter_code
_entity_poly.pdbx_strand_id
1 'polypeptide(L)'
;DPGTIVHNFSRTEPRTEPAGGSHSGSSSKLQALFAHPLYNVPEEPPLLGAEDSLLASQEALRYYRRKVARWNRRHKMYRE
QMNLTSLDPPLQLRLEASWVQFHLGINRHGLYSRSSPVVSKLLQDMRHFPTISADYSQDEKALLGACDCTQIVKPSGVHL
KLVLRFSDFGKAMFKPMRQQRDEETPVDFFYFIDFQRHNAEIAAFHLDRILDFRRVPPTVGRIVNVTKEILEVTKNEILQ
SVFFVSPASNVCFFAKCPYMCKTEYAVCGKPHLLEGSLSAFLPSLNLAPRLSVPNPWIRSYTLAGKEEWEVNPLYCDTVK
QIYPYNNSQRLLNVIDMAIFDFLIGNMDRHHYEMFTKFGDDGFLIHLDNARGFGRHSHDEISILSPLSQCCMIKKKTLLH
LQLLAQADYRLSDVMRESLLEDQLSPVLTEPHLLALDRRLQTILRTVEGCIVAHGQQSVIVDGPVEQ
;
A,B
2 'polypeptide(L)'
;RDPGPRRSESPPGPGGDASLLARLFEHPLYRVAVPPLTEEDVLFNVNSDTRLSPKAAENPDWPHAGAEGAEFLSPGEAAV
DSYPNWLKFHIGINRYELYSRHNPAIEALLHDLSSQRITSVAMKSGGTQLKLIMTFQNYGQALFKPMKQTREQETPPDFF
YFSDYERHNAEIAAFHLDRILDFRRVPPVAGRMVNMTKEIRDVTRDKKLWRTFFISPANNICFYGECSYYCSTEHALCGK
PDQIEGSLAAFLPDLSLAKRKTWRNPWRRSYHKRKKAEWEVDPDYCEEVKQTPPYDSSHRILDVMDMTIFDFLMGNMDRH
HYETFEKFGNETFIIHLDNGRGFGKYSHDELSILVPLQQCCRIRKSTYLRLQLLAKEEYKLSLLMAESLRGDQVAPVLYQ
PHLEALDRRLRVVLKAVRDCVERNGLHSVVDDDLDTEH
;
C,D
#
loop_
_chem_comp.id
_chem_comp.type
_chem_comp.name
_chem_comp.formula
ATP non-polymer ADENOSINE-5'-TRIPHOSPHATE 'C10 H16 N5 O13 P3'
#
# COMPACT_ATOMS: atom_id res chain seq x y z
N SER A 27 9.23 4.70 13.29
CA SER A 27 8.65 4.66 11.95
C SER A 27 7.18 5.05 11.97
N SER A 28 6.70 5.57 10.84
CA SER A 28 5.33 6.05 10.67
C SER A 28 4.98 7.17 11.65
N LYS A 29 5.30 8.41 11.29
CA LYS A 29 4.93 9.54 12.13
C LYS A 29 3.43 9.74 12.21
N LEU A 30 2.68 9.17 11.27
CA LEU A 30 1.22 9.31 11.27
C LEU A 30 0.62 8.57 12.47
N GLN A 31 0.97 7.30 12.64
CA GLN A 31 0.47 6.55 13.80
C GLN A 31 0.88 7.20 15.11
N ALA A 32 2.10 7.76 15.17
CA ALA A 32 2.55 8.47 16.35
C ALA A 32 1.63 9.65 16.68
N LEU A 33 1.07 10.29 15.64
CA LEU A 33 0.21 11.44 15.86
C LEU A 33 -1.07 11.05 16.59
N PHE A 34 -1.81 10.10 16.04
CA PHE A 34 -3.09 9.74 16.64
C PHE A 34 -2.94 8.94 17.94
N ALA A 35 -1.76 8.38 18.19
CA ALA A 35 -1.50 7.65 19.43
C ALA A 35 -0.90 8.54 20.50
N HIS A 36 -0.89 9.85 20.28
CA HIS A 36 -0.37 10.85 21.18
C HIS A 36 -1.43 11.21 22.23
N PRO A 37 -1.01 11.61 23.44
CA PRO A 37 -2.00 11.98 24.47
C PRO A 37 -3.01 13.01 24.01
N LEU A 38 -2.60 13.95 23.15
CA LEU A 38 -3.53 14.98 22.67
C LEU A 38 -4.70 14.38 21.93
N TYR A 39 -4.42 13.51 20.95
CA TYR A 39 -5.46 12.85 20.16
C TYR A 39 -6.11 11.68 20.88
N ASN A 40 -6.36 11.83 22.19
CA ASN A 40 -6.94 10.76 22.99
C ASN A 40 -7.71 11.29 24.20
N VAL A 41 -7.31 12.47 24.69
CA VAL A 41 -7.99 13.06 25.85
C VAL A 41 -9.46 13.31 25.51
N PRO A 42 -10.40 13.01 26.40
CA PRO A 42 -11.82 13.29 26.10
C PRO A 42 -12.03 14.77 25.85
N GLU A 43 -13.06 15.07 25.07
CA GLU A 43 -13.35 16.43 24.66
C GLU A 43 -14.44 17.00 25.53
N GLU A 44 -14.24 18.24 26.00
CA GLU A 44 -15.20 18.88 26.87
C GLU A 44 -15.94 20.00 26.13
N PRO A 45 -17.22 20.21 26.41
CA PRO A 45 -18.06 19.38 27.28
C PRO A 45 -18.41 18.04 26.63
N PRO A 46 -18.74 17.02 27.42
CA PRO A 46 -19.16 15.74 26.86
C PRO A 46 -20.59 15.81 26.35
N LEU A 47 -20.98 14.79 25.59
CA LEU A 47 -22.26 14.77 24.90
C LEU A 47 -23.26 13.93 25.68
N LEU A 48 -24.40 14.52 26.02
CA LEU A 48 -25.48 13.75 26.62
C LEU A 48 -26.07 12.76 25.63
N GLY A 49 -26.04 13.07 24.34
CA GLY A 49 -26.71 12.30 23.32
C GLY A 49 -28.05 12.91 22.97
N ALA A 50 -28.73 12.28 22.01
CA ALA A 50 -30.06 12.71 21.58
C ALA A 50 -30.08 14.15 21.09
N GLU A 51 -29.73 15.10 21.97
CA GLU A 51 -29.66 16.51 21.62
C GLU A 51 -28.28 16.92 21.15
N ASP A 52 -27.33 15.98 21.12
CA ASP A 52 -25.98 16.25 20.64
C ASP A 52 -25.64 15.39 19.42
N SER A 53 -26.65 14.80 18.78
CA SER A 53 -26.50 14.15 17.48
C SER A 53 -27.52 14.80 16.55
N LEU A 54 -27.03 15.59 15.59
CA LEU A 54 -27.93 16.45 14.81
C LEU A 54 -29.02 15.65 14.11
N LEU A 55 -28.77 14.39 13.83
CA LEU A 55 -29.77 13.52 13.22
C LEU A 55 -30.45 12.69 14.30
N ALA A 56 -31.78 12.73 14.33
CA ALA A 56 -32.55 11.82 15.16
C ALA A 56 -32.74 10.51 14.40
N SER A 57 -32.38 9.40 15.05
CA SER A 57 -32.26 8.13 14.34
C SER A 57 -33.58 7.71 13.70
N GLN A 58 -34.65 7.57 14.51
CA GLN A 58 -35.90 7.02 14.00
C GLN A 58 -36.46 7.89 12.88
N GLU A 59 -36.30 9.21 12.98
CA GLU A 59 -36.78 10.10 11.93
C GLU A 59 -35.93 9.98 10.67
N ALA A 60 -34.61 9.99 10.83
CA ALA A 60 -33.72 9.97 9.67
C ALA A 60 -33.92 8.71 8.83
N LEU A 61 -33.99 7.55 9.48
CA LEU A 61 -34.18 6.30 8.75
C LEU A 61 -35.48 6.30 7.97
N ARG A 62 -36.55 6.85 8.55
CA ARG A 62 -37.82 6.91 7.84
C ARG A 62 -37.71 7.78 6.58
N TYR A 63 -37.11 8.97 6.71
CA TYR A 63 -36.91 9.84 5.56
C TYR A 63 -36.09 9.14 4.48
N TYR A 64 -34.93 8.61 4.85
CA TYR A 64 -34.08 7.94 3.87
C TYR A 64 -34.79 6.72 3.28
N ARG A 65 -35.56 6.00 4.10
CA ARG A 65 -36.28 4.85 3.58
C ARG A 65 -37.33 5.26 2.56
N ARG A 66 -37.89 6.48 2.71
CA ARG A 66 -38.85 6.97 1.73
C ARG A 66 -38.16 7.41 0.44
N LYS A 67 -37.03 8.12 0.56
CA LYS A 67 -36.29 8.52 -0.63
C LYS A 67 -35.80 7.30 -1.41
N VAL A 68 -35.55 6.18 -0.73
CA VAL A 68 -35.19 4.95 -1.42
C VAL A 68 -36.39 4.38 -2.15
N ALA A 69 -37.57 4.44 -1.52
CA ALA A 69 -38.77 3.92 -2.19
C ALA A 69 -39.13 4.77 -3.41
N ARG A 70 -39.02 6.10 -3.29
CA ARG A 70 -39.33 6.95 -4.43
C ARG A 70 -38.31 6.76 -5.56
N TRP A 71 -37.05 6.55 -5.21
CA TRP A 71 -36.04 6.31 -6.25
C TRP A 71 -36.35 5.03 -7.01
N ASN A 72 -36.68 3.95 -6.31
CA ASN A 72 -37.00 2.69 -6.96
C ASN A 72 -38.17 2.85 -7.93
N ARG A 73 -39.21 3.57 -7.51
CA ARG A 73 -40.35 3.81 -8.39
C ARG A 73 -39.93 4.59 -9.63
N ARG A 74 -39.49 5.84 -9.43
CA ARG A 74 -39.22 6.74 -10.54
C ARG A 74 -38.04 6.29 -11.39
N HIS A 75 -37.23 5.35 -10.91
CA HIS A 75 -36.17 4.78 -11.73
C HIS A 75 -36.69 3.65 -12.63
N LYS A 76 -37.51 2.77 -12.08
CA LYS A 76 -38.12 1.72 -12.89
C LYS A 76 -38.91 2.31 -14.05
N MET A 77 -39.65 3.39 -13.80
CA MET A 77 -40.43 4.03 -14.86
C MET A 77 -39.51 4.56 -15.96
N TYR A 78 -38.38 5.17 -15.59
CA TYR A 78 -37.41 5.59 -16.59
C TYR A 78 -36.93 4.41 -17.42
N ARG A 79 -36.72 3.26 -16.78
CA ARG A 79 -36.28 2.08 -17.52
C ARG A 79 -37.39 1.56 -18.44
N GLU A 80 -38.66 1.78 -18.07
CA GLU A 80 -39.75 1.30 -18.91
C GLU A 80 -39.96 2.22 -20.12
N GLN A 81 -39.81 3.52 -19.93
CA GLN A 81 -39.93 4.45 -21.06
C GLN A 81 -38.81 4.22 -22.08
N MET A 82 -37.56 4.09 -21.60
CA MET A 82 -36.43 3.85 -22.48
C MET A 82 -36.25 2.38 -22.84
N ASN A 83 -37.23 1.54 -22.53
CA ASN A 83 -37.20 0.12 -22.86
C ASN A 83 -35.93 -0.55 -22.34
N LEU A 84 -35.92 -0.89 -21.05
CA LEU A 84 -34.84 -1.67 -20.46
C LEU A 84 -35.45 -2.61 -19.44
N THR A 85 -35.21 -3.91 -19.60
CA THR A 85 -35.70 -4.90 -18.65
C THR A 85 -35.26 -4.53 -17.25
N SER A 86 -36.23 -4.46 -16.34
CA SER A 86 -35.93 -4.14 -14.95
C SER A 86 -35.25 -5.32 -14.27
N LEU A 87 -34.12 -5.76 -14.82
CA LEU A 87 -33.29 -6.79 -14.18
C LEU A 87 -32.92 -6.36 -12.77
N ASP A 88 -32.52 -7.32 -11.93
CA ASP A 88 -32.06 -7.10 -10.57
C ASP A 88 -33.22 -6.66 -9.68
N PRO A 89 -33.10 -6.83 -8.36
CA PRO A 89 -34.16 -6.38 -7.47
C PRO A 89 -34.08 -4.88 -7.24
N PRO A 90 -35.01 -4.29 -6.50
CA PRO A 90 -34.92 -2.85 -6.20
C PRO A 90 -33.90 -2.56 -5.12
N LEU A 91 -33.61 -1.27 -4.95
CA LEU A 91 -32.69 -0.81 -3.92
C LEU A 91 -33.22 -1.17 -2.53
N GLN A 92 -32.30 -1.55 -1.65
CA GLN A 92 -32.60 -1.82 -0.25
C GLN A 92 -31.81 -0.85 0.60
N LEU A 93 -32.48 -0.18 1.54
CA LEU A 93 -31.83 0.74 2.45
C LEU A 93 -31.40 -0.02 3.70
N ARG A 94 -30.09 -0.21 3.86
CA ARG A 94 -29.54 -0.94 4.99
C ARG A 94 -28.87 0.03 5.95
N LEU A 95 -29.16 -0.15 7.25
CA LEU A 95 -28.54 0.68 8.28
C LEU A 95 -27.02 0.57 8.24
N GLU A 96 -26.51 -0.58 7.81
CA GLU A 96 -25.07 -0.82 7.79
C GLU A 96 -24.36 -0.06 6.68
N ALA A 97 -25.07 0.74 5.89
CA ALA A 97 -24.42 1.53 4.85
C ALA A 97 -23.56 2.62 5.48
N SER A 98 -22.49 3.00 4.78
CA SER A 98 -21.53 3.94 5.36
C SER A 98 -22.14 5.32 5.54
N TRP A 99 -22.76 5.86 4.50
CA TRP A 99 -23.33 7.21 4.59
C TRP A 99 -24.38 7.31 5.68
N VAL A 100 -25.15 6.24 5.90
CA VAL A 100 -26.12 6.24 6.99
C VAL A 100 -25.40 6.40 8.33
N GLN A 101 -24.44 5.50 8.60
CA GLN A 101 -23.70 5.58 9.85
C GLN A 101 -22.84 6.85 9.92
N PHE A 102 -22.44 7.40 8.77
CA PHE A 102 -21.76 8.68 8.77
C PHE A 102 -22.68 9.80 9.22
N HIS A 103 -23.93 9.79 8.74
CA HIS A 103 -24.88 10.85 9.10
C HIS A 103 -25.27 10.76 10.57
N LEU A 104 -25.63 9.55 11.04
CA LEU A 104 -26.04 9.39 12.43
C LEU A 104 -24.90 9.56 13.40
N GLY A 105 -23.67 9.69 12.91
CA GLY A 105 -22.52 9.91 13.76
C GLY A 105 -22.08 11.35 13.85
N ILE A 106 -22.79 12.26 13.17
CA ILE A 106 -22.45 13.68 13.22
C ILE A 106 -22.98 14.24 14.54
N ASN A 107 -22.07 14.63 15.41
CA ASN A 107 -22.39 15.10 16.76
C ASN A 107 -21.90 16.54 16.93
N ARG A 108 -22.21 17.12 18.09
CA ARG A 108 -21.81 18.49 18.39
C ARG A 108 -20.30 18.67 18.37
N HIS A 109 -19.51 17.59 18.28
CA HIS A 109 -18.07 17.68 18.33
C HIS A 109 -17.41 17.65 16.95
N GLY A 110 -18.17 17.48 15.89
CA GLY A 110 -17.62 17.53 14.56
C GLY A 110 -18.41 16.66 13.60
N LEU A 111 -17.87 16.54 12.39
CA LEU A 111 -18.54 15.78 11.35
C LEU A 111 -18.33 14.27 11.56
N TYR A 112 -17.11 13.86 11.89
CA TYR A 112 -16.82 12.46 12.10
C TYR A 112 -16.16 12.28 13.47
N SER A 113 -15.96 11.02 13.83
CA SER A 113 -15.35 10.67 15.11
C SER A 113 -13.84 10.62 14.98
N ARG A 114 -13.16 10.76 16.11
CA ARG A 114 -11.71 10.66 16.11
C ARG A 114 -11.29 9.20 15.93
N SER A 115 -10.42 8.96 14.95
CA SER A 115 -10.02 7.60 14.57
C SER A 115 -11.24 6.70 14.42
N SER A 116 -12.12 7.09 13.50
CA SER A 116 -13.39 6.40 13.32
C SER A 116 -13.24 5.28 12.31
N PRO A 117 -13.71 4.06 12.62
CA PRO A 117 -13.67 2.99 11.63
C PRO A 117 -14.73 3.15 10.56
N VAL A 118 -15.78 3.94 10.82
CA VAL A 118 -16.81 4.19 9.82
C VAL A 118 -16.24 5.03 8.67
N VAL A 119 -15.47 6.06 9.01
CA VAL A 119 -14.91 6.94 7.99
C VAL A 119 -13.97 6.15 7.08
N SER A 120 -13.18 5.25 7.64
CA SER A 120 -12.32 4.40 6.82
C SER A 120 -13.14 3.60 5.82
N LYS A 121 -14.23 2.98 6.28
CA LYS A 121 -15.13 2.27 5.38
C LYS A 121 -15.81 3.23 4.42
N LEU A 122 -16.17 4.43 4.91
CA LEU A 122 -16.81 5.41 4.05
C LEU A 122 -15.92 5.76 2.86
N LEU A 123 -14.67 6.14 3.13
CA LEU A 123 -13.76 6.50 2.05
C LEU A 123 -13.55 5.34 1.08
N GLN A 124 -13.40 4.12 1.60
CA GLN A 124 -13.22 2.97 0.72
C GLN A 124 -14.46 2.69 -0.10
N ASP A 125 -15.64 3.01 0.43
CA ASP A 125 -16.87 2.77 -0.33
C ASP A 125 -16.98 3.73 -1.50
N MET A 126 -16.70 5.00 -1.29
CA MET A 126 -16.78 5.98 -2.38
C MET A 126 -15.78 5.70 -3.48
N ARG A 127 -14.72 4.94 -3.18
CA ARG A 127 -13.69 4.66 -4.17
C ARG A 127 -14.04 3.46 -5.05
N HIS A 128 -14.84 2.53 -4.55
CA HIS A 128 -15.05 1.25 -5.21
C HIS A 128 -16.49 0.99 -5.62
N PHE A 129 -17.47 1.44 -4.85
CA PHE A 129 -18.87 1.15 -5.16
C PHE A 129 -19.23 1.68 -6.54
N PRO A 130 -20.10 0.99 -7.27
CA PRO A 130 -20.52 1.47 -8.58
C PRO A 130 -21.51 2.62 -8.44
N THR A 131 -21.58 3.43 -9.50
CA THR A 131 -22.50 4.55 -9.54
C THR A 131 -23.81 4.14 -10.20
N ILE A 132 -24.91 4.70 -9.71
CA ILE A 132 -26.24 4.40 -10.24
C ILE A 132 -26.97 5.63 -10.74
N SER A 133 -26.41 6.82 -10.56
CA SER A 133 -27.05 8.05 -11.02
C SER A 133 -26.02 9.17 -10.96
N ALA A 134 -26.23 10.16 -11.82
CA ALA A 134 -25.41 11.37 -11.84
C ALA A 134 -26.28 12.51 -12.35
N ASP A 135 -26.28 13.63 -11.65
CA ASP A 135 -27.08 14.78 -12.04
C ASP A 135 -26.19 16.01 -12.10
N TYR A 136 -26.80 17.18 -12.03
CA TYR A 136 -26.08 18.43 -12.13
C TYR A 136 -25.96 19.14 -10.79
N SER A 137 -26.54 18.56 -9.72
CA SER A 137 -26.68 19.18 -8.40
C SER A 137 -27.61 20.37 -8.46
N GLN A 138 -28.14 20.78 -7.31
CA GLN A 138 -28.78 22.07 -7.25
C GLN A 138 -27.67 23.12 -7.24
N ASP A 139 -27.96 24.34 -6.82
CA ASP A 139 -26.98 25.43 -6.81
C ASP A 139 -26.60 25.79 -8.25
N GLU A 140 -26.39 24.79 -9.11
CA GLU A 140 -26.74 24.91 -10.51
C GLU A 140 -28.21 24.51 -10.63
N LYS A 141 -28.70 24.22 -11.83
CA LYS A 141 -30.06 23.73 -12.02
C LYS A 141 -31.05 24.78 -11.54
N ALA A 142 -30.82 25.33 -10.35
CA ALA A 142 -31.57 26.45 -9.80
C ALA A 142 -31.13 27.78 -10.39
N LEU A 143 -30.09 27.77 -11.24
CA LEU A 143 -29.74 28.97 -11.99
C LEU A 143 -30.72 29.26 -13.10
N LEU A 144 -31.44 28.23 -13.58
CA LEU A 144 -32.49 28.33 -14.56
C LEU A 144 -31.94 28.67 -15.94
N GLY A 145 -31.29 29.83 -16.04
CA GLY A 145 -30.72 30.24 -17.30
C GLY A 145 -29.41 29.52 -17.48
N ALA A 146 -28.27 30.18 -17.23
CA ALA A 146 -28.17 31.59 -16.88
C ALA A 146 -26.70 31.94 -17.07
N CYS A 147 -26.32 32.20 -18.30
CA CYS A 147 -24.94 32.52 -18.65
C CYS A 147 -24.86 34.01 -18.99
N ASP A 148 -24.10 34.75 -18.21
CA ASP A 148 -23.83 36.16 -18.46
C ASP A 148 -22.33 36.28 -18.72
N CYS A 149 -21.92 36.09 -19.97
CA CYS A 149 -20.51 36.14 -20.33
C CYS A 149 -19.85 37.46 -19.97
N THR A 150 -20.63 38.45 -19.53
CA THR A 150 -20.11 39.71 -19.00
C THR A 150 -19.77 39.61 -17.52
N GLN A 151 -20.54 38.82 -16.78
CA GLN A 151 -20.28 38.62 -15.35
C GLN A 151 -18.88 38.07 -15.15
N ILE A 152 -18.08 38.76 -14.34
CA ILE A 152 -16.72 38.32 -14.11
C ILE A 152 -16.67 37.26 -13.01
N VAL A 153 -17.49 37.43 -11.97
CA VAL A 153 -17.58 36.45 -10.90
C VAL A 153 -18.97 35.84 -10.95
N LYS A 154 -19.23 35.04 -11.97
CA LYS A 154 -20.51 34.33 -12.07
C LYS A 154 -20.69 33.39 -10.88
N PRO A 155 -21.93 33.12 -10.49
CA PRO A 155 -22.16 32.42 -9.22
C PRO A 155 -21.53 31.04 -9.21
N SER A 156 -21.38 30.49 -8.00
CA SER A 156 -20.68 29.22 -7.83
C SER A 156 -21.52 28.05 -8.31
N GLY A 157 -22.43 28.30 -9.25
CA GLY A 157 -23.25 27.23 -9.78
C GLY A 157 -22.98 26.98 -11.25
N VAL A 158 -22.04 27.72 -11.84
CA VAL A 158 -21.67 27.49 -13.22
C VAL A 158 -20.29 26.84 -13.26
N HIS A 159 -20.08 25.83 -12.42
CA HIS A 159 -18.79 25.18 -12.34
C HIS A 159 -18.96 23.69 -12.59
N LEU A 160 -17.90 23.05 -13.06
CA LEU A 160 -17.95 21.64 -13.41
C LEU A 160 -17.93 20.82 -12.13
N LYS A 161 -19.10 20.31 -11.75
CA LYS A 161 -19.23 19.38 -10.63
C LYS A 161 -20.56 18.67 -10.79
N LEU A 162 -20.59 17.40 -10.44
CA LEU A 162 -21.79 16.60 -10.49
C LEU A 162 -21.98 15.95 -9.13
N VAL A 163 -23.13 15.32 -8.94
CA VAL A 163 -23.40 14.52 -7.75
C VAL A 163 -23.67 13.10 -8.21
N LEU A 164 -22.93 12.16 -7.63
CA LEU A 164 -23.06 10.75 -7.96
C LEU A 164 -23.81 10.02 -6.84
N ARG A 165 -24.44 8.91 -7.21
CA ARG A 165 -25.17 8.07 -6.27
C ARG A 165 -24.66 6.64 -6.39
N PHE A 166 -24.36 6.03 -5.26
CA PHE A 166 -23.79 4.69 -5.25
C PHE A 166 -24.85 3.65 -4.91
N SER A 167 -24.47 2.39 -5.07
CA SER A 167 -25.40 1.28 -4.88
C SER A 167 -25.94 1.22 -3.46
N ASP A 168 -25.24 1.78 -2.47
CA ASP A 168 -25.75 1.83 -1.11
C ASP A 168 -26.59 3.07 -0.85
N PHE A 169 -26.96 3.81 -1.90
CA PHE A 169 -27.84 4.96 -1.93
C PHE A 169 -27.11 6.26 -1.58
N GLY A 170 -25.90 6.18 -1.03
CA GLY A 170 -25.16 7.37 -0.67
C GLY A 170 -24.81 8.24 -1.86
N LYS A 171 -24.51 9.50 -1.56
CA LYS A 171 -24.16 10.49 -2.57
C LYS A 171 -22.79 11.10 -2.27
N ALA A 172 -22.28 11.86 -3.24
CA ALA A 172 -20.96 12.45 -3.16
C ALA A 172 -20.83 13.51 -4.24
N MET A 173 -20.18 14.63 -3.89
CA MET A 173 -19.98 15.73 -4.83
C MET A 173 -18.69 15.47 -5.61
N PHE A 174 -18.83 15.21 -6.91
CA PHE A 174 -17.70 14.87 -7.77
C PHE A 174 -17.10 16.13 -8.39
N LYS A 175 -15.83 16.39 -8.09
CA LYS A 175 -15.08 17.46 -8.73
C LYS A 175 -13.99 16.85 -9.62
N PRO A 176 -14.07 17.00 -10.93
CA PRO A 176 -13.08 16.35 -11.81
C PRO A 176 -11.74 17.07 -11.78
N MET A 177 -10.73 16.39 -12.31
CA MET A 177 -9.41 17.00 -12.42
C MET A 177 -9.45 18.17 -13.39
N ARG A 178 -8.76 19.25 -13.03
CA ARG A 178 -8.74 20.45 -13.84
C ARG A 178 -7.34 20.98 -14.09
N GLN A 179 -6.31 20.38 -13.50
CA GLN A 179 -4.95 20.87 -13.61
C GLN A 179 -3.99 19.75 -13.26
N GLN A 180 -2.78 19.83 -13.82
CA GLN A 180 -1.75 18.87 -13.49
C GLN A 180 -1.24 19.10 -12.07
N ARG A 181 -0.44 18.14 -11.59
CA ARG A 181 0.07 18.22 -10.22
C ARG A 181 1.10 19.34 -10.09
N ASP A 182 2.05 19.39 -11.01
CA ASP A 182 3.10 20.41 -10.96
C ASP A 182 2.66 21.72 -11.61
N GLU A 183 1.37 22.03 -11.53
CA GLU A 183 0.83 23.25 -12.11
C GLU A 183 0.30 24.14 -11.01
N GLU A 184 0.60 25.44 -11.11
CA GLU A 184 0.10 26.44 -10.17
C GLU A 184 -0.89 27.35 -10.85
N THR A 185 -1.73 28.00 -10.06
CA THR A 185 -2.51 29.11 -10.57
C THR A 185 -1.54 30.13 -11.13
N PRO A 186 -1.57 30.42 -12.43
CA PRO A 186 -0.59 31.35 -12.98
C PRO A 186 -0.71 32.70 -12.32
N VAL A 187 0.43 33.38 -12.13
CA VAL A 187 0.38 34.76 -11.65
C VAL A 187 -0.50 35.56 -12.61
N ASP A 188 -1.13 36.61 -12.08
CA ASP A 188 -2.15 37.44 -12.74
C ASP A 188 -3.53 36.80 -12.70
N PHE A 189 -3.72 35.77 -11.88
CA PHE A 189 -5.01 35.11 -11.72
C PHE A 189 -5.58 35.48 -10.36
N PHE A 190 -6.68 36.24 -10.36
CA PHE A 190 -7.34 36.53 -9.11
C PHE A 190 -7.95 35.25 -8.53
N TYR A 191 -8.39 35.35 -7.28
CA TYR A 191 -8.98 34.20 -6.60
C TYR A 191 -10.25 33.74 -7.30
N PHE A 192 -11.07 34.68 -7.77
CA PHE A 192 -12.38 34.31 -8.28
C PHE A 192 -12.33 33.56 -9.62
N ILE A 193 -11.19 33.55 -10.30
CA ILE A 193 -11.04 32.77 -11.53
C ILE A 193 -10.06 31.63 -11.38
N ASP A 194 -9.52 31.41 -10.18
CA ASP A 194 -8.66 30.27 -9.90
C ASP A 194 -9.41 28.98 -10.22
N PHE A 195 -8.66 27.90 -10.40
CA PHE A 195 -9.25 26.64 -10.84
C PHE A 195 -10.00 25.91 -9.74
N GLN A 196 -10.25 24.61 -9.93
CA GLN A 196 -11.08 23.80 -9.04
C GLN A 196 -10.40 22.43 -8.91
N ARG A 197 -9.33 22.37 -8.13
CA ARG A 197 -8.53 21.15 -8.07
C ARG A 197 -9.23 20.07 -7.26
N HIS A 198 -9.31 18.88 -7.85
CA HIS A 198 -9.82 17.72 -7.12
C HIS A 198 -8.86 17.30 -6.02
N ASN A 199 -7.56 17.33 -6.31
CA ASN A 199 -6.56 16.86 -5.35
C ASN A 199 -6.52 17.71 -4.10
N ALA A 200 -6.96 18.97 -4.18
CA ALA A 200 -6.95 19.80 -2.99
C ALA A 200 -8.17 19.57 -2.13
N GLU A 201 -9.30 19.17 -2.74
CA GLU A 201 -10.44 18.72 -1.95
C GLU A 201 -10.05 17.52 -1.09
N ILE A 202 -9.26 16.60 -1.64
CA ILE A 202 -8.80 15.45 -0.86
C ILE A 202 -7.81 15.89 0.20
N ALA A 203 -6.79 16.65 -0.22
CA ALA A 203 -5.74 17.06 0.72
C ALA A 203 -6.28 17.90 1.85
N ALA A 204 -7.30 18.72 1.59
CA ALA A 204 -7.92 19.50 2.66
C ALA A 204 -8.57 18.61 3.69
N PHE A 205 -9.11 17.46 3.27
CA PHE A 205 -9.69 16.54 4.24
C PHE A 205 -8.62 15.90 5.10
N HIS A 206 -7.55 15.42 4.49
CA HIS A 206 -6.48 14.82 5.27
C HIS A 206 -5.88 15.82 6.25
N LEU A 207 -5.73 17.08 5.82
CA LEU A 207 -5.31 18.13 6.76
C LEU A 207 -6.34 18.32 7.86
N ASP A 208 -7.63 18.22 7.53
CA ASP A 208 -8.67 18.35 8.53
C ASP A 208 -8.53 17.29 9.62
N ARG A 209 -8.36 16.04 9.22
CA ARG A 209 -8.26 14.96 10.19
C ARG A 209 -6.98 15.05 11.02
N ILE A 210 -5.88 15.49 10.40
CA ILE A 210 -4.61 15.60 11.12
C ILE A 210 -4.69 16.70 12.18
N LEU A 211 -5.36 17.80 11.87
CA LEU A 211 -5.52 18.88 12.83
C LEU A 211 -6.53 18.56 13.93
N ASP A 212 -7.23 17.44 13.82
CA ASP A 212 -8.38 17.13 14.67
C ASP A 212 -9.37 18.30 14.72
N PHE A 213 -9.46 19.04 13.62
CA PHE A 213 -10.56 19.98 13.47
C PHE A 213 -11.85 19.21 13.21
N ARG A 214 -11.78 18.17 12.39
CA ARG A 214 -12.89 17.24 12.16
C ARG A 214 -14.12 17.98 11.63
N ARG A 215 -13.93 18.67 10.49
CA ARG A 215 -14.94 19.60 10.00
C ARG A 215 -15.25 19.50 8.52
N VAL A 216 -14.33 19.07 7.65
CA VAL A 216 -14.66 18.92 6.24
C VAL A 216 -15.13 17.48 6.03
N PRO A 217 -16.05 17.22 5.10
CA PRO A 217 -16.53 15.86 4.93
C PRO A 217 -15.44 14.96 4.37
N PRO A 218 -15.48 13.66 4.68
CA PRO A 218 -14.48 12.74 4.13
C PRO A 218 -14.48 12.76 2.61
N THR A 219 -13.29 12.76 2.03
CA THR A 219 -13.12 12.91 0.59
C THR A 219 -12.07 11.93 0.09
N VAL A 220 -12.40 11.22 -0.99
CA VAL A 220 -11.49 10.24 -1.59
C VAL A 220 -11.20 10.68 -3.02
N GLY A 221 -10.10 10.14 -3.54
CA GLY A 221 -9.80 10.24 -4.96
C GLY A 221 -10.23 8.96 -5.64
N ARG A 222 -10.71 9.08 -6.87
CA ARG A 222 -11.19 7.93 -7.62
C ARG A 222 -11.05 8.19 -9.10
N ILE A 223 -10.75 7.13 -9.85
CA ILE A 223 -10.69 7.19 -11.30
C ILE A 223 -12.05 6.75 -11.84
N VAL A 224 -12.67 7.62 -12.62
CA VAL A 224 -14.07 7.45 -13.04
C VAL A 224 -14.12 7.23 -14.55
N ASN A 225 -14.76 6.15 -14.96
CA ASN A 225 -15.08 5.92 -16.38
C ASN A 225 -16.24 6.85 -16.69
N VAL A 226 -15.93 8.01 -17.29
CA VAL A 226 -16.94 9.04 -17.50
C VAL A 226 -18.10 8.55 -18.35
N THR A 227 -17.90 7.50 -19.16
CA THR A 227 -19.00 6.96 -19.95
C THR A 227 -19.86 6.01 -19.12
N LYS A 228 -19.24 4.96 -18.57
CA LYS A 228 -20.01 3.95 -17.87
C LYS A 228 -20.55 4.45 -16.54
N GLU A 229 -19.87 5.39 -15.90
CA GLU A 229 -20.22 5.80 -14.55
C GLU A 229 -20.86 7.17 -14.45
N ILE A 230 -20.89 7.95 -15.53
CA ILE A 230 -21.57 9.24 -15.48
C ILE A 230 -22.63 9.30 -16.58
N LEU A 231 -22.19 9.25 -17.83
CA LEU A 231 -23.10 9.46 -18.96
C LEU A 231 -24.16 8.36 -19.04
N GLU A 232 -23.74 7.10 -18.92
CA GLU A 232 -24.67 5.99 -19.09
C GLU A 232 -25.61 5.81 -17.91
N VAL A 233 -25.49 6.60 -16.85
CA VAL A 233 -26.34 6.47 -15.69
C VAL A 233 -27.20 7.71 -15.43
N THR A 234 -26.95 8.81 -16.12
CA THR A 234 -27.70 10.03 -15.87
C THR A 234 -29.04 9.99 -16.59
N LYS A 235 -30.07 10.48 -15.90
CA LYS A 235 -31.39 10.64 -16.50
C LYS A 235 -31.60 12.04 -17.03
N ASN A 236 -30.61 12.91 -16.90
CA ASN A 236 -30.72 14.32 -17.28
C ASN A 236 -30.43 14.46 -18.76
N GLU A 237 -31.42 14.91 -19.53
CA GLU A 237 -31.24 15.03 -20.98
C GLU A 237 -30.17 16.06 -21.32
N ILE A 238 -29.97 17.07 -20.47
CA ILE A 238 -28.94 18.05 -20.73
C ILE A 238 -27.56 17.46 -20.48
N LEU A 239 -27.41 16.70 -19.39
CA LEU A 239 -26.11 16.11 -19.07
C LEU A 239 -25.66 15.17 -20.17
N GLN A 240 -26.60 14.45 -20.80
CA GLN A 240 -26.22 13.62 -21.94
C GLN A 240 -25.79 14.47 -23.12
N SER A 241 -26.31 15.70 -23.22
CA SER A 241 -26.03 16.56 -24.36
C SER A 241 -24.66 17.24 -24.30
N VAL A 242 -24.00 17.22 -23.14
CA VAL A 242 -22.70 17.87 -23.02
C VAL A 242 -21.54 16.89 -23.16
N PHE A 243 -21.82 15.62 -23.48
CA PHE A 243 -20.79 14.63 -23.76
C PHE A 243 -20.55 14.57 -25.26
N PHE A 244 -19.29 14.71 -25.67
CA PHE A 244 -18.93 14.65 -27.08
C PHE A 244 -17.64 13.86 -27.22
N VAL A 245 -17.10 13.82 -28.43
CA VAL A 245 -15.88 13.08 -28.74
C VAL A 245 -14.91 14.03 -29.43
N SER A 246 -13.65 13.98 -29.01
CA SER A 246 -12.64 14.90 -29.49
C SER A 246 -12.05 14.41 -30.81
N PRO A 247 -11.33 15.29 -31.52
CA PRO A 247 -10.56 14.80 -32.68
C PRO A 247 -9.56 13.72 -32.33
N ALA A 248 -9.17 13.60 -31.07
CA ALA A 248 -8.33 12.52 -30.60
C ALA A 248 -9.14 11.31 -30.15
N SER A 249 -10.47 11.38 -30.25
CA SER A 249 -11.37 10.28 -29.90
C SER A 249 -11.36 10.02 -28.40
N ASN A 250 -11.60 11.07 -27.62
CA ASN A 250 -11.73 10.97 -26.17
C ASN A 250 -13.12 11.44 -25.76
N VAL A 251 -13.75 10.70 -24.85
CA VAL A 251 -15.06 11.09 -24.35
C VAL A 251 -14.88 12.27 -23.41
N CYS A 252 -15.44 13.42 -23.79
CA CYS A 252 -15.32 14.64 -23.02
C CYS A 252 -16.69 15.11 -22.55
N PHE A 253 -16.68 15.98 -21.55
CA PHE A 253 -17.89 16.71 -21.16
C PHE A 253 -17.45 18.05 -20.60
N PHE A 254 -18.43 18.91 -20.33
CA PHE A 254 -18.13 20.29 -19.99
C PHE A 254 -19.29 20.89 -19.21
N ALA A 255 -18.98 21.93 -18.46
CA ALA A 255 -20.01 22.73 -17.81
C ALA A 255 -20.66 23.61 -18.86
N LYS A 256 -21.99 23.55 -18.95
CA LYS A 256 -22.69 24.16 -20.09
C LYS A 256 -22.40 25.66 -20.20
N CYS A 257 -22.39 26.37 -19.06
CA CYS A 257 -22.22 27.82 -19.11
C CYS A 257 -20.77 28.22 -19.43
N PRO A 258 -19.75 27.77 -18.70
CA PRO A 258 -18.39 28.24 -19.01
C PRO A 258 -17.94 27.93 -20.43
N TYR A 259 -18.33 26.78 -20.98
CA TYR A 259 -17.95 26.46 -22.35
C TYR A 259 -18.54 27.49 -23.32
N MET A 260 -19.80 27.90 -23.10
CA MET A 260 -20.40 28.88 -24.00
C MET A 260 -19.67 30.21 -23.95
N CYS A 261 -19.28 30.65 -22.76
CA CYS A 261 -18.52 31.89 -22.60
C CYS A 261 -17.05 31.72 -22.92
N LYS A 262 -16.59 30.50 -23.24
CA LYS A 262 -15.20 30.23 -23.57
C LYS A 262 -14.26 30.65 -22.44
N THR A 263 -14.72 30.50 -21.19
CA THR A 263 -13.88 30.80 -20.04
C THR A 263 -13.11 29.59 -19.53
N GLU A 264 -13.62 28.38 -19.77
CA GLU A 264 -12.89 27.16 -19.48
C GLU A 264 -13.05 26.22 -20.68
N TYR A 265 -12.43 25.04 -20.60
CA TYR A 265 -12.44 24.07 -21.68
C TYR A 265 -13.38 22.92 -21.31
N ALA A 266 -13.09 21.73 -21.81
CA ALA A 266 -13.77 20.52 -21.41
C ALA A 266 -12.86 19.72 -20.50
N VAL A 267 -13.35 18.58 -20.04
CA VAL A 267 -12.59 17.67 -19.19
C VAL A 267 -12.72 16.29 -19.82
N CYS A 268 -11.75 15.93 -20.66
CA CYS A 268 -11.78 14.69 -21.40
C CYS A 268 -11.14 13.55 -20.62
N GLY A 269 -11.69 12.36 -20.79
CA GLY A 269 -11.01 11.15 -20.39
C GLY A 269 -9.86 10.84 -21.32
N LYS A 270 -9.14 9.76 -20.99
CA LYS A 270 -8.00 9.30 -21.78
C LYS A 270 -8.16 7.81 -22.08
N PRO A 271 -9.15 7.43 -22.90
CA PRO A 271 -10.21 8.24 -23.51
C PRO A 271 -11.46 8.32 -22.63
N HIS A 272 -11.66 7.31 -21.80
CA HIS A 272 -12.78 7.27 -20.85
C HIS A 272 -12.35 7.53 -19.41
N LEU A 273 -11.12 7.19 -19.05
CA LEU A 273 -10.69 7.26 -17.66
C LEU A 273 -10.42 8.71 -17.28
N LEU A 274 -11.06 9.16 -16.22
CA LEU A 274 -10.85 10.49 -15.68
C LEU A 274 -10.83 10.39 -14.17
N GLU A 275 -9.90 11.10 -13.54
CA GLU A 275 -9.77 11.08 -12.09
C GLU A 275 -10.42 12.33 -11.50
N GLY A 276 -11.02 12.17 -10.33
CA GLY A 276 -11.66 13.27 -9.63
C GLY A 276 -11.69 12.99 -8.15
N SER A 277 -12.34 13.90 -7.42
CA SER A 277 -12.42 13.83 -5.97
C SER A 277 -13.88 13.75 -5.56
N LEU A 278 -14.25 12.67 -4.87
CA LEU A 278 -15.60 12.53 -4.34
C LEU A 278 -15.64 12.99 -2.89
N SER A 279 -16.56 13.89 -2.59
CA SER A 279 -16.75 14.45 -1.25
C SER A 279 -18.10 13.97 -0.74
N ALA A 280 -18.07 13.25 0.39
CA ALA A 280 -19.28 12.64 0.92
C ALA A 280 -20.33 13.70 1.22
N PHE A 281 -21.59 13.30 1.06
CA PHE A 281 -22.70 14.23 1.22
C PHE A 281 -23.03 14.42 2.69
N LEU A 282 -23.32 15.65 3.07
CA LEU A 282 -23.88 15.95 4.37
C LEU A 282 -25.31 15.43 4.42
N PRO A 283 -25.91 15.34 5.61
CA PRO A 283 -27.32 14.93 5.69
C PRO A 283 -28.22 15.88 4.92
N SER A 284 -29.37 15.35 4.51
CA SER A 284 -30.33 16.13 3.72
C SER A 284 -30.85 17.33 4.49
N LEU A 285 -31.00 18.46 3.79
CA LEU A 285 -31.44 19.68 4.46
C LEU A 285 -32.86 19.56 5.01
N ASN A 286 -33.58 18.49 4.68
CA ASN A 286 -34.85 18.22 5.33
C ASN A 286 -34.67 17.58 6.70
N LEU A 287 -33.48 17.04 6.99
CA LEU A 287 -33.16 16.50 8.30
C LEU A 287 -32.22 17.38 9.10
N ALA A 288 -31.38 18.17 8.44
CA ALA A 288 -30.38 18.98 9.12
C ALA A 288 -30.20 20.28 8.35
N PRO A 289 -31.05 21.27 8.62
CA PRO A 289 -30.92 22.54 7.92
C PRO A 289 -29.57 23.18 8.21
N ARG A 290 -29.12 24.02 7.26
CA ARG A 290 -27.84 24.69 7.37
C ARG A 290 -28.03 26.17 7.11
N LEU A 291 -26.99 26.95 7.44
CA LEU A 291 -27.10 28.41 7.48
C LEU A 291 -25.86 28.98 6.80
N SER A 292 -26.00 29.35 5.53
CA SER A 292 -24.90 29.99 4.81
C SER A 292 -24.69 31.40 5.35
N VAL A 293 -23.61 31.59 6.08
CA VAL A 293 -23.30 32.85 6.78
C VAL A 293 -22.18 33.55 6.03
N PRO A 294 -22.29 34.84 5.73
CA PRO A 294 -21.17 35.55 5.10
C PRO A 294 -20.02 35.73 6.09
N ASN A 295 -18.83 35.39 5.64
CA ASN A 295 -17.62 35.62 6.41
C ASN A 295 -17.51 37.11 6.76
N PRO A 296 -16.93 37.46 7.90
CA PRO A 296 -16.64 38.88 8.17
C PRO A 296 -15.45 39.41 7.39
N TRP A 297 -14.65 38.54 6.79
CA TRP A 297 -13.47 38.90 6.03
C TRP A 297 -13.63 38.53 4.56
N ILE A 298 -14.83 38.79 3.99
CA ILE A 298 -15.03 38.53 2.56
C ILE A 298 -14.06 39.38 1.74
N ARG A 299 -13.80 38.93 0.53
CA ARG A 299 -13.09 39.73 -0.45
C ARG A 299 -14.07 40.57 -1.26
N SER A 300 -13.54 41.60 -1.91
CA SER A 300 -14.37 42.43 -2.78
C SER A 300 -14.98 41.61 -3.91
N TYR A 301 -14.19 40.73 -4.52
CA TYR A 301 -14.56 40.00 -5.74
C TYR A 301 -14.74 40.96 -6.91
N THR A 302 -13.75 41.84 -7.09
CA THR A 302 -13.66 42.76 -8.21
C THR A 302 -12.20 42.88 -8.63
N LEU A 303 -11.99 43.39 -9.85
CA LEU A 303 -10.63 43.60 -10.33
C LEU A 303 -9.91 44.69 -9.55
N ALA A 304 -10.62 45.47 -8.75
CA ALA A 304 -10.01 46.49 -7.92
C ALA A 304 -10.93 46.75 -6.73
N GLY A 305 -10.45 47.55 -5.79
CA GLY A 305 -11.21 47.85 -4.60
C GLY A 305 -11.00 46.83 -3.49
N LYS A 306 -10.71 47.31 -2.29
CA LYS A 306 -10.43 46.46 -1.14
C LYS A 306 -11.52 46.63 -0.09
N GLU A 307 -11.79 45.56 0.64
CA GLU A 307 -12.76 45.62 1.73
C GLU A 307 -12.16 46.33 2.94
N GLU A 308 -13.00 46.50 3.97
CA GLU A 308 -12.59 47.26 5.14
C GLU A 308 -11.39 46.62 5.83
N TRP A 309 -11.49 45.31 6.12
CA TRP A 309 -10.41 44.61 6.80
C TRP A 309 -9.11 44.67 6.01
N GLU A 310 -9.20 44.76 4.68
CA GLU A 310 -8.02 44.85 3.85
C GLU A 310 -7.22 46.12 4.10
N VAL A 311 -7.79 47.10 4.82
CA VAL A 311 -7.11 48.38 5.03
C VAL A 311 -7.04 48.79 6.50
N ASN A 312 -7.91 48.32 7.38
CA ASN A 312 -7.96 48.79 8.77
C ASN A 312 -7.40 47.73 9.71
N PRO A 313 -6.19 47.90 10.24
CA PRO A 313 -5.64 46.91 11.19
C PRO A 313 -6.47 46.74 12.45
N LEU A 314 -7.45 47.61 12.71
CA LEU A 314 -8.33 47.52 13.85
C LEU A 314 -9.71 46.97 13.48
N TYR A 315 -9.80 46.24 12.37
CA TYR A 315 -11.09 45.75 11.88
C TYR A 315 -11.74 44.82 12.91
N CYS A 316 -10.95 43.98 13.56
CA CYS A 316 -11.54 43.03 14.50
C CYS A 316 -12.06 43.70 15.76
N ASP A 317 -11.54 44.89 16.10
CA ASP A 317 -12.15 45.66 17.18
C ASP A 317 -13.62 45.94 16.88
N THR A 318 -13.98 46.08 15.61
CA THR A 318 -15.37 46.25 15.22
C THR A 318 -16.13 44.93 15.25
N VAL A 319 -15.51 43.86 14.73
CA VAL A 319 -16.19 42.58 14.61
C VAL A 319 -16.58 42.04 15.99
N LYS A 320 -15.70 42.21 16.98
CA LYS A 320 -15.97 41.70 18.31
C LYS A 320 -17.22 42.30 18.95
N GLN A 321 -17.72 43.41 18.41
CA GLN A 321 -18.88 44.10 18.95
C GLN A 321 -20.12 43.98 18.08
N ILE A 322 -20.15 42.99 17.19
CA ILE A 322 -21.30 42.73 16.32
C ILE A 322 -21.84 41.34 16.64
N TYR A 323 -23.14 41.26 16.89
CA TYR A 323 -23.78 39.98 17.12
C TYR A 323 -23.68 39.12 15.85
N PRO A 324 -23.43 37.81 15.98
CA PRO A 324 -23.20 37.07 17.22
C PRO A 324 -21.73 36.84 17.56
N TYR A 325 -20.86 37.73 17.09
CA TYR A 325 -19.44 37.64 17.42
C TYR A 325 -19.13 38.24 18.79
N ASN A 326 -20.17 38.64 19.53
CA ASN A 326 -19.99 39.19 20.87
C ASN A 326 -19.76 38.10 21.92
N ASN A 327 -20.28 36.89 21.68
CA ASN A 327 -20.12 35.79 22.64
C ASN A 327 -18.68 35.32 22.75
N SER A 328 -17.77 35.83 21.92
CA SER A 328 -16.35 35.48 21.92
C SER A 328 -16.11 33.99 21.74
N GLN A 329 -17.11 33.25 21.26
CA GLN A 329 -16.97 31.83 20.97
C GLN A 329 -17.20 31.49 19.50
N ARG A 330 -18.01 32.27 18.78
CA ARG A 330 -18.12 32.08 17.35
C ARG A 330 -16.89 32.62 16.62
N LEU A 331 -16.34 33.73 17.11
CA LEU A 331 -15.17 34.32 16.48
C LEU A 331 -13.98 33.37 16.51
N LEU A 332 -13.90 32.52 17.53
CA LEU A 332 -12.79 31.57 17.62
C LEU A 332 -12.90 30.51 16.54
N ASN A 333 -14.11 30.02 16.28
CA ASN A 333 -14.29 29.04 15.21
C ASN A 333 -13.87 29.61 13.87
N VAL A 334 -14.11 30.89 13.63
CA VAL A 334 -13.67 31.52 12.39
C VAL A 334 -12.14 31.57 12.35
N ILE A 335 -11.51 31.78 13.51
CA ILE A 335 -10.04 31.77 13.57
C ILE A 335 -9.49 30.44 13.11
N ASP A 336 -10.05 29.33 13.62
CA ASP A 336 -9.65 28.01 13.14
C ASP A 336 -9.79 27.91 11.63
N MET A 337 -10.91 28.42 11.09
CA MET A 337 -11.12 28.38 9.66
C MET A 337 -10.05 29.19 8.92
N ALA A 338 -9.69 30.35 9.46
CA ALA A 338 -8.64 31.16 8.84
C ALA A 338 -7.32 30.41 8.82
N ILE A 339 -6.99 29.72 9.92
CA ILE A 339 -5.78 28.91 9.97
C ILE A 339 -5.83 27.81 8.92
N PHE A 340 -6.93 27.04 8.91
CA PHE A 340 -7.07 25.95 7.95
C PHE A 340 -7.01 26.45 6.51
N ASP A 341 -7.59 27.63 6.24
CA ASP A 341 -7.54 28.18 4.89
C ASP A 341 -6.15 28.68 4.55
N PHE A 342 -5.44 29.28 5.51
CA PHE A 342 -4.10 29.76 5.24
C PHE A 342 -3.14 28.62 4.95
N LEU A 343 -3.27 27.51 5.68
CA LEU A 343 -2.41 26.36 5.42
C LEU A 343 -2.57 25.86 3.99
N ILE A 344 -3.80 25.88 3.46
CA ILE A 344 -4.04 25.41 2.10
C ILE A 344 -4.05 26.54 1.08
N GLY A 345 -4.06 27.80 1.52
CA GLY A 345 -4.10 28.92 0.61
C GLY A 345 -5.44 29.05 -0.08
N ASN A 346 -6.52 29.05 0.71
CA ASN A 346 -7.88 29.11 0.20
C ASN A 346 -8.41 30.52 0.43
N MET A 347 -8.16 31.41 -0.53
CA MET A 347 -8.65 32.77 -0.39
C MET A 347 -10.17 32.84 -0.49
N ASP A 348 -10.78 31.93 -1.26
CA ASP A 348 -12.20 32.01 -1.61
C ASP A 348 -13.07 31.32 -0.55
N ARG A 349 -13.13 31.95 0.62
CA ARG A 349 -14.04 31.54 1.70
C ARG A 349 -14.99 32.69 2.00
N HIS A 350 -15.84 33.02 1.04
CA HIS A 350 -16.81 34.08 1.25
C HIS A 350 -17.84 33.70 2.31
N HIS A 351 -18.24 32.44 2.35
CA HIS A 351 -19.28 31.98 3.26
C HIS A 351 -18.87 30.69 3.94
N TYR A 352 -19.22 30.57 5.22
CA TYR A 352 -19.10 29.33 5.97
C TYR A 352 -20.49 28.87 6.38
N GLU A 353 -20.76 27.57 6.21
CA GLU A 353 -22.06 27.02 6.56
C GLU A 353 -22.03 26.49 7.99
N MET A 354 -23.19 26.45 8.62
CA MET A 354 -23.31 25.98 9.98
C MET A 354 -24.56 25.12 10.10
N PHE A 355 -24.55 24.20 11.06
CA PHE A 355 -25.73 23.42 11.39
C PHE A 355 -26.55 24.19 12.43
N THR A 356 -27.82 24.44 12.11
CA THR A 356 -28.63 25.29 12.98
C THR A 356 -28.89 24.63 14.34
N LYS A 357 -28.84 23.30 14.40
CA LYS A 357 -29.14 22.63 15.67
C LYS A 357 -28.10 22.96 16.75
N PHE A 358 -26.88 23.28 16.35
CA PHE A 358 -25.78 23.43 17.32
C PHE A 358 -25.62 24.86 17.83
N GLY A 359 -26.19 25.85 17.16
CA GLY A 359 -26.22 27.19 17.70
C GLY A 359 -25.01 28.02 17.32
N ASP A 360 -24.97 29.23 17.88
CA ASP A 360 -23.92 30.20 17.56
C ASP A 360 -22.53 29.63 17.84
N ASP A 361 -22.41 28.72 18.80
CA ASP A 361 -21.13 28.13 19.16
C ASP A 361 -20.82 26.87 18.38
N GLY A 362 -21.73 26.42 17.52
CA GLY A 362 -21.47 25.23 16.73
C GLY A 362 -20.26 25.39 15.83
N PHE A 363 -19.70 24.24 15.45
CA PHE A 363 -18.55 24.23 14.56
C PHE A 363 -18.94 24.64 13.16
N LEU A 364 -17.95 25.09 12.39
CA LEU A 364 -18.17 25.51 11.02
C LEU A 364 -17.75 24.39 10.08
N ILE A 365 -18.53 24.21 9.01
CA ILE A 365 -18.23 23.19 8.01
C ILE A 365 -17.37 23.83 6.92
N HIS A 366 -16.30 23.13 6.54
CA HIS A 366 -15.37 23.61 5.51
C HIS A 366 -15.65 22.85 4.21
N LEU A 367 -16.70 23.28 3.51
CA LEU A 367 -17.30 22.44 2.48
C LEU A 367 -16.50 22.40 1.18
N ASP A 368 -16.23 23.56 0.57
CA ASP A 368 -15.60 23.63 -0.75
C ASP A 368 -14.20 24.21 -0.62
N ASN A 369 -13.21 23.32 -0.57
CA ASN A 369 -11.80 23.67 -0.47
C ASN A 369 -11.08 23.58 -1.83
N ALA A 370 -11.84 23.36 -2.91
CA ALA A 370 -11.24 23.02 -4.21
C ALA A 370 -10.22 24.02 -4.71
N ARG A 371 -10.09 25.19 -4.08
CA ARG A 371 -9.18 26.20 -4.61
C ARG A 371 -7.81 26.21 -3.95
N GLY A 372 -7.70 25.87 -2.67
CA GLY A 372 -6.41 25.81 -2.01
C GLY A 372 -5.40 24.91 -2.70
N PHE A 373 -4.13 24.98 -2.30
CA PHE A 373 -3.10 24.13 -2.88
C PHE A 373 -2.90 24.45 -4.36
N GLY A 374 -2.78 25.73 -4.66
CA GLY A 374 -2.59 26.15 -6.04
C GLY A 374 -1.33 26.97 -6.22
N ARG A 375 -0.76 27.45 -5.12
CA ARG A 375 0.51 28.17 -5.13
C ARG A 375 1.35 27.56 -4.02
N HIS A 376 2.31 26.71 -4.39
CA HIS A 376 3.23 26.16 -3.40
C HIS A 376 4.40 27.09 -3.11
N SER A 377 4.59 28.12 -3.92
CA SER A 377 5.68 29.08 -3.74
C SER A 377 5.25 30.36 -3.03
N HIS A 378 3.95 30.56 -2.84
CA HIS A 378 3.43 31.79 -2.27
C HIS A 378 2.58 31.50 -1.05
N ASP A 379 2.74 32.32 -0.01
CA ASP A 379 1.92 32.26 1.18
C ASP A 379 1.08 33.52 1.27
N GLU A 380 -0.24 33.37 1.20
CA GLU A 380 -1.16 34.51 1.20
C GLU A 380 -1.54 34.81 2.64
N ILE A 381 -0.93 35.86 3.21
CA ILE A 381 -1.13 36.16 4.62
C ILE A 381 -2.47 36.82 4.88
N SER A 382 -3.12 37.36 3.85
CA SER A 382 -4.42 37.99 4.06
C SER A 382 -5.47 36.99 4.55
N ILE A 383 -5.26 35.70 4.29
CA ILE A 383 -6.15 34.70 4.85
C ILE A 383 -6.03 34.68 6.37
N LEU A 384 -4.84 34.91 6.90
CA LEU A 384 -4.59 34.89 8.33
C LEU A 384 -5.07 36.15 9.04
N SER A 385 -5.66 37.11 8.32
CA SER A 385 -6.10 38.36 8.93
C SER A 385 -6.98 38.18 10.17
N PRO A 386 -7.90 37.20 10.25
CA PRO A 386 -8.60 37.00 11.52
C PRO A 386 -7.66 36.77 12.69
N LEU A 387 -6.69 35.86 12.55
CA LEU A 387 -5.75 35.63 13.64
C LEU A 387 -4.83 36.82 13.84
N SER A 388 -4.44 37.48 12.75
CA SER A 388 -3.50 38.60 12.84
C SER A 388 -4.09 39.77 13.60
N GLN A 389 -5.36 40.11 13.33
CA GLN A 389 -6.00 41.30 13.87
C GLN A 389 -6.80 41.03 15.13
N CYS A 390 -7.51 39.90 15.21
CA CYS A 390 -8.20 39.57 16.44
C CYS A 390 -7.24 39.13 17.54
N CYS A 391 -6.14 38.48 17.17
CA CYS A 391 -5.12 38.00 18.10
C CYS A 391 -5.75 37.23 19.26
N MET A 392 -6.30 36.07 18.91
CA MET A 392 -6.81 35.12 19.89
C MET A 392 -7.00 33.79 19.18
N ILE A 393 -6.54 32.72 19.83
CA ILE A 393 -6.56 31.38 19.25
C ILE A 393 -6.99 30.40 20.34
N LYS A 394 -7.70 29.37 19.92
CA LYS A 394 -8.23 28.40 20.88
C LYS A 394 -7.09 27.57 21.47
N LYS A 395 -7.25 27.20 22.76
CA LYS A 395 -6.21 26.43 23.44
C LYS A 395 -5.91 25.13 22.71
N LYS A 396 -6.95 24.35 22.43
CA LYS A 396 -6.76 23.09 21.70
C LYS A 396 -6.06 23.33 20.37
N THR A 397 -6.58 24.27 19.57
CA THR A 397 -6.00 24.53 18.25
C THR A 397 -4.52 24.88 18.34
N LEU A 398 -4.13 25.62 19.38
CA LEU A 398 -2.72 26.00 19.51
C LEU A 398 -1.86 24.79 19.85
N LEU A 399 -2.37 23.85 20.64
CA LEU A 399 -1.59 22.68 21.01
C LEU A 399 -1.31 21.81 19.79
N HIS A 400 -2.33 21.54 18.98
CA HIS A 400 -2.12 20.72 17.78
C HIS A 400 -1.17 21.39 16.81
N LEU A 401 -1.26 22.72 16.69
CA LEU A 401 -0.35 23.43 15.79
C LEU A 401 1.09 23.36 16.30
N GLN A 402 1.28 23.56 17.61
CA GLN A 402 2.61 23.46 18.18
C GLN A 402 3.20 22.07 17.98
N LEU A 403 2.38 21.04 18.23
CA LEU A 403 2.85 19.65 18.08
C LEU A 403 3.30 19.38 16.64
N LEU A 404 2.48 19.76 15.67
CA LEU A 404 2.77 19.51 14.26
C LEU A 404 3.97 20.30 13.75
N ALA A 405 4.63 21.09 14.60
CA ALA A 405 5.86 21.77 14.26
C ALA A 405 7.10 21.00 14.71
N GLN A 406 6.94 19.96 15.52
CA GLN A 406 8.04 19.17 16.01
C GLN A 406 8.33 18.01 15.07
N ALA A 407 9.62 17.76 14.82
CA ALA A 407 10.03 16.85 13.76
C ALA A 407 9.42 15.46 13.92
N ASP A 408 9.19 15.00 15.16
CA ASP A 408 8.64 13.67 15.36
C ASP A 408 7.23 13.54 14.79
N TYR A 409 6.49 14.64 14.72
CA TYR A 409 5.15 14.64 14.13
C TYR A 409 4.99 15.85 13.22
N ARG A 410 5.98 16.13 12.38
CA ARG A 410 5.92 17.34 11.59
C ARG A 410 4.78 17.26 10.58
N LEU A 411 4.18 18.42 10.29
CA LEU A 411 2.93 18.45 9.55
C LEU A 411 3.07 17.86 8.16
N SER A 412 4.21 18.09 7.50
CA SER A 412 4.36 17.58 6.14
C SER A 412 4.45 16.06 6.12
N ASP A 413 5.17 15.47 7.08
CA ASP A 413 5.35 14.03 7.06
C ASP A 413 4.04 13.29 7.36
N VAL A 414 3.27 13.78 8.33
CA VAL A 414 1.99 13.13 8.62
C VAL A 414 0.99 13.35 7.50
N MET A 415 1.11 14.47 6.77
CA MET A 415 0.29 14.65 5.58
C MET A 415 0.73 13.70 4.47
N ARG A 416 2.02 13.71 4.14
CA ARG A 416 2.56 12.86 3.08
C ARG A 416 2.18 11.40 3.29
N GLU A 417 2.24 10.92 4.53
CA GLU A 417 1.93 9.52 4.79
C GLU A 417 0.43 9.28 4.73
N SER A 418 -0.37 10.20 5.27
CA SER A 418 -1.82 10.02 5.26
C SER A 418 -2.40 10.07 3.85
N LEU A 419 -1.77 10.82 2.95
CA LEU A 419 -2.25 10.93 1.58
C LEU A 419 -1.89 9.73 0.72
N LEU A 420 -1.04 8.82 1.23
CA LEU A 420 -0.64 7.67 0.44
C LEU A 420 -1.75 6.64 0.31
N GLU A 421 -2.75 6.70 1.20
CA GLU A 421 -3.86 5.76 1.19
C GLU A 421 -4.87 6.06 0.12
N ASP A 422 -4.59 7.00 -0.76
CA ASP A 422 -5.52 7.41 -1.80
C ASP A 422 -5.09 6.82 -3.14
N GLN A 423 -6.07 6.41 -3.93
CA GLN A 423 -5.79 5.89 -5.26
C GLN A 423 -5.13 6.93 -6.15
N LEU A 424 -5.28 8.21 -5.84
CA LEU A 424 -4.73 9.27 -6.67
C LEU A 424 -3.35 9.72 -6.20
N SER A 425 -2.64 8.88 -5.44
CA SER A 425 -1.32 9.26 -4.97
C SER A 425 -0.35 9.41 -6.14
N PRO A 426 0.51 10.44 -6.13
CA PRO A 426 0.59 11.44 -5.06
C PRO A 426 -0.42 12.57 -5.25
N VAL A 427 -1.23 12.85 -4.24
CA VAL A 427 -2.23 13.91 -4.41
C VAL A 427 -1.59 15.28 -4.31
N LEU A 428 -0.50 15.41 -3.57
CA LEU A 428 0.21 16.67 -3.40
C LEU A 428 1.67 16.48 -3.80
N THR A 429 2.17 17.38 -4.63
CA THR A 429 3.58 17.35 -4.98
C THR A 429 4.41 17.84 -3.79
N GLU A 430 5.74 17.65 -3.90
CA GLU A 430 6.62 17.93 -2.77
C GLU A 430 6.63 19.39 -2.33
N PRO A 431 6.71 20.39 -3.22
CA PRO A 431 6.68 21.78 -2.74
C PRO A 431 5.44 22.12 -1.91
N HIS A 432 4.29 21.54 -2.23
CA HIS A 432 3.07 21.79 -1.45
C HIS A 432 3.22 21.28 -0.03
N LEU A 433 3.64 20.01 0.11
CA LEU A 433 3.79 19.43 1.44
C LEU A 433 4.77 20.22 2.29
N LEU A 434 5.90 20.63 1.71
CA LEU A 434 6.85 21.44 2.47
C LEU A 434 6.29 22.82 2.80
N ALA A 435 5.34 23.32 2.02
CA ALA A 435 4.74 24.61 2.33
C ALA A 435 3.96 24.56 3.64
N LEU A 436 3.28 23.44 3.89
CA LEU A 436 2.50 23.32 5.11
C LEU A 436 3.36 23.57 6.35
N ASP A 437 4.59 23.04 6.36
CA ASP A 437 5.50 23.29 7.48
C ASP A 437 5.80 24.77 7.62
N ARG A 438 6.22 25.42 6.53
CA ARG A 438 6.55 26.83 6.59
C ARG A 438 5.36 27.68 6.97
N ARG A 439 4.19 27.38 6.40
CA ARG A 439 2.99 28.13 6.76
C ARG A 439 2.59 27.90 8.22
N LEU A 440 2.95 26.74 8.77
CA LEU A 440 2.67 26.49 10.18
C LEU A 440 3.48 27.41 11.07
N GLN A 441 4.75 27.64 10.73
CA GLN A 441 5.57 28.58 11.48
C GLN A 441 4.96 29.97 11.49
N THR A 442 4.51 30.44 10.32
CA THR A 442 3.91 31.76 10.22
C THR A 442 2.71 31.89 11.16
N ILE A 443 1.92 30.82 11.28
CA ILE A 443 0.78 30.86 12.19
C ILE A 443 1.27 30.89 13.64
N LEU A 444 2.26 30.04 13.96
CA LEU A 444 2.81 30.00 15.31
C LEU A 444 3.57 31.28 15.63
N ARG A 445 4.29 31.82 14.65
CA ARG A 445 5.00 33.08 14.85
C ARG A 445 4.03 34.22 15.15
N THR A 446 2.82 34.18 14.58
CA THR A 446 1.84 35.22 14.86
C THR A 446 1.25 35.07 16.25
N VAL A 447 0.93 33.85 16.66
CA VAL A 447 0.41 33.62 18.00
C VAL A 447 1.42 34.10 19.04
N GLU A 448 2.67 33.65 18.92
CA GLU A 448 3.71 34.12 19.83
C GLU A 448 3.99 35.61 19.63
N GLY A 449 3.82 36.09 18.39
CA GLY A 449 4.16 37.48 18.12
C GLY A 449 3.16 38.44 18.74
N CYS A 450 1.89 38.18 18.56
CA CYS A 450 0.89 39.05 19.15
C CYS A 450 0.57 38.68 20.60
N ILE A 451 1.26 37.68 21.15
CA ILE A 451 1.23 37.46 22.60
C ILE A 451 1.98 38.58 23.31
N VAL A 452 3.09 39.06 22.73
CA VAL A 452 3.90 40.07 23.39
C VAL A 452 3.14 41.36 23.60
N ALA A 453 2.11 41.62 22.79
CA ALA A 453 1.34 42.84 22.92
C ALA A 453 0.08 42.68 23.75
N HIS A 454 -0.34 41.45 24.05
CA HIS A 454 -1.55 41.22 24.79
C HIS A 454 -1.42 40.21 25.93
N GLY A 455 -0.31 39.47 26.00
CA GLY A 455 -0.13 38.46 27.03
C GLY A 455 -0.99 37.24 26.79
N GLN A 456 -0.61 36.11 27.39
CA GLN A 456 -1.37 34.87 27.23
C GLN A 456 -2.80 35.00 27.75
N GLN A 457 -3.14 36.16 28.32
CA GLN A 457 -4.50 36.41 28.78
C GLN A 457 -5.49 36.39 27.63
N SER A 458 -5.29 37.26 26.64
CA SER A 458 -6.24 37.46 25.55
C SER A 458 -5.81 36.81 24.24
N VAL A 459 -4.73 36.03 24.25
CA VAL A 459 -4.28 35.34 23.04
C VAL A 459 -4.44 33.83 23.19
N ILE A 460 -5.06 33.36 24.26
CA ILE A 460 -5.37 31.95 24.46
C ILE A 460 -6.71 31.88 25.20
N VAL A 461 -7.61 31.04 24.71
CA VAL A 461 -8.93 30.91 25.29
C VAL A 461 -9.17 29.46 25.69
N ASP A 462 -8.68 29.08 26.86
CA ASP A 462 -8.71 27.70 27.30
C ASP A 462 -10.10 27.25 27.76
N GLY A 463 -11.14 27.61 27.02
CA GLY A 463 -12.47 27.15 27.34
C GLY A 463 -12.55 25.64 27.30
N PRO A 464 -13.60 25.07 27.93
CA PRO A 464 -13.70 23.61 28.00
C PRO A 464 -14.28 23.00 26.72
N SER B 19 22.80 33.90 -46.57
CA SER B 19 23.31 33.51 -47.88
C SER B 19 22.54 32.31 -48.41
N LEU B 20 22.23 31.36 -47.52
CA LEU B 20 21.36 30.25 -47.92
C LEU B 20 20.04 30.78 -48.45
N LEU B 21 19.54 31.85 -47.84
CA LEU B 21 18.34 32.49 -48.37
C LEU B 21 18.69 33.35 -49.58
N ALA B 22 19.85 33.98 -49.55
CA ALA B 22 20.27 34.81 -50.67
C ALA B 22 20.46 33.98 -51.93
N ARG B 23 20.85 32.71 -51.77
CA ARG B 23 20.98 31.84 -52.93
C ARG B 23 19.63 31.41 -53.47
N LEU B 24 18.64 31.29 -52.58
CA LEU B 24 17.29 30.91 -53.03
C LEU B 24 16.79 31.88 -54.08
N PHE B 25 16.99 33.17 -53.86
CA PHE B 25 16.49 34.14 -54.81
C PHE B 25 17.45 34.39 -55.98
N GLU B 26 18.64 33.79 -55.96
CA GLU B 26 19.47 33.77 -57.15
C GLU B 26 19.04 32.69 -58.13
N HIS B 27 18.29 31.70 -57.64
CA HIS B 27 17.87 30.56 -58.44
C HIS B 27 16.99 31.02 -59.60
N PRO B 28 17.03 30.32 -60.74
CA PRO B 28 16.22 30.72 -61.88
C PRO B 28 14.74 30.41 -61.75
N LEU B 29 14.32 29.68 -60.71
CA LEU B 29 12.90 29.54 -60.45
C LEU B 29 12.31 30.77 -59.77
N TYR B 30 13.16 31.66 -59.28
CA TYR B 30 12.75 32.83 -58.53
C TYR B 30 13.14 34.13 -59.25
N ARG B 31 13.14 34.09 -60.58
CA ARG B 31 13.28 35.29 -61.38
C ARG B 31 12.32 35.32 -62.57
N VAL B 32 11.35 34.40 -62.62
CA VAL B 32 10.32 34.43 -63.64
C VAL B 32 9.37 35.58 -63.32
N ALA B 33 9.36 36.60 -64.16
CA ALA B 33 8.53 37.77 -63.92
C ALA B 33 7.07 37.45 -64.21
N VAL B 34 6.19 38.35 -63.77
CA VAL B 34 4.76 38.25 -64.02
C VAL B 34 4.50 38.77 -65.44
N PRO B 35 3.34 38.51 -66.03
CA PRO B 35 3.04 39.04 -67.36
C PRO B 35 3.16 40.55 -67.40
N PRO B 36 3.33 41.15 -68.57
CA PRO B 36 3.32 42.61 -68.67
C PRO B 36 1.99 43.17 -68.21
N LEU B 37 2.05 44.18 -67.35
CA LEU B 37 0.86 44.77 -66.77
C LEU B 37 0.26 45.79 -67.72
N THR B 38 -1.06 45.89 -67.69
CA THR B 38 -1.78 46.93 -68.42
C THR B 38 -2.67 47.70 -67.44
N GLU B 39 -3.30 48.76 -67.94
CA GLU B 39 -4.05 49.64 -67.05
C GLU B 39 -5.20 48.92 -66.34
N GLU B 40 -5.67 47.81 -66.88
CA GLU B 40 -6.71 47.03 -66.25
C GLU B 40 -6.16 45.91 -65.37
N ASP B 41 -4.84 45.84 -65.22
CA ASP B 41 -4.20 44.83 -64.39
C ASP B 41 -3.65 45.38 -63.09
N VAL B 42 -3.30 46.66 -63.05
CA VAL B 42 -2.85 47.29 -61.82
C VAL B 42 -4.08 47.54 -60.95
N LEU B 43 -3.88 48.01 -59.73
CA LEU B 43 -4.98 48.29 -58.82
C LEU B 43 -5.25 49.78 -58.65
N PHE B 44 -4.19 50.60 -58.62
CA PHE B 44 -4.29 52.03 -58.41
C PHE B 44 -3.45 52.73 -59.47
N ASN B 45 -4.07 53.03 -60.60
CA ASN B 45 -3.38 53.73 -61.68
C ASN B 45 -2.93 55.11 -61.24
N VAL B 46 -1.63 55.37 -61.39
CA VAL B 46 -1.05 56.64 -60.97
C VAL B 46 -0.74 57.49 -62.20
N ASN B 47 -1.69 58.33 -62.60
CA ASN B 47 -1.51 59.16 -63.79
C ASN B 47 -0.61 60.35 -63.50
N VAL B 80 5.69 60.34 -55.68
CA VAL B 80 5.55 58.92 -55.39
C VAL B 80 6.83 58.41 -54.74
N ASP B 81 7.67 59.33 -54.25
CA ASP B 81 8.86 58.98 -53.50
C ASP B 81 8.85 59.51 -52.08
N SER B 82 7.93 60.42 -51.75
CA SER B 82 7.67 60.76 -50.37
C SER B 82 6.55 59.92 -49.77
N TYR B 83 5.86 59.15 -50.60
CA TYR B 83 4.80 58.27 -50.13
C TYR B 83 5.34 57.38 -49.01
N PRO B 84 4.53 57.02 -48.03
CA PRO B 84 4.98 56.08 -47.01
C PRO B 84 5.04 54.67 -47.56
N ASN B 85 5.84 53.82 -46.89
CA ASN B 85 6.05 52.46 -47.37
C ASN B 85 4.76 51.67 -47.43
N TRP B 86 3.77 52.01 -46.58
CA TRP B 86 2.49 51.34 -46.67
C TRP B 86 1.76 51.72 -47.96
N LEU B 87 2.03 52.91 -48.50
CA LEU B 87 1.29 53.34 -49.68
C LEU B 87 1.92 52.82 -50.96
N LYS B 88 3.25 52.80 -51.03
CA LYS B 88 3.92 52.11 -52.13
C LYS B 88 3.45 50.66 -52.22
N PHE B 89 3.25 50.04 -51.06
CA PHE B 89 2.71 48.69 -51.00
C PHE B 89 1.34 48.58 -51.68
N HIS B 90 0.48 49.59 -51.50
CA HIS B 90 -0.87 49.54 -52.05
C HIS B 90 -0.86 49.74 -53.56
N ILE B 91 -0.21 50.80 -54.03
CA ILE B 91 -0.15 51.05 -55.46
C ILE B 91 0.69 50.03 -56.21
N GLY B 92 1.34 49.08 -55.53
CA GLY B 92 2.04 48.06 -56.28
C GLY B 92 1.30 46.73 -56.49
N ILE B 93 0.12 46.61 -55.89
CA ILE B 93 -0.70 45.41 -56.03
C ILE B 93 -1.15 45.29 -57.48
N ASN B 94 -0.67 44.28 -58.18
CA ASN B 94 -1.09 44.03 -59.55
C ASN B 94 -2.10 42.88 -59.57
N ARG B 95 -2.40 42.39 -60.77
CA ARG B 95 -3.37 41.30 -60.91
C ARG B 95 -2.83 40.01 -60.31
N TYR B 96 -1.56 39.68 -60.58
CA TYR B 96 -1.03 38.36 -60.24
C TYR B 96 -0.03 38.39 -59.09
N GLU B 97 -0.14 39.35 -58.18
CA GLU B 97 0.72 39.33 -56.99
C GLU B 97 0.24 40.41 -56.02
N LEU B 98 0.74 40.31 -54.79
CA LEU B 98 0.55 41.36 -53.81
C LEU B 98 1.74 42.31 -53.80
N TYR B 99 2.93 41.83 -54.16
CA TYR B 99 4.12 42.66 -54.18
C TYR B 99 5.15 42.05 -55.11
N SER B 100 6.18 42.83 -55.43
CA SER B 100 7.27 42.37 -56.28
C SER B 100 8.25 41.51 -55.47
N ARG B 101 9.07 40.75 -56.20
CA ARG B 101 10.02 39.86 -55.53
C ARG B 101 11.09 40.66 -54.81
N HIS B 102 11.67 41.66 -55.46
CA HIS B 102 12.72 42.46 -54.86
C HIS B 102 12.27 43.92 -54.75
N ASN B 103 11.14 44.13 -54.07
CA ASN B 103 10.60 45.46 -53.83
C ASN B 103 11.32 46.11 -52.66
N PRO B 104 11.68 47.39 -52.78
CA PRO B 104 12.32 48.07 -51.64
C PRO B 104 11.33 48.45 -50.56
N ALA B 105 10.04 48.48 -50.88
CA ALA B 105 9.07 48.98 -49.92
C ALA B 105 8.61 47.88 -48.98
N ILE B 106 8.50 46.65 -49.46
CA ILE B 106 7.99 45.57 -48.63
C ILE B 106 8.91 45.30 -47.45
N GLU B 107 10.22 45.26 -47.73
CA GLU B 107 11.19 45.10 -46.64
C GLU B 107 11.28 46.36 -45.79
N ALA B 108 10.97 47.53 -46.36
CA ALA B 108 10.93 48.75 -45.57
C ALA B 108 9.63 48.88 -44.78
N LEU B 109 8.51 48.46 -45.38
CA LEU B 109 7.25 48.44 -44.65
C LEU B 109 7.33 47.51 -43.47
N LEU B 110 8.01 46.36 -43.62
CA LEU B 110 8.25 45.48 -42.48
C LEU B 110 8.98 46.21 -41.37
N HIS B 111 9.96 47.05 -41.74
CA HIS B 111 10.70 47.81 -40.74
C HIS B 111 9.80 48.81 -40.04
N ASP B 112 8.87 49.42 -40.78
CA ASP B 112 7.99 50.42 -40.19
C ASP B 112 7.11 49.80 -39.10
N LEU B 113 6.48 48.67 -39.39
CA LEU B 113 5.55 48.07 -38.44
C LEU B 113 6.22 47.76 -37.12
N SER B 114 7.52 47.52 -37.13
CA SER B 114 8.26 47.16 -35.92
C SER B 114 8.75 48.36 -35.14
N SER B 115 9.05 49.48 -35.81
CA SER B 115 9.71 50.61 -35.17
C SER B 115 8.88 51.88 -35.14
N GLN B 116 8.02 52.10 -36.13
CA GLN B 116 7.30 53.37 -36.21
C GLN B 116 6.45 53.60 -34.97
N ARG B 117 6.32 54.87 -34.59
CA ARG B 117 5.57 55.21 -33.39
C ARG B 117 4.08 55.03 -33.64
N ILE B 118 3.37 54.61 -32.59
CA ILE B 118 1.93 54.34 -32.68
C ILE B 118 1.19 55.54 -32.11
N THR B 119 0.19 56.02 -32.85
CA THR B 119 -0.57 57.20 -32.47
C THR B 119 -1.98 56.91 -32.00
N SER B 120 -2.67 55.93 -32.59
CA SER B 120 -4.02 55.59 -32.19
C SER B 120 -4.25 54.09 -32.29
N VAL B 121 -5.02 53.57 -31.34
CA VAL B 121 -5.40 52.15 -31.33
C VAL B 121 -6.91 52.06 -31.19
N ALA B 122 -7.52 51.13 -31.93
CA ALA B 122 -8.95 50.89 -31.84
C ALA B 122 -9.21 49.40 -31.93
N MET B 123 -10.25 48.95 -31.23
CA MET B 123 -10.63 47.54 -31.28
C MET B 123 -11.54 47.29 -32.48
N LYS B 124 -11.36 46.14 -33.12
CA LYS B 124 -12.10 45.81 -34.33
C LYS B 124 -13.59 45.66 -34.01
N SER B 125 -14.39 45.67 -35.06
CA SER B 125 -15.84 45.61 -34.95
C SER B 125 -16.33 44.17 -34.88
N GLY B 126 -17.53 44.01 -34.33
CA GLY B 126 -18.14 42.70 -34.18
C GLY B 126 -17.45 41.83 -33.16
N GLY B 127 -16.70 40.83 -33.63
CA GLY B 127 -16.03 39.90 -32.75
C GLY B 127 -15.00 39.04 -33.44
N THR B 128 -15.00 37.73 -33.12
CA THR B 128 -14.09 36.73 -33.67
C THR B 128 -12.65 36.98 -33.25
N GLN B 129 -12.30 36.58 -32.02
CA GLN B 129 -10.95 36.74 -31.46
C GLN B 129 -10.54 38.20 -31.31
N LEU B 130 -9.51 38.46 -30.52
CA LEU B 130 -9.08 39.83 -30.23
C LEU B 130 -8.14 40.30 -31.35
N LYS B 131 -8.63 41.20 -32.19
CA LYS B 131 -7.83 41.83 -33.24
C LYS B 131 -7.89 43.33 -33.06
N LEU B 132 -6.72 43.97 -33.01
CA LEU B 132 -6.60 45.40 -32.78
C LEU B 132 -6.10 46.09 -34.04
N ILE B 133 -6.67 47.25 -34.33
CA ILE B 133 -6.22 48.12 -35.42
C ILE B 133 -5.37 49.23 -34.82
N MET B 134 -4.22 49.49 -35.42
CA MET B 134 -3.30 50.50 -34.94
C MET B 134 -2.99 51.49 -36.05
N THR B 135 -2.85 52.76 -35.68
CA THR B 135 -2.52 53.83 -36.60
C THR B 135 -1.17 54.43 -36.21
N PHE B 136 -0.26 54.54 -37.18
CA PHE B 136 1.08 55.02 -36.94
C PHE B 136 1.18 56.50 -37.29
N GLN B 137 2.38 57.06 -37.09
CA GLN B 137 2.61 58.47 -37.36
C GLN B 137 2.50 58.80 -38.85
N ASN B 138 2.66 57.81 -39.72
CA ASN B 138 2.57 58.00 -41.18
C ASN B 138 1.23 57.54 -41.73
N TYR B 139 0.14 57.76 -40.99
CA TYR B 139 -1.22 57.50 -41.44
C TYR B 139 -1.47 56.04 -41.77
N GLY B 140 -0.44 55.20 -41.64
CA GLY B 140 -0.60 53.80 -41.96
C GLY B 140 -1.29 53.04 -40.84
N GLN B 141 -1.99 51.99 -41.23
CA GLN B 141 -2.71 51.13 -40.29
C GLN B 141 -2.21 49.69 -40.41
N ALA B 142 -2.48 48.90 -39.39
CA ALA B 142 -2.06 47.51 -39.37
C ALA B 142 -2.92 46.74 -38.38
N LEU B 143 -3.22 45.49 -38.71
CA LEU B 143 -3.94 44.62 -37.80
C LEU B 143 -2.97 44.00 -36.81
N PHE B 144 -3.43 43.82 -35.57
CA PHE B 144 -2.58 43.35 -34.49
C PHE B 144 -3.21 42.12 -33.86
N LYS B 145 -2.45 41.04 -33.76
CA LYS B 145 -2.87 39.86 -33.01
C LYS B 145 -1.92 39.66 -31.85
N PRO B 146 -2.39 39.68 -30.62
CA PRO B 146 -1.51 39.56 -29.45
C PRO B 146 -1.05 38.13 -29.24
N MET B 147 -0.16 37.96 -28.26
CA MET B 147 0.58 36.70 -28.13
C MET B 147 -0.35 35.52 -27.86
N LYS B 148 -1.18 35.62 -26.82
CA LYS B 148 -2.24 34.65 -26.55
C LYS B 148 -1.72 33.28 -26.12
N GLN B 149 -0.69 32.75 -26.77
CA GLN B 149 -0.15 31.43 -26.42
C GLN B 149 1.37 31.48 -26.46
N THR B 150 2.01 30.42 -25.94
CA THR B 150 3.45 30.40 -25.72
C THR B 150 4.25 30.16 -27.00
N ARG B 151 5.39 29.47 -26.88
CA ARG B 151 6.25 29.12 -28.01
C ARG B 151 6.48 27.63 -28.11
N GLU B 152 6.90 26.98 -27.01
CA GLU B 152 7.08 25.53 -26.96
C GLU B 152 5.77 24.80 -26.65
N GLN B 153 4.64 25.45 -26.83
CA GLN B 153 3.33 24.92 -26.46
C GLN B 153 2.66 24.30 -27.68
N GLU B 154 1.70 23.40 -27.41
CA GLU B 154 0.91 22.77 -28.44
C GLU B 154 -0.56 22.90 -28.11
N THR B 155 -1.37 23.17 -29.13
CA THR B 155 -2.81 23.10 -28.98
C THR B 155 -3.18 21.69 -28.54
N PRO B 156 -3.95 21.52 -27.47
CA PRO B 156 -4.22 20.18 -26.98
C PRO B 156 -4.90 19.34 -28.03
N PRO B 157 -4.67 18.02 -28.04
CA PRO B 157 -5.29 17.16 -29.05
C PRO B 157 -6.81 17.22 -29.03
N ASP B 158 -7.41 17.39 -27.85
CA ASP B 158 -8.85 17.42 -27.70
C ASP B 158 -9.50 18.69 -28.22
N PHE B 159 -8.73 19.62 -28.80
CA PHE B 159 -9.29 20.86 -29.34
C PHE B 159 -9.71 20.65 -30.79
N PHE B 160 -10.93 21.07 -31.11
CA PHE B 160 -11.34 21.09 -32.50
C PHE B 160 -10.63 22.24 -33.23
N TYR B 161 -10.78 22.27 -34.55
CA TYR B 161 -10.17 23.34 -35.33
C TYR B 161 -10.78 24.70 -35.00
N PHE B 162 -12.05 24.73 -34.60
CA PHE B 162 -12.70 26.00 -34.28
C PHE B 162 -12.43 26.46 -32.85
N SER B 163 -11.69 25.68 -32.06
CA SER B 163 -11.37 26.04 -30.69
C SER B 163 -9.95 26.58 -30.54
N ASP B 164 -9.16 26.57 -31.61
CA ASP B 164 -7.74 26.89 -31.52
C ASP B 164 -7.52 28.39 -31.37
N TYR B 165 -6.36 28.74 -30.81
CA TYR B 165 -6.00 30.13 -30.62
C TYR B 165 -5.54 30.76 -31.94
N GLU B 166 -5.22 32.04 -31.89
CA GLU B 166 -4.60 32.76 -33.00
C GLU B 166 -3.28 33.34 -32.48
N ARG B 167 -2.16 32.78 -32.90
CA ARG B 167 -0.86 33.24 -32.44
C ARG B 167 -0.20 34.11 -33.50
N HIS B 168 0.44 35.18 -33.03
CA HIS B 168 1.28 36.00 -33.90
C HIS B 168 2.36 35.18 -34.59
N ASN B 169 2.86 34.12 -33.93
CA ASN B 169 3.83 33.22 -34.53
C ASN B 169 3.42 32.84 -35.96
N ALA B 170 2.26 32.20 -36.08
CA ALA B 170 1.81 31.76 -37.39
C ALA B 170 1.61 32.93 -38.35
N GLU B 171 1.15 34.08 -37.85
CA GLU B 171 0.93 35.21 -38.73
C GLU B 171 2.25 35.72 -39.31
N ILE B 172 3.27 35.85 -38.47
CA ILE B 172 4.58 36.27 -38.96
C ILE B 172 5.16 35.19 -39.87
N ALA B 173 5.13 33.94 -39.42
CA ALA B 173 5.76 32.87 -40.18
C ALA B 173 5.07 32.68 -41.54
N ALA B 174 3.75 32.80 -41.58
CA ALA B 174 3.04 32.58 -42.84
C ALA B 174 3.48 33.56 -43.91
N PHE B 175 3.81 34.79 -43.52
CA PHE B 175 4.30 35.75 -44.51
C PHE B 175 5.62 35.30 -45.11
N HIS B 176 6.53 34.78 -44.27
CA HIS B 176 7.82 34.35 -44.77
C HIS B 176 7.71 33.06 -45.58
N LEU B 177 6.83 32.15 -45.15
CA LEU B 177 6.63 30.91 -45.90
C LEU B 177 5.96 31.20 -47.24
N ASP B 178 4.93 32.04 -47.23
CA ASP B 178 4.32 32.47 -48.49
C ASP B 178 5.31 33.22 -49.36
N ARG B 179 6.32 33.83 -48.75
CA ARG B 179 7.36 34.54 -49.49
C ARG B 179 8.39 33.58 -50.07
N ILE B 180 8.77 32.55 -49.30
CA ILE B 180 9.75 31.58 -49.79
C ILE B 180 9.19 30.79 -50.96
N LEU B 181 7.88 30.52 -50.97
CA LEU B 181 7.27 29.81 -52.08
C LEU B 181 7.00 30.70 -53.27
N ASP B 182 7.40 31.98 -53.20
CA ASP B 182 7.17 32.97 -54.26
C ASP B 182 5.69 33.12 -54.61
N PHE B 183 4.80 32.69 -53.72
CA PHE B 183 3.38 32.95 -53.92
C PHE B 183 3.10 34.45 -53.84
N ARG B 184 3.51 35.09 -52.74
CA ARG B 184 3.32 36.53 -52.52
C ARG B 184 1.84 36.89 -52.48
N ARG B 185 1.10 36.17 -51.62
CA ARG B 185 -0.34 36.39 -51.46
C ARG B 185 -0.71 36.80 -50.05
N VAL B 186 0.26 37.14 -49.21
CA VAL B 186 0.00 37.54 -47.84
C VAL B 186 0.37 39.00 -47.64
N PRO B 187 -0.37 39.76 -46.85
CA PRO B 187 0.06 41.11 -46.50
C PRO B 187 1.25 41.04 -45.57
N PRO B 188 2.24 41.92 -45.74
CA PRO B 188 3.43 41.88 -44.88
C PRO B 188 3.07 42.03 -43.41
N VAL B 189 3.74 41.26 -42.58
CA VAL B 189 3.52 41.28 -41.14
C VAL B 189 4.87 41.14 -40.43
N ALA B 190 5.07 41.95 -39.39
CA ALA B 190 6.28 41.94 -38.58
C ALA B 190 5.91 41.91 -37.11
N GLY B 191 6.70 41.19 -36.32
CA GLY B 191 6.47 41.15 -34.89
C GLY B 191 6.97 42.41 -34.20
N ARG B 192 6.47 42.63 -32.98
CA ARG B 192 6.83 43.83 -32.25
C ARG B 192 6.52 43.66 -30.77
N MET B 193 7.42 44.17 -29.94
CA MET B 193 7.25 44.20 -28.49
C MET B 193 6.58 45.53 -28.13
N VAL B 194 5.25 45.51 -28.02
CA VAL B 194 4.49 46.73 -27.81
C VAL B 194 4.34 47.00 -26.32
N ASN B 195 4.46 48.29 -25.95
CA ASN B 195 4.20 48.74 -24.59
C ASN B 195 2.69 48.87 -24.43
N MET B 196 2.09 47.95 -23.68
CA MET B 196 0.63 47.94 -23.55
C MET B 196 0.07 49.16 -22.83
N THR B 197 0.92 50.02 -22.29
CA THR B 197 0.47 51.29 -21.71
C THR B 197 0.58 52.39 -22.74
N LYS B 198 1.81 52.78 -23.09
CA LYS B 198 2.01 53.94 -23.97
C LYS B 198 1.67 53.66 -25.43
N GLU B 199 1.35 52.42 -25.78
CA GLU B 199 1.01 52.09 -27.16
C GLU B 199 -0.31 51.35 -27.31
N ILE B 200 -1.02 51.07 -26.21
CA ILE B 200 -2.34 50.45 -26.30
C ILE B 200 -3.33 51.28 -25.49
N ARG B 201 -3.22 51.22 -24.16
CA ARG B 201 -4.22 51.85 -23.29
C ARG B 201 -4.18 53.37 -23.43
N ASP B 202 -3.02 53.98 -23.20
CA ASP B 202 -2.91 55.43 -23.20
C ASP B 202 -3.07 56.06 -24.59
N VAL B 203 -3.48 55.32 -25.63
CA VAL B 203 -3.64 55.89 -26.97
C VAL B 203 -4.88 55.30 -27.65
N THR B 204 -5.95 55.09 -26.89
CA THR B 204 -7.20 54.61 -27.46
C THR B 204 -8.39 55.33 -26.83
N ARG B 205 -9.35 55.71 -27.65
CA ARG B 205 -10.61 56.29 -27.17
C ARG B 205 -11.74 55.27 -27.19
N ASP B 206 -11.44 54.02 -27.50
CA ASP B 206 -12.42 52.93 -27.47
C ASP B 206 -12.64 52.57 -26.00
N LYS B 207 -13.69 53.15 -25.41
CA LYS B 207 -13.97 52.92 -24.00
C LYS B 207 -14.21 51.44 -23.72
N LYS B 208 -14.73 50.70 -24.70
CA LYS B 208 -14.94 49.27 -24.52
C LYS B 208 -13.62 48.56 -24.25
N LEU B 209 -12.58 48.91 -24.99
CA LEU B 209 -11.24 48.36 -24.75
C LEU B 209 -10.65 48.91 -23.47
N TRP B 210 -10.55 50.24 -23.38
CA TRP B 210 -9.84 50.88 -22.29
C TRP B 210 -10.32 50.39 -20.93
N ARG B 211 -11.63 50.21 -20.77
CA ARG B 211 -12.19 49.74 -19.49
C ARG B 211 -11.80 48.29 -19.15
N THR B 212 -10.95 47.57 -19.87
CA THR B 212 -10.54 46.23 -19.47
C THR B 212 -9.10 46.16 -19.00
N PHE B 213 -8.41 47.29 -18.90
CA PHE B 213 -7.02 47.31 -18.46
C PHE B 213 -6.97 47.32 -16.94
N PHE B 214 -6.81 46.13 -16.34
CA PHE B 214 -6.73 46.00 -14.90
C PHE B 214 -5.34 45.57 -14.48
N ILE B 215 -5.02 45.82 -13.22
CA ILE B 215 -3.75 45.41 -12.62
C ILE B 215 -3.96 44.07 -11.91
N SER B 216 -3.00 43.19 -12.05
CA SER B 216 -3.12 41.81 -11.60
C SER B 216 -2.60 41.67 -10.18
N PRO B 217 -2.83 40.52 -9.54
CA PRO B 217 -2.20 40.30 -8.22
C PRO B 217 -0.68 40.37 -8.27
N ALA B 218 -0.06 39.91 -9.37
CA ALA B 218 1.37 40.00 -9.54
C ALA B 218 1.85 41.40 -9.88
N ASN B 219 1.01 42.41 -9.68
CA ASN B 219 1.32 43.80 -10.03
C ASN B 219 1.67 43.95 -11.51
N ASN B 220 1.04 43.14 -12.37
CA ASN B 220 1.22 43.21 -13.81
C ASN B 220 0.02 43.90 -14.46
N ILE B 221 0.26 44.44 -15.65
CA ILE B 221 -0.79 45.12 -16.40
C ILE B 221 -1.46 44.12 -17.32
N CYS B 222 -2.77 43.99 -17.20
CA CYS B 222 -3.58 43.03 -17.94
C CYS B 222 -4.64 43.77 -18.74
N PHE B 223 -5.12 43.11 -19.79
CA PHE B 223 -6.31 43.57 -20.50
C PHE B 223 -6.85 42.42 -21.32
N TYR B 224 -8.14 42.49 -21.65
CA TYR B 224 -8.78 41.42 -22.41
C TYR B 224 -9.69 41.89 -23.54
N GLY B 225 -10.11 43.15 -23.58
CA GLY B 225 -10.89 43.53 -24.74
C GLY B 225 -12.32 42.99 -24.66
N GLU B 226 -12.99 43.02 -25.81
CA GLU B 226 -14.39 42.62 -25.86
C GLU B 226 -14.69 42.03 -27.24
N CYS B 227 -14.11 40.89 -27.53
CA CYS B 227 -14.43 40.16 -28.74
C CYS B 227 -15.41 39.04 -28.39
N SER B 228 -15.48 38.01 -29.22
CA SER B 228 -16.42 36.91 -29.03
C SER B 228 -15.76 35.67 -28.43
N TYR B 229 -14.68 35.19 -29.04
CA TYR B 229 -13.99 33.99 -28.59
C TYR B 229 -12.78 34.38 -27.75
N TYR B 230 -12.77 33.94 -26.49
CA TYR B 230 -11.60 34.07 -25.61
C TYR B 230 -11.32 35.53 -25.26
N CYS B 231 -12.31 36.23 -24.69
CA CYS B 231 -12.22 37.66 -24.42
C CYS B 231 -12.82 38.00 -23.06
N SER B 232 -12.35 37.31 -22.02
CA SER B 232 -12.75 37.58 -20.65
C SER B 232 -11.50 37.60 -19.78
N THR B 233 -11.72 37.79 -18.47
CA THR B 233 -10.60 37.93 -17.55
C THR B 233 -9.70 36.70 -17.56
N GLU B 234 -10.30 35.51 -17.72
CA GLU B 234 -9.52 34.29 -17.69
C GLU B 234 -8.54 34.18 -18.86
N HIS B 235 -8.77 34.93 -19.93
CA HIS B 235 -7.86 34.96 -21.08
C HIS B 235 -7.13 36.28 -21.19
N ALA B 236 -7.19 37.12 -20.16
CA ALA B 236 -6.61 38.45 -20.24
C ALA B 236 -5.12 38.38 -20.51
N LEU B 237 -4.69 39.07 -21.57
CA LEU B 237 -3.30 39.10 -21.96
C LEU B 237 -2.52 40.03 -21.03
N CYS B 238 -1.39 39.55 -20.54
CA CYS B 238 -0.70 40.21 -19.44
C CYS B 238 0.79 40.27 -19.70
N GLY B 239 1.38 41.45 -19.53
CA GLY B 239 2.82 41.61 -19.66
C GLY B 239 3.51 41.62 -18.30
N LYS B 240 4.83 41.48 -18.34
CA LYS B 240 5.66 41.53 -17.14
C LYS B 240 6.70 42.63 -17.31
N PRO B 241 6.41 43.85 -16.85
CA PRO B 241 5.11 44.12 -16.22
C PRO B 241 4.12 44.77 -17.18
N ASP B 242 4.58 45.32 -18.31
CA ASP B 242 3.73 46.16 -19.12
C ASP B 242 4.12 46.10 -20.59
N GLN B 243 4.38 44.91 -21.11
CA GLN B 243 4.63 44.79 -22.55
C GLN B 243 4.44 43.35 -22.99
N ILE B 244 3.57 43.14 -23.99
CA ILE B 244 3.46 41.85 -24.67
C ILE B 244 3.95 42.02 -26.10
N GLU B 245 4.01 40.92 -26.84
CA GLU B 245 4.38 40.94 -28.24
C GLU B 245 3.19 40.55 -29.11
N GLY B 246 3.21 41.03 -30.34
CA GLY B 246 2.17 40.72 -31.30
C GLY B 246 2.71 40.85 -32.70
N SER B 247 1.82 40.65 -33.68
CA SER B 247 2.19 40.70 -35.09
C SER B 247 1.38 41.80 -35.76
N LEU B 248 2.04 42.91 -36.08
CA LEU B 248 1.42 43.97 -36.87
C LEU B 248 1.35 43.53 -38.32
N ALA B 249 0.19 43.10 -38.77
CA ALA B 249 -0.04 42.75 -40.16
C ALA B 249 -0.46 44.01 -40.92
N ALA B 250 0.27 44.33 -41.98
CA ALA B 250 -0.03 45.53 -42.76
C ALA B 250 -1.46 45.49 -43.28
N PHE B 251 -2.06 46.66 -43.40
CA PHE B 251 -3.46 46.79 -43.78
C PHE B 251 -3.60 46.78 -45.29
N LEU B 252 -4.44 45.88 -45.80
CA LEU B 252 -4.85 45.96 -47.20
C LEU B 252 -5.52 47.30 -47.46
N PRO B 253 -5.57 47.73 -48.73
CA PRO B 253 -6.20 49.02 -49.01
C PRO B 253 -7.66 49.02 -48.58
N ASP B 254 -8.13 50.20 -48.17
CA ASP B 254 -9.49 50.33 -47.66
C ASP B 254 -10.49 49.92 -48.73
N LEU B 255 -11.55 49.21 -48.30
CA LEU B 255 -12.59 48.80 -49.23
C LEU B 255 -13.33 49.98 -49.85
N SER B 256 -13.12 51.20 -49.32
CA SER B 256 -13.74 52.37 -49.93
C SER B 256 -13.23 52.57 -51.36
N LEU B 257 -11.95 52.27 -51.59
CA LEU B 257 -11.32 52.47 -52.89
C LEU B 257 -10.77 51.18 -53.49
N ALA B 258 -11.19 50.03 -52.94
CA ALA B 258 -10.77 48.73 -53.50
C ALA B 258 -11.62 47.60 -52.93
N LYS B 259 -12.80 47.37 -53.51
CA LYS B 259 -13.67 46.32 -53.01
C LYS B 259 -13.03 44.96 -53.21
N ARG B 260 -13.39 44.00 -52.35
CA ARG B 260 -12.78 42.68 -52.37
C ARG B 260 -13.86 41.62 -52.26
N LYS B 261 -13.87 40.69 -53.22
CA LYS B 261 -14.78 39.56 -53.17
C LYS B 261 -14.43 38.65 -52.00
N THR B 262 -15.33 37.71 -51.70
CA THR B 262 -15.08 36.77 -50.62
C THR B 262 -15.79 35.46 -50.96
N TRP B 263 -15.01 34.46 -51.35
CA TRP B 263 -15.53 33.17 -51.79
C TRP B 263 -15.54 32.17 -50.64
N ARG B 264 -16.45 31.22 -50.74
CA ARG B 264 -16.56 30.12 -49.78
C ARG B 264 -15.80 28.94 -50.36
N ASN B 265 -14.67 28.60 -49.74
CA ASN B 265 -13.85 27.50 -50.24
C ASN B 265 -14.64 26.20 -50.18
N PRO B 266 -14.73 25.44 -51.27
CA PRO B 266 -15.60 24.26 -51.29
C PRO B 266 -15.12 23.11 -50.43
N TRP B 267 -13.98 23.25 -49.75
CA TRP B 267 -13.52 22.26 -48.78
C TRP B 267 -13.60 22.80 -47.35
N ARG B 268 -14.44 23.80 -47.10
CA ARG B 268 -14.63 24.29 -45.74
C ARG B 268 -15.14 23.15 -44.87
N ARG B 269 -14.70 23.13 -43.62
CA ARG B 269 -15.12 22.08 -42.71
C ARG B 269 -16.51 22.40 -42.16
N SER B 270 -17.13 21.38 -41.56
CA SER B 270 -18.50 21.53 -41.07
C SER B 270 -18.60 22.58 -39.97
N TYR B 271 -17.48 22.93 -39.33
CA TYR B 271 -17.48 23.81 -38.17
C TYR B 271 -18.57 23.42 -37.19
N HIS B 272 -18.56 22.13 -36.85
CA HIS B 272 -19.55 21.50 -36.00
C HIS B 272 -19.04 20.12 -35.64
N LYS B 273 -19.04 19.78 -34.36
CA LYS B 273 -18.65 18.44 -33.96
C LYS B 273 -19.68 17.43 -34.45
N ARG B 274 -19.21 16.18 -34.60
CA ARG B 274 -20.03 15.02 -34.98
C ARG B 274 -20.75 15.20 -36.33
N LYS B 275 -20.36 16.18 -37.14
CA LYS B 275 -20.98 16.43 -38.44
C LYS B 275 -19.90 16.48 -39.50
N LYS B 276 -20.02 15.66 -40.53
CA LYS B 276 -19.03 15.64 -41.60
C LYS B 276 -19.46 16.60 -42.71
N ALA B 277 -18.48 17.04 -43.51
CA ALA B 277 -18.68 18.14 -44.45
C ALA B 277 -18.67 17.67 -45.91
N GLU B 278 -19.34 16.57 -46.20
CA GLU B 278 -19.51 16.03 -47.55
C GLU B 278 -18.20 15.57 -48.18
N TRP B 279 -17.25 16.48 -48.41
CA TRP B 279 -15.98 16.07 -49.00
C TRP B 279 -15.23 15.07 -48.12
N GLU B 280 -15.64 14.90 -46.88
CA GLU B 280 -15.15 13.82 -46.04
C GLU B 280 -15.87 12.51 -46.30
N VAL B 281 -16.85 12.49 -47.20
CA VAL B 281 -17.56 11.28 -47.56
C VAL B 281 -17.45 10.94 -49.04
N ASP B 282 -17.23 11.93 -49.91
CA ASP B 282 -17.16 11.69 -51.35
C ASP B 282 -15.71 11.68 -51.79
N PRO B 283 -15.15 10.55 -52.20
CA PRO B 283 -13.71 10.51 -52.55
C PRO B 283 -13.37 11.22 -53.84
N ASP B 284 -14.32 11.42 -54.75
CA ASP B 284 -14.09 12.17 -55.98
C ASP B 284 -14.98 13.40 -56.01
N TYR B 285 -15.15 14.04 -54.84
CA TYR B 285 -15.92 15.27 -54.73
C TYR B 285 -15.34 16.36 -55.63
N CYS B 286 -14.05 16.26 -55.96
CA CYS B 286 -13.43 17.25 -56.84
C CYS B 286 -13.98 17.20 -58.25
N GLU B 287 -14.59 16.08 -58.67
CA GLU B 287 -15.18 16.03 -59.99
C GLU B 287 -16.36 16.99 -60.10
N GLU B 288 -17.01 17.28 -58.98
CA GLU B 288 -18.09 18.25 -58.99
C GLU B 288 -17.57 19.69 -58.98
N VAL B 289 -16.49 19.95 -58.23
CA VAL B 289 -16.01 21.31 -58.10
C VAL B 289 -15.36 21.78 -59.40
N LYS B 290 -14.80 20.86 -60.19
CA LYS B 290 -14.25 21.27 -61.47
C LYS B 290 -15.34 21.59 -62.50
N GLN B 291 -16.61 21.49 -62.13
CA GLN B 291 -17.74 21.72 -63.02
C GLN B 291 -18.77 22.66 -62.40
N THR B 292 -18.32 23.48 -61.43
CA THR B 292 -19.12 24.45 -60.71
C THR B 292 -18.98 25.81 -61.39
N PRO B 293 -19.60 26.89 -60.91
CA PRO B 293 -19.63 28.14 -61.71
C PRO B 293 -18.24 28.64 -62.08
N PRO B 294 -17.34 28.95 -61.10
CA PRO B 294 -16.04 29.50 -61.51
C PRO B 294 -14.90 28.50 -61.45
N TYR B 295 -15.01 27.48 -60.61
CA TYR B 295 -13.92 26.54 -60.40
C TYR B 295 -13.66 25.64 -61.61
N ASP B 296 -14.35 25.83 -62.73
CA ASP B 296 -14.08 25.10 -63.96
C ASP B 296 -13.00 25.76 -64.82
N SER B 297 -12.47 26.91 -64.41
CA SER B 297 -11.40 27.56 -65.13
C SER B 297 -10.06 27.08 -64.60
N SER B 298 -9.10 26.89 -65.52
CA SER B 298 -7.81 26.30 -65.15
C SER B 298 -7.05 27.20 -64.18
N HIS B 299 -7.15 28.52 -64.36
CA HIS B 299 -6.47 29.44 -63.45
C HIS B 299 -7.08 29.45 -62.05
N ARG B 300 -8.25 28.85 -61.86
CA ARG B 300 -8.93 28.86 -60.57
C ARG B 300 -8.77 27.55 -59.80
N ILE B 301 -8.97 26.42 -60.47
CA ILE B 301 -8.79 25.11 -59.84
C ILE B 301 -7.37 24.97 -59.31
N LEU B 302 -6.44 25.77 -59.82
CA LEU B 302 -5.04 25.76 -59.38
C LEU B 302 -4.79 26.68 -58.18
N ASP B 303 -5.41 27.86 -58.16
CA ASP B 303 -5.21 28.79 -57.04
C ASP B 303 -5.49 28.12 -55.70
N VAL B 304 -6.48 27.23 -55.66
CA VAL B 304 -6.77 26.52 -54.42
C VAL B 304 -5.65 25.56 -54.07
N MET B 305 -5.02 24.96 -55.08
CA MET B 305 -3.97 23.98 -54.82
C MET B 305 -2.78 24.64 -54.14
N ASP B 306 -2.29 25.75 -54.70
CA ASP B 306 -1.21 26.47 -54.02
C ASP B 306 -1.62 26.87 -52.62
N MET B 307 -2.90 27.18 -52.40
CA MET B 307 -3.35 27.56 -51.07
C MET B 307 -3.29 26.39 -50.10
N THR B 308 -3.76 25.22 -50.53
CA THR B 308 -3.82 24.08 -49.61
C THR B 308 -2.43 23.58 -49.25
N ILE B 309 -1.51 23.58 -50.22
CA ILE B 309 -0.12 23.24 -49.90
C ILE B 309 0.45 24.23 -48.90
N PHE B 310 0.06 25.50 -49.03
CA PHE B 310 0.42 26.50 -48.02
C PHE B 310 -0.16 26.14 -46.65
N ASP B 311 -1.48 25.92 -46.60
CA ASP B 311 -2.13 25.65 -45.31
C ASP B 311 -1.59 24.37 -44.68
N PHE B 312 -1.40 23.31 -45.46
CA PHE B 312 -0.94 22.06 -44.88
C PHE B 312 0.48 22.17 -44.35
N LEU B 313 1.32 22.99 -44.98
CA LEU B 313 2.67 23.19 -44.46
C LEU B 313 2.62 23.81 -43.07
N MET B 314 1.59 24.61 -42.78
CA MET B 314 1.44 25.25 -41.48
C MET B 314 0.49 24.53 -40.54
N GLY B 315 -0.42 23.72 -41.05
CA GLY B 315 -1.44 23.13 -40.22
C GLY B 315 -2.68 23.99 -40.04
N ASN B 316 -2.94 24.91 -40.96
CA ASN B 316 -4.05 25.86 -40.83
C ASN B 316 -5.30 25.25 -41.43
N MET B 317 -6.09 24.58 -40.60
CA MET B 317 -7.34 23.96 -41.06
C MET B 317 -8.53 24.89 -40.92
N ASP B 318 -8.32 26.20 -40.97
CA ASP B 318 -9.36 27.20 -40.76
C ASP B 318 -9.52 28.10 -41.97
N ARG B 319 -9.36 27.54 -43.17
CA ARG B 319 -9.50 28.30 -44.41
C ARG B 319 -10.91 28.09 -44.97
N HIS B 320 -11.88 28.67 -44.26
CA HIS B 320 -13.28 28.54 -44.65
C HIS B 320 -13.64 29.47 -45.80
N HIS B 321 -12.97 30.62 -45.92
CA HIS B 321 -13.25 31.59 -46.96
C HIS B 321 -11.94 32.16 -47.49
N TYR B 322 -11.99 32.66 -48.72
CA TYR B 322 -10.85 33.36 -49.31
C TYR B 322 -11.36 34.52 -50.13
N GLU B 323 -10.49 35.48 -50.42
CA GLU B 323 -10.87 36.76 -50.99
C GLU B 323 -10.12 37.04 -52.29
N THR B 324 -10.81 37.70 -53.22
CA THR B 324 -10.20 38.13 -54.48
C THR B 324 -9.91 39.63 -54.44
N PHE B 325 -10.07 40.31 -55.58
CA PHE B 325 -9.86 41.76 -55.61
C PHE B 325 -10.86 42.53 -56.46
N GLU B 326 -11.89 41.87 -57.01
CA GLU B 326 -13.03 42.53 -57.64
C GLU B 326 -12.65 43.29 -58.91
N LYS B 327 -11.95 44.43 -58.78
CA LYS B 327 -11.40 45.12 -59.94
C LYS B 327 -10.66 44.18 -60.87
N PHE B 328 -10.45 42.94 -60.46
CA PHE B 328 -9.64 41.95 -61.14
C PHE B 328 -10.43 40.75 -61.61
N GLY B 329 -11.62 40.53 -61.05
CA GLY B 329 -12.53 39.51 -61.55
C GLY B 329 -12.15 38.14 -61.05
N ASN B 330 -12.24 37.14 -61.91
CA ASN B 330 -12.01 35.75 -61.55
C ASN B 330 -10.65 35.22 -62.02
N GLU B 331 -9.83 36.07 -62.61
CA GLU B 331 -8.55 35.70 -63.20
C GLU B 331 -7.46 36.44 -62.46
N THR B 332 -7.32 36.15 -61.16
CA THR B 332 -6.22 36.69 -60.36
C THR B 332 -5.81 35.69 -59.28
N PHE B 333 -4.90 36.15 -58.42
CA PHE B 333 -4.44 35.43 -57.27
C PHE B 333 -5.49 35.51 -56.16
N ILE B 334 -5.26 34.70 -55.14
CA ILE B 334 -6.12 34.62 -53.97
C ILE B 334 -5.32 35.12 -52.78
N ILE B 335 -5.91 36.04 -52.01
CA ILE B 335 -5.22 36.65 -50.88
C ILE B 335 -5.21 35.67 -49.72
N HIS B 336 -4.01 35.29 -49.27
CA HIS B 336 -3.85 34.43 -48.10
C HIS B 336 -3.89 35.32 -46.85
N LEU B 337 -5.06 35.41 -46.23
CA LEU B 337 -5.27 36.22 -45.04
C LEU B 337 -5.62 35.32 -43.87
N ASP B 338 -5.54 35.89 -42.66
CA ASP B 338 -5.95 35.22 -41.42
C ASP B 338 -5.28 33.85 -41.29
N ASN B 339 -3.96 33.87 -41.32
CA ASN B 339 -3.16 32.66 -41.23
C ASN B 339 -2.72 32.36 -39.79
N GLY B 340 -3.48 32.83 -38.80
CA GLY B 340 -3.05 32.74 -37.43
C GLY B 340 -3.28 31.40 -36.75
N ARG B 341 -4.01 30.50 -37.38
CA ARG B 341 -4.34 29.22 -36.77
C ARG B 341 -3.40 28.11 -37.19
N GLY B 342 -2.19 28.45 -37.65
CA GLY B 342 -1.18 27.48 -37.97
C GLY B 342 -0.09 27.42 -36.91
N PHE B 343 0.88 26.54 -37.16
CA PHE B 343 2.05 26.39 -36.29
C PHE B 343 1.64 26.19 -34.83
N GLY B 344 0.50 25.54 -34.60
CA GLY B 344 0.05 25.27 -33.26
C GLY B 344 0.37 23.85 -32.81
N LYS B 345 0.79 23.02 -33.76
CA LYS B 345 1.17 21.64 -33.46
C LYS B 345 2.45 21.33 -34.23
N TYR B 346 3.48 20.89 -33.52
CA TYR B 346 4.72 20.49 -34.17
C TYR B 346 4.89 18.98 -34.22
N SER B 347 4.18 18.24 -33.38
CA SER B 347 4.23 16.77 -33.39
C SER B 347 3.06 16.16 -34.14
N HIS B 348 2.56 16.84 -35.17
CA HIS B 348 1.37 16.39 -35.86
C HIS B 348 1.33 17.03 -37.24
N ASP B 349 0.95 16.24 -38.24
CA ASP B 349 0.71 16.72 -39.60
C ASP B 349 -0.74 16.39 -39.93
N GLU B 350 -1.58 17.41 -40.11
CA GLU B 350 -3.01 17.21 -40.33
C GLU B 350 -3.25 16.93 -41.81
N LEU B 351 -3.31 15.64 -42.18
CA LEU B 351 -3.50 15.27 -43.57
C LEU B 351 -4.85 15.70 -44.13
N SER B 352 -5.87 15.87 -43.29
CA SER B 352 -7.17 16.31 -43.79
C SER B 352 -7.10 17.65 -44.51
N ILE B 353 -6.07 18.46 -44.23
CA ILE B 353 -5.91 19.74 -44.92
C ILE B 353 -5.58 19.50 -46.39
N LEU B 354 -4.80 18.47 -46.68
CA LEU B 354 -4.34 18.19 -48.03
C LEU B 354 -5.38 17.51 -48.90
N VAL B 355 -6.56 17.18 -48.37
CA VAL B 355 -7.56 16.49 -49.17
C VAL B 355 -7.89 17.23 -50.45
N PRO B 356 -7.93 18.56 -50.53
CA PRO B 356 -8.17 19.20 -51.84
C PRO B 356 -7.16 18.82 -52.92
N LEU B 357 -5.89 18.59 -52.55
CA LEU B 357 -4.91 18.13 -53.52
C LEU B 357 -5.11 16.66 -53.87
N GLN B 358 -5.37 15.82 -52.86
CA GLN B 358 -5.56 14.39 -53.11
C GLN B 358 -6.79 14.11 -53.96
N GLN B 359 -7.82 14.96 -53.88
CA GLN B 359 -9.04 14.72 -54.64
C GLN B 359 -8.94 15.25 -56.06
N CYS B 360 -8.49 16.51 -56.22
CA CYS B 360 -8.40 17.09 -57.54
C CYS B 360 -7.19 16.59 -58.31
N CYS B 361 -6.11 16.22 -57.60
CA CYS B 361 -4.89 15.70 -58.20
C CYS B 361 -4.42 16.60 -59.33
N ARG B 362 -4.21 17.87 -59.00
CA ARG B 362 -3.71 18.84 -59.96
C ARG B 362 -2.84 19.84 -59.21
N ILE B 363 -1.74 20.26 -59.83
CA ILE B 363 -0.79 21.18 -59.23
C ILE B 363 -0.15 22.00 -60.33
N ARG B 364 0.37 23.18 -59.97
CA ARG B 364 1.09 24.02 -60.92
C ARG B 364 2.54 23.55 -60.96
N LYS B 365 3.09 23.42 -62.18
CA LYS B 365 4.50 23.05 -62.30
C LYS B 365 5.40 24.11 -61.71
N SER B 366 4.97 25.38 -61.75
CA SER B 366 5.69 26.45 -61.06
C SER B 366 6.02 26.05 -59.63
N THR B 367 5.00 25.75 -58.83
CA THR B 367 5.25 25.40 -57.43
C THR B 367 5.86 24.01 -57.28
N TYR B 368 5.59 23.10 -58.23
CA TYR B 368 6.15 21.75 -58.13
C TYR B 368 7.67 21.79 -58.15
N LEU B 369 8.25 22.46 -59.14
CA LEU B 369 9.70 22.60 -59.19
C LEU B 369 10.24 23.35 -57.99
N ARG B 370 9.46 24.30 -57.46
CA ARG B 370 9.85 24.95 -56.21
C ARG B 370 9.84 23.95 -55.07
N LEU B 371 8.70 23.30 -54.84
CA LEU B 371 8.56 22.38 -53.71
C LEU B 371 9.64 21.30 -53.71
N GLN B 372 10.12 20.90 -54.89
CA GLN B 372 11.26 20.00 -54.92
C GLN B 372 12.51 20.68 -54.39
N LEU B 373 12.82 21.87 -54.91
CA LEU B 373 14.04 22.57 -54.54
C LEU B 373 14.08 22.85 -53.04
N LEU B 374 12.93 23.15 -52.44
CA LEU B 374 12.85 23.40 -51.00
C LEU B 374 13.11 22.16 -50.17
N ALA B 375 13.21 20.98 -50.79
CA ALA B 375 13.49 19.74 -50.06
C ALA B 375 14.98 19.39 -50.06
N LYS B 376 15.75 19.92 -51.00
CA LYS B 376 17.18 19.65 -51.06
C LYS B 376 17.90 20.40 -49.94
N GLU B 377 18.89 19.73 -49.32
CA GLU B 377 19.53 20.31 -48.14
C GLU B 377 20.22 21.64 -48.44
N GLU B 378 20.56 21.91 -49.70
CA GLU B 378 21.16 23.19 -50.04
C GLU B 378 20.14 24.32 -50.15
N TYR B 379 18.87 23.98 -50.32
CA TYR B 379 17.77 24.93 -50.38
C TYR B 379 16.66 24.53 -49.43
N LYS B 380 17.03 24.06 -48.24
CA LYS B 380 16.08 23.41 -47.34
C LYS B 380 15.15 24.42 -46.67
N LEU B 381 13.86 24.05 -46.59
CA LEU B 381 12.87 24.93 -45.95
C LEU B 381 13.27 25.29 -44.53
N SER B 382 13.79 24.32 -43.78
CA SER B 382 14.22 24.54 -42.40
C SER B 382 15.17 25.73 -42.32
N LEU B 383 16.35 25.57 -42.91
CA LEU B 383 17.39 26.58 -42.81
C LEU B 383 17.01 27.87 -43.54
N LEU B 384 16.16 27.78 -44.56
CA LEU B 384 15.73 28.98 -45.27
C LEU B 384 14.79 29.82 -44.41
N MET B 385 13.80 29.18 -43.81
CA MET B 385 12.83 29.91 -43.01
C MET B 385 13.47 30.44 -41.73
N ALA B 386 14.22 29.58 -41.03
CA ALA B 386 14.88 30.00 -39.80
C ALA B 386 15.73 31.25 -40.01
N GLU B 387 16.32 31.39 -41.19
CA GLU B 387 17.10 32.59 -41.48
C GLU B 387 16.21 33.77 -41.86
N SER B 388 15.20 33.53 -42.70
CA SER B 388 14.29 34.61 -43.07
C SER B 388 13.57 35.18 -41.86
N LEU B 389 13.35 34.36 -40.82
CA LEU B 389 12.71 34.78 -39.59
C LEU B 389 13.70 35.25 -38.54
N ARG B 390 14.98 35.36 -38.88
CA ARG B 390 15.98 35.78 -37.90
C ARG B 390 15.92 37.27 -37.62
N GLY B 391 15.37 38.06 -38.55
CA GLY B 391 15.23 39.48 -38.33
C GLY B 391 13.78 39.92 -38.23
N ASP B 392 13.20 39.78 -37.02
CA ASP B 392 11.81 40.16 -36.83
C ASP B 392 11.56 40.83 -35.48
N GLN B 393 12.60 41.17 -34.72
CA GLN B 393 12.48 41.84 -33.42
C GLN B 393 11.83 40.94 -32.38
N VAL B 394 10.96 40.02 -32.84
CA VAL B 394 10.35 39.04 -31.97
C VAL B 394 10.98 37.67 -32.11
N ALA B 395 12.05 37.57 -32.91
CA ALA B 395 12.68 36.29 -33.18
C ALA B 395 13.23 35.68 -31.89
N PRO B 396 13.30 34.34 -31.79
CA PRO B 396 12.82 33.38 -32.79
C PRO B 396 11.30 33.30 -32.84
N VAL B 397 10.74 33.51 -34.04
CA VAL B 397 9.28 33.50 -34.15
C VAL B 397 8.73 32.08 -34.10
N LEU B 398 9.54 31.07 -34.44
CA LEU B 398 9.09 29.68 -34.48
C LEU B 398 9.95 28.84 -33.56
N TYR B 399 9.29 28.11 -32.66
CA TYR B 399 9.95 27.04 -31.92
C TYR B 399 10.57 26.07 -32.91
N GLN B 400 11.81 25.68 -32.65
CA GLN B 400 12.60 24.95 -33.64
C GLN B 400 11.88 23.77 -34.28
N PRO B 401 11.25 22.85 -33.55
CA PRO B 401 10.65 21.68 -34.21
C PRO B 401 9.58 22.02 -35.24
N HIS B 402 9.08 23.26 -35.27
CA HIS B 402 8.18 23.65 -36.35
C HIS B 402 8.95 23.82 -37.66
N LEU B 403 10.12 24.46 -37.60
CA LEU B 403 10.96 24.56 -38.79
C LEU B 403 11.36 23.18 -39.29
N GLU B 404 11.62 22.24 -38.37
CA GLU B 404 11.90 20.87 -38.77
C GLU B 404 10.67 20.22 -39.38
N ALA B 405 9.50 20.38 -38.74
CA ALA B 405 8.27 19.83 -39.29
C ALA B 405 7.96 20.41 -40.67
N LEU B 406 8.29 21.68 -40.90
CA LEU B 406 8.05 22.32 -42.18
C LEU B 406 8.64 21.51 -43.34
N ASP B 407 9.72 20.77 -43.09
CA ASP B 407 10.30 19.93 -44.13
C ASP B 407 9.57 18.59 -44.25
N ARG B 408 9.28 17.96 -43.12
CA ARG B 408 8.51 16.72 -43.14
C ARG B 408 7.16 16.93 -43.84
N ARG B 409 6.53 18.09 -43.62
CA ARG B 409 5.29 18.38 -44.33
C ARG B 409 5.53 18.58 -45.83
N LEU B 410 6.74 19.00 -46.21
CA LEU B 410 7.00 19.23 -47.62
C LEU B 410 7.14 17.92 -48.39
N ARG B 411 7.75 16.90 -47.78
CA ARG B 411 7.95 15.65 -48.48
C ARG B 411 6.65 14.86 -48.61
N VAL B 412 5.70 15.05 -47.67
CA VAL B 412 4.43 14.37 -47.83
C VAL B 412 3.56 15.07 -48.87
N VAL B 413 3.71 16.39 -49.01
CA VAL B 413 3.09 17.09 -50.15
C VAL B 413 3.73 16.63 -51.45
N LEU B 414 5.06 16.57 -51.47
CA LEU B 414 5.79 16.16 -52.67
C LEU B 414 5.47 14.71 -53.02
N LYS B 415 5.35 13.84 -52.01
CA LYS B 415 4.99 12.46 -52.28
C LYS B 415 3.52 12.34 -52.69
N ALA B 416 2.69 13.29 -52.28
CA ALA B 416 1.28 13.26 -52.66
C ALA B 416 1.10 13.58 -54.13
N VAL B 417 1.91 14.47 -54.67
CA VAL B 417 1.88 14.72 -56.11
C VAL B 417 2.28 13.46 -56.87
N ARG B 418 3.25 12.71 -56.34
CA ARG B 418 3.65 11.47 -56.98
C ARG B 418 2.54 10.42 -56.95
N ASP B 419 1.73 10.40 -55.89
CA ASP B 419 0.59 9.48 -55.87
C ASP B 419 -0.46 9.88 -56.90
N CYS B 420 -0.59 11.19 -57.17
CA CYS B 420 -1.48 11.65 -58.23
C CYS B 420 -0.89 11.43 -59.62
N VAL B 421 0.44 11.42 -59.73
CA VAL B 421 1.07 11.37 -61.04
C VAL B 421 1.08 9.94 -61.60
N GLU B 422 1.15 8.94 -60.72
CA GLU B 422 1.12 7.55 -61.17
C GLU B 422 -0.28 7.00 -61.31
N ARG B 423 -1.29 7.75 -60.86
CA ARG B 423 -2.68 7.36 -60.98
C ARG B 423 -3.42 8.14 -62.07
N ASN B 424 -3.02 9.39 -62.33
CA ASN B 424 -3.63 10.19 -63.37
C ASN B 424 -2.68 10.61 -64.49
N GLY B 425 -1.42 10.17 -64.46
CA GLY B 425 -0.44 10.60 -65.42
C GLY B 425 0.19 11.93 -65.04
N LEU B 426 1.22 12.32 -65.78
CA LEU B 426 1.91 13.57 -65.47
C LEU B 426 1.24 14.77 -66.14
N HIS B 427 1.17 14.77 -67.46
CA HIS B 427 0.65 15.91 -68.21
C HIS B 427 -0.77 16.30 -67.82
N SER B 428 -1.45 15.47 -67.01
CA SER B 428 -2.81 15.76 -66.55
C SER B 428 -2.84 16.08 -65.05
N VAL B 429 -1.71 16.45 -64.48
CA VAL B 429 -1.62 16.76 -63.05
C VAL B 429 -0.86 18.05 -62.86
N VAL B 430 0.06 18.36 -63.78
CA VAL B 430 0.87 19.56 -63.70
C VAL B 430 0.52 20.46 -64.88
N ASP B 431 0.13 21.69 -64.58
CA ASP B 431 -0.03 22.72 -65.60
C ASP B 431 1.34 23.29 -65.96
N ASP B 432 1.41 23.99 -67.09
CA ASP B 432 2.68 24.46 -67.63
C ASP B 432 2.77 25.97 -67.59
N ASP B 433 3.95 26.48 -67.21
CA ASP B 433 4.23 27.92 -67.17
C ASP B 433 5.67 28.12 -67.65
N LEU B 434 5.83 28.55 -68.90
CA LEU B 434 7.16 28.73 -69.49
C LEU B 434 7.09 29.56 -70.77
N ASP B 435 7.00 30.88 -70.63
CA ASP B 435 6.81 31.76 -71.80
C ASP B 435 8.07 32.53 -72.16
N SER C 27 -15.43 -4.92 -0.61
CA SER C 27 -14.07 -5.36 -0.34
C SER C 27 -13.67 -5.06 1.11
N SER C 28 -12.72 -5.85 1.61
CA SER C 28 -12.24 -5.76 2.99
C SER C 28 -13.35 -6.01 4.00
N LYS C 29 -13.60 -7.28 4.33
CA LYS C 29 -14.59 -7.62 5.35
C LYS C 29 -14.17 -7.15 6.73
N LEU C 30 -12.88 -6.90 6.94
CA LEU C 30 -12.41 -6.45 8.24
C LEU C 30 -12.94 -5.06 8.57
N GLN C 31 -12.75 -4.10 7.65
CA GLN C 31 -13.25 -2.76 7.87
C GLN C 31 -14.77 -2.76 8.07
N ALA C 32 -15.48 -3.61 7.32
CA ALA C 32 -16.91 -3.73 7.50
C ALA C 32 -17.27 -4.14 8.92
N LEU C 33 -16.42 -4.95 9.56
CA LEU C 33 -16.69 -5.42 10.92
C LEU C 33 -16.69 -4.26 11.91
N PHE C 34 -15.58 -3.53 11.98
CA PHE C 34 -15.46 -2.45 12.96
C PHE C 34 -16.32 -1.24 12.60
N ALA C 35 -16.77 -1.14 11.34
CA ALA C 35 -17.65 -0.05 10.94
C ALA C 35 -19.11 -0.43 11.06
N HIS C 36 -19.41 -1.56 11.69
CA HIS C 36 -20.76 -2.05 11.90
C HIS C 36 -21.38 -1.40 13.14
N PRO C 37 -22.71 -1.24 13.17
CA PRO C 37 -23.35 -0.66 14.37
C PRO C 37 -22.97 -1.34 15.67
N LEU C 38 -22.74 -2.66 15.67
CA LEU C 38 -22.39 -3.35 16.91
C LEU C 38 -21.09 -2.80 17.48
N TYR C 39 -20.04 -2.75 16.66
CA TYR C 39 -18.74 -2.24 17.09
C TYR C 39 -18.68 -0.71 17.15
N ASN C 40 -19.76 -0.08 17.61
CA ASN C 40 -19.83 1.38 17.65
C ASN C 40 -20.77 1.87 18.75
N VAL C 41 -21.76 1.05 19.10
CA VAL C 41 -22.70 1.44 20.17
C VAL C 41 -21.93 1.62 21.47
N PRO C 42 -22.21 2.66 22.26
CA PRO C 42 -21.50 2.83 23.53
C PRO C 42 -21.74 1.65 24.46
N GLU C 43 -20.79 1.41 25.35
CA GLU C 43 -20.83 0.26 26.25
C GLU C 43 -21.37 0.70 27.61
N GLU C 44 -22.30 -0.09 28.14
CA GLU C 44 -22.94 0.22 29.42
C GLU C 44 -22.45 -0.74 30.49
N PRO C 45 -22.27 -0.28 31.75
CA PRO C 45 -22.38 1.13 32.16
C PRO C 45 -21.19 1.96 31.67
N PRO C 46 -21.35 3.27 31.57
CA PRO C 46 -20.22 4.13 31.17
C PRO C 46 -19.27 4.34 32.32
N LEU C 47 -18.10 4.90 31.99
CA LEU C 47 -17.01 5.05 32.94
C LEU C 47 -16.97 6.48 33.46
N LEU C 48 -17.05 6.62 34.78
CA LEU C 48 -16.87 7.94 35.40
C LEU C 48 -15.44 8.43 35.25
N GLY C 49 -14.48 7.51 35.20
CA GLY C 49 -13.07 7.85 35.24
C GLY C 49 -12.52 7.71 36.65
N ALA C 50 -11.21 7.96 36.76
CA ALA C 50 -10.51 7.91 38.04
C ALA C 50 -10.64 6.55 38.73
N GLU C 51 -11.88 6.15 39.02
CA GLU C 51 -12.13 4.85 39.64
C GLU C 51 -12.43 3.76 38.63
N ASP C 52 -12.42 4.08 37.34
CA ASP C 52 -12.61 3.09 36.28
C ASP C 52 -11.40 2.99 35.36
N SER C 53 -10.26 3.53 35.79
CA SER C 53 -8.98 3.34 35.14
C SER C 53 -8.04 2.75 36.19
N LEU C 54 -7.69 1.47 36.02
CA LEU C 54 -6.98 0.76 37.08
C LEU C 54 -5.67 1.44 37.44
N LEU C 55 -5.08 2.18 36.51
CA LEU C 55 -3.85 2.92 36.79
C LEU C 55 -4.19 4.37 37.10
N ALA C 56 -3.73 4.86 38.24
CA ALA C 56 -3.81 6.27 38.58
C ALA C 56 -2.61 6.99 37.95
N SER C 57 -2.89 8.05 37.18
CA SER C 57 -1.87 8.65 36.33
C SER C 57 -0.68 9.15 37.15
N GLN C 58 -0.94 10.05 38.09
CA GLN C 58 0.16 10.68 38.82
C GLN C 58 1.01 9.66 39.57
N GLU C 59 0.37 8.61 40.10
CA GLU C 59 1.13 7.59 40.83
C GLU C 59 1.95 6.72 39.87
N ALA C 60 1.33 6.26 38.79
CA ALA C 60 2.01 5.36 37.86
C ALA C 60 3.24 6.00 37.26
N LEU C 61 3.12 7.25 36.80
CA LEU C 61 4.25 7.94 36.18
C LEU C 61 5.43 8.06 37.15
N ARG C 62 5.14 8.34 38.42
CA ARG C 62 6.22 8.42 39.41
C ARG C 62 6.93 7.08 39.55
N TYR C 63 6.17 6.00 39.67
CA TYR C 63 6.75 4.66 39.78
C TYR C 63 7.61 4.34 38.56
N TYR C 64 7.04 4.49 37.36
CA TYR C 64 7.79 4.20 36.14
C TYR C 64 9.01 5.11 36.02
N ARG C 65 8.88 6.36 36.44
CA ARG C 65 10.03 7.27 36.38
C ARG C 65 11.13 6.83 37.33
N ARG C 66 10.78 6.19 38.44
CA ARG C 66 11.80 5.67 39.35
C ARG C 66 12.47 4.42 38.79
N LYS C 67 11.67 3.51 38.23
CA LYS C 67 12.25 2.32 37.60
C LYS C 67 13.17 2.69 36.45
N VAL C 68 12.90 3.81 35.77
CA VAL C 68 13.80 4.29 34.74
C VAL C 68 15.09 4.83 35.36
N ALA C 69 14.96 5.55 36.48
CA ALA C 69 16.15 6.05 37.15
C ALA C 69 17.02 4.92 37.70
N ARG C 70 16.38 3.90 38.29
CA ARG C 70 17.15 2.77 38.82
C ARG C 70 17.81 1.99 37.70
N TRP C 71 17.13 1.84 36.57
CA TRP C 71 17.71 1.11 35.45
C TRP C 71 18.96 1.82 34.94
N ASN C 72 18.88 3.13 34.76
CA ASN C 72 20.03 3.90 34.26
C ASN C 72 21.23 3.73 35.16
N ARG C 73 21.03 3.77 36.48
CA ARG C 73 22.10 3.59 37.44
C ARG C 73 22.72 2.21 37.30
N ARG C 74 21.93 1.17 37.60
CA ARG C 74 22.41 -0.20 37.65
C ARG C 74 22.84 -0.74 36.28
N HIS C 75 22.46 -0.07 35.19
CA HIS C 75 22.96 -0.45 33.87
C HIS C 75 24.32 0.16 33.60
N LYS C 76 24.49 1.45 33.95
CA LYS C 76 25.79 2.08 33.81
C LYS C 76 26.87 1.33 34.59
N MET C 77 26.54 0.91 35.81
CA MET C 77 27.51 0.18 36.63
C MET C 77 27.93 -1.13 35.96
N TYR C 78 26.97 -1.88 35.40
CA TYR C 78 27.31 -3.08 34.65
C TYR C 78 28.24 -2.75 33.49
N ARG C 79 28.01 -1.62 32.82
CA ARG C 79 28.88 -1.22 31.71
C ARG C 79 30.27 -0.83 32.20
N GLU C 80 30.36 -0.35 33.45
CA GLU C 80 31.66 0.02 34.00
C GLU C 80 32.45 -1.21 34.46
N GLN C 81 31.76 -2.20 35.03
CA GLN C 81 32.42 -3.43 35.45
C GLN C 81 32.98 -4.20 34.26
N MET C 82 32.17 -4.37 33.21
CA MET C 82 32.57 -5.08 32.01
C MET C 82 33.37 -4.22 31.04
N ASN C 83 33.78 -3.02 31.46
CA ASN C 83 34.57 -2.10 30.64
C ASN C 83 33.89 -1.81 29.31
N LEU C 84 32.92 -0.89 29.33
CA LEU C 84 32.30 -0.40 28.11
C LEU C 84 32.02 1.08 28.31
N THR C 85 32.56 1.91 27.40
CA THR C 85 32.30 3.34 27.45
C THR C 85 30.81 3.61 27.47
N SER C 86 30.37 4.38 28.46
CA SER C 86 28.96 4.72 28.60
C SER C 86 28.53 5.71 27.52
N LEU C 87 28.72 5.36 26.25
CA LEU C 87 28.22 6.15 25.12
C LEU C 87 26.72 6.39 25.25
N ASP C 88 26.21 7.40 24.55
CA ASP C 88 24.81 7.74 24.47
C ASP C 88 24.29 8.29 25.81
N PRO C 89 23.19 9.02 25.81
CA PRO C 89 22.65 9.56 27.05
C PRO C 89 21.87 8.48 27.81
N PRO C 90 21.38 8.78 29.01
CA PRO C 90 20.57 7.79 29.73
C PRO C 90 19.16 7.72 29.17
N LEU C 91 18.44 6.71 29.65
CA LEU C 91 17.05 6.52 29.26
C LEU C 91 16.21 7.71 29.72
N GLN C 92 15.26 8.11 28.88
CA GLN C 92 14.29 9.15 29.20
C GLN C 92 12.91 8.54 29.17
N LEU C 93 12.13 8.74 30.24
CA LEU C 93 10.78 8.21 30.33
C LEU C 93 9.84 9.26 29.76
N ARG C 94 9.27 8.97 28.59
CA ARG C 94 8.34 9.89 27.92
C ARG C 94 6.92 9.36 28.01
N LEU C 95 6.00 10.25 28.37
CA LEU C 95 4.58 9.89 28.44
C LEU C 95 4.06 9.40 27.10
N GLU C 96 4.65 9.89 26.00
CA GLU C 96 4.20 9.53 24.67
C GLU C 96 4.58 8.11 24.27
N ALA C 97 5.25 7.36 25.14
CA ALA C 97 5.58 5.99 24.82
C ALA C 97 4.31 5.15 24.77
N SER C 98 4.35 4.09 23.95
CA SER C 98 3.15 3.30 23.71
C SER C 98 2.73 2.54 24.97
N TRP C 99 3.66 1.82 25.59
CA TRP C 99 3.31 1.02 26.77
C TRP C 99 2.75 1.88 27.89
N VAL C 100 3.26 3.10 28.05
CA VAL C 100 2.72 4.02 29.04
C VAL C 100 1.25 4.30 28.75
N GLN C 101 0.97 4.78 27.54
CA GLN C 101 -0.40 5.09 27.16
C GLN C 101 -1.27 3.84 27.09
N PHE C 102 -0.66 2.68 26.83
CA PHE C 102 -1.40 1.43 26.89
C PHE C 102 -1.81 1.13 28.34
N HIS C 103 -0.90 1.33 29.28
CA HIS C 103 -1.22 1.06 30.68
C HIS C 103 -2.27 2.01 31.22
N LEU C 104 -2.09 3.32 30.97
CA LEU C 104 -3.06 4.29 31.48
C LEU C 104 -4.39 4.19 30.76
N GLY C 105 -4.48 3.38 29.70
CA GLY C 105 -5.71 3.19 28.97
C GLY C 105 -6.48 1.95 29.35
N ILE C 106 -5.99 1.18 30.31
CA ILE C 106 -6.69 -0.02 30.77
C ILE C 106 -7.81 0.43 31.69
N ASN C 107 -9.05 0.19 31.26
CA ASN C 107 -10.23 0.61 31.97
C ASN C 107 -11.08 -0.60 32.35
N ARG C 108 -12.15 -0.35 33.10
CA ARG C 108 -13.05 -1.43 33.54
C ARG C 108 -13.68 -2.16 32.36
N HIS C 109 -13.51 -1.69 31.14
CA HIS C 109 -14.14 -2.29 29.97
C HIS C 109 -13.21 -3.20 29.19
N GLY C 110 -11.95 -3.30 29.57
CA GLY C 110 -11.03 -4.21 28.90
C GLY C 110 -9.61 -3.70 28.97
N LEU C 111 -8.73 -4.40 28.25
CA LEU C 111 -7.31 -4.05 28.25
C LEU C 111 -7.01 -2.87 27.33
N TYR C 112 -7.61 -2.83 26.15
CA TYR C 112 -7.40 -1.75 25.20
C TYR C 112 -8.72 -1.16 24.76
N SER C 113 -8.64 -0.08 23.99
CA SER C 113 -9.82 0.61 23.49
C SER C 113 -10.25 -0.01 22.16
N ARG C 114 -11.53 0.19 21.84
CA ARG C 114 -12.04 -0.28 20.56
C ARG C 114 -11.54 0.62 19.44
N SER C 115 -10.95 0.01 18.40
CA SER C 115 -10.29 0.73 17.32
C SER C 115 -9.35 1.81 17.86
N SER C 116 -8.37 1.35 18.63
CA SER C 116 -7.47 2.26 19.34
C SER C 116 -6.27 2.59 18.48
N PRO C 117 -5.91 3.87 18.34
CA PRO C 117 -4.67 4.23 17.64
C PRO C 117 -3.43 3.98 18.46
N VAL C 118 -3.59 3.84 19.79
CA VAL C 118 -2.45 3.52 20.65
C VAL C 118 -2.00 2.09 20.42
N VAL C 119 -2.94 1.16 20.33
CA VAL C 119 -2.61 -0.26 20.14
C VAL C 119 -1.89 -0.48 18.82
N SER C 120 -2.36 0.19 17.75
CA SER C 120 -1.68 0.09 16.47
C SER C 120 -0.23 0.55 16.59
N LYS C 121 -0.01 1.68 17.26
CA LYS C 121 1.35 2.12 17.53
C LYS C 121 2.08 1.16 18.44
N LEU C 122 1.37 0.59 19.42
CA LEU C 122 1.98 -0.36 20.34
C LEU C 122 2.52 -1.57 19.60
N LEU C 123 1.70 -2.21 18.76
CA LEU C 123 2.14 -3.38 18.02
C LEU C 123 3.30 -3.04 17.09
N GLN C 124 3.24 -1.88 16.42
CA GLN C 124 4.33 -1.47 15.55
C GLN C 124 5.62 -1.19 16.32
N ASP C 125 5.50 -0.76 17.58
CA ASP C 125 6.70 -0.50 18.37
C ASP C 125 7.39 -1.80 18.76
N MET C 126 6.62 -2.79 19.22
CA MET C 126 7.22 -4.07 19.59
C MET C 126 7.85 -4.78 18.41
N ARG C 127 7.47 -4.42 17.18
CA ARG C 127 8.02 -5.08 16.01
C ARG C 127 9.35 -4.47 15.56
N HIS C 128 9.59 -3.20 15.85
CA HIS C 128 10.70 -2.48 15.27
C HIS C 128 11.70 -1.93 16.27
N PHE C 129 11.27 -1.52 17.45
CA PHE C 129 12.17 -0.92 18.43
C PHE C 129 13.29 -1.90 18.79
N PRO C 130 14.49 -1.39 19.07
CA PRO C 130 15.58 -2.27 19.48
C PRO C 130 15.44 -2.69 20.94
N THR C 131 16.06 -3.82 21.25
CA THR C 131 16.05 -4.36 22.60
C THR C 131 17.25 -3.84 23.39
N ILE C 132 17.04 -3.61 24.68
CA ILE C 132 18.08 -3.13 25.57
C ILE C 132 18.32 -4.05 26.76
N SER C 133 17.53 -5.10 26.92
CA SER C 133 17.67 -6.04 28.03
C SER C 133 16.84 -7.28 27.72
N ALA C 134 17.29 -8.41 28.26
CA ALA C 134 16.56 -9.66 28.17
C ALA C 134 16.89 -10.48 29.40
N ASP C 135 15.88 -11.00 30.07
CA ASP C 135 16.10 -11.78 31.28
C ASP C 135 15.35 -13.10 31.13
N TYR C 136 15.08 -13.74 32.27
CA TYR C 136 14.41 -15.04 32.30
C TYR C 136 12.97 -14.93 32.76
N SER C 137 12.50 -13.73 33.10
CA SER C 137 11.21 -13.49 33.74
C SER C 137 11.15 -14.09 35.13
N GLN C 138 10.22 -13.63 35.95
CA GLN C 138 9.90 -14.35 37.18
C GLN C 138 9.08 -15.57 36.80
N ASP C 139 8.39 -16.19 37.77
CA ASP C 139 7.62 -17.40 37.53
C ASP C 139 8.57 -18.55 37.20
N GLU C 140 9.57 -18.32 36.33
CA GLU C 140 10.85 -18.98 36.48
C GLU C 140 11.66 -18.15 37.47
N LYS C 141 12.99 -18.34 37.55
CA LYS C 141 13.84 -17.54 38.41
C LYS C 141 13.42 -17.69 39.88
N ALA C 142 12.11 -17.58 40.14
CA ALA C 142 11.54 -17.87 41.45
C ALA C 142 11.37 -19.37 41.66
N LEU C 143 11.67 -20.18 40.64
CA LEU C 143 11.74 -21.63 40.84
C LEU C 143 13.00 -22.01 41.59
N LEU C 144 14.05 -21.18 41.49
CA LEU C 144 15.30 -21.33 42.21
C LEU C 144 16.08 -22.52 41.68
N GLY C 145 15.48 -23.71 41.74
CA GLY C 145 16.14 -24.91 41.26
C GLY C 145 15.99 -25.03 39.76
N ALA C 146 15.11 -25.89 39.27
CA ALA C 146 14.31 -26.84 40.04
C ALA C 146 13.78 -27.81 39.01
N CYS C 147 14.61 -28.78 38.63
CA CYS C 147 14.26 -29.74 37.60
C CYS C 147 13.99 -31.08 38.26
N ASP C 148 12.77 -31.57 38.12
CA ASP C 148 12.36 -32.88 38.59
C ASP C 148 11.98 -33.69 37.36
N CYS C 149 12.99 -34.31 36.73
CA CYS C 149 12.76 -35.09 35.52
C CYS C 149 11.73 -36.20 35.70
N THR C 150 11.29 -36.44 36.93
CA THR C 150 10.18 -37.35 37.22
C THR C 150 8.83 -36.66 37.09
N GLN C 151 8.76 -35.38 37.45
CA GLN C 151 7.54 -34.61 37.34
C GLN C 151 7.04 -34.58 35.90
N ILE C 152 5.79 -35.01 35.69
CA ILE C 152 5.24 -35.03 34.35
C ILE C 152 4.71 -33.67 33.94
N VAL C 153 4.07 -32.96 34.87
CA VAL C 153 3.56 -31.63 34.60
C VAL C 153 4.35 -30.64 35.45
N LYS C 154 5.61 -30.45 35.11
CA LYS C 154 6.45 -29.48 35.80
C LYS C 154 5.85 -28.08 35.65
N PRO C 155 6.06 -27.19 36.63
CA PRO C 155 5.33 -25.92 36.66
C PRO C 155 5.58 -25.07 35.42
N SER C 156 4.68 -24.12 35.20
CA SER C 156 4.73 -23.30 33.99
C SER C 156 5.88 -22.31 34.01
N GLY C 157 6.93 -22.62 34.76
CA GLY C 157 8.08 -21.75 34.79
C GLY C 157 9.30 -22.41 34.20
N VAL C 158 9.16 -23.64 33.73
CA VAL C 158 10.28 -24.31 33.08
C VAL C 158 10.03 -24.35 31.59
N HIS C 159 9.60 -23.22 31.02
CA HIS C 159 9.28 -23.13 29.61
C HIS C 159 10.11 -22.05 28.97
N LEU C 160 10.37 -22.20 27.68
CA LEU C 160 11.23 -21.27 26.95
C LEU C 160 10.45 -19.99 26.70
N LYS C 161 10.75 -18.96 27.48
CA LYS C 161 10.19 -17.63 27.27
C LYS C 161 11.10 -16.63 27.98
N LEU C 162 11.26 -15.47 27.37
CA LEU C 162 12.08 -14.40 27.93
C LEU C 162 11.24 -13.13 28.00
N VAL C 163 11.79 -12.12 28.67
CA VAL C 163 11.21 -10.79 28.69
C VAL C 163 12.23 -9.84 28.08
N LEU C 164 11.80 -9.10 27.06
CA LEU C 164 12.65 -8.14 26.38
C LEU C 164 12.27 -6.73 26.78
N ARG C 165 13.24 -5.82 26.69
CA ARG C 165 13.03 -4.42 27.03
C ARG C 165 13.44 -3.56 25.85
N PHE C 166 12.58 -2.63 25.47
CA PHE C 166 12.82 -1.80 24.30
C PHE C 166 13.28 -0.42 24.71
N SER C 167 13.73 0.35 23.71
CA SER C 167 14.33 1.66 23.98
C SER C 167 13.35 2.63 24.64
N ASP C 168 12.04 2.42 24.49
CA ASP C 168 11.06 3.24 25.18
C ASP C 168 10.69 2.70 26.55
N PHE C 169 11.46 1.74 27.07
CA PHE C 169 11.41 1.16 28.40
C PHE C 169 10.34 0.07 28.50
N GLY C 170 9.45 -0.05 27.53
CA GLY C 170 8.41 -1.07 27.59
C GLY C 170 8.98 -2.48 27.56
N LYS C 171 8.15 -3.42 28.02
CA LYS C 171 8.54 -4.82 28.07
C LYS C 171 7.54 -5.68 27.30
N ALA C 172 7.93 -6.93 27.06
CA ALA C 172 7.15 -7.86 26.27
C ALA C 172 7.66 -9.27 26.51
N MET C 173 6.74 -10.22 26.63
CA MET C 173 7.07 -11.61 26.87
C MET C 173 7.32 -12.29 25.53
N PHE C 174 8.56 -12.68 25.28
CA PHE C 174 8.96 -13.29 24.02
C PHE C 174 8.78 -14.80 24.08
N LYS C 175 7.94 -15.33 23.20
CA LYS C 175 7.76 -16.77 23.02
C LYS C 175 8.33 -17.17 21.66
N PRO C 176 9.42 -17.94 21.60
CA PRO C 176 10.02 -18.27 20.31
C PRO C 176 9.21 -19.34 19.58
N MET C 177 9.50 -19.47 18.29
CA MET C 177 8.86 -20.50 17.47
C MET C 177 9.31 -21.89 17.91
N ARG C 178 8.34 -22.82 17.94
CA ARG C 178 8.61 -24.17 18.41
C ARG C 178 8.11 -25.24 17.45
N GLN C 179 7.43 -24.86 16.36
CA GLN C 179 6.82 -25.82 15.45
C GLN C 179 6.55 -25.12 14.12
N GLN C 180 6.53 -25.91 13.06
CA GLN C 180 6.21 -25.38 11.75
C GLN C 180 4.72 -25.03 11.68
N ARG C 181 4.34 -24.33 10.60
CA ARG C 181 2.96 -23.89 10.46
C ARG C 181 2.02 -25.07 10.20
N ASP C 182 2.40 -25.94 9.26
CA ASP C 182 1.56 -27.08 8.90
C ASP C 182 1.79 -28.26 9.83
N GLU C 183 2.12 -28.00 11.08
CA GLU C 183 2.37 -29.05 12.06
C GLU C 183 1.33 -28.99 13.16
N GLU C 184 0.82 -30.14 13.55
CA GLU C 184 -0.17 -30.24 14.62
C GLU C 184 0.47 -30.92 15.84
N THR C 185 -0.16 -30.70 16.99
CA THR C 185 0.17 -31.52 18.15
C THR C 185 -0.07 -32.97 17.75
N PRO C 186 0.96 -33.81 17.70
CA PRO C 186 0.75 -35.19 17.27
C PRO C 186 -0.25 -35.88 18.19
N VAL C 187 -1.07 -36.74 17.61
CA VAL C 187 -1.95 -37.55 18.43
C VAL C 187 -1.08 -38.32 19.42
N ASP C 188 -1.67 -38.63 20.58
CA ASP C 188 -1.04 -39.23 21.77
C ASP C 188 -0.35 -38.17 22.63
N PHE C 189 -0.61 -36.89 22.37
CA PHE C 189 -0.01 -35.79 23.14
C PHE C 189 -1.10 -35.19 24.02
N PHE C 190 -0.96 -35.34 25.33
CA PHE C 190 -1.88 -34.68 26.24
C PHE C 190 -1.67 -33.16 26.22
N TYR C 191 -2.61 -32.45 26.84
CA TYR C 191 -2.54 -31.00 26.86
C TYR C 191 -1.30 -30.51 27.59
N PHE C 192 -0.93 -31.17 28.68
CA PHE C 192 0.15 -30.65 29.52
C PHE C 192 1.53 -30.79 28.91
N ILE C 193 1.67 -31.56 27.82
CA ILE C 193 2.95 -31.66 27.11
C ILE C 193 2.87 -31.06 25.72
N ASP C 194 1.74 -30.47 25.35
CA ASP C 194 1.61 -29.76 24.08
C ASP C 194 2.63 -28.64 23.99
N PHE C 195 2.89 -28.19 22.75
CA PHE C 195 3.94 -27.23 22.50
C PHE C 195 3.57 -25.81 22.93
N GLN C 196 4.31 -24.81 22.43
CA GLN C 196 4.17 -23.41 22.84
C GLN C 196 4.36 -22.56 21.57
N ARG C 197 3.33 -22.53 20.72
CA ARG C 197 3.43 -21.85 19.43
C ARG C 197 3.36 -20.33 19.58
N HIS C 198 4.30 -19.64 18.96
CA HIS C 198 4.27 -18.18 18.95
C HIS C 198 3.12 -17.67 18.08
N ASN C 199 2.88 -18.32 16.94
CA ASN C 199 1.88 -17.85 16.01
C ASN C 199 0.49 -17.89 16.60
N ALA C 200 0.28 -18.74 17.60
CA ALA C 200 -1.03 -18.82 18.23
C ALA C 200 -1.20 -17.74 19.29
N GLU C 201 -0.11 -17.31 19.93
CA GLU C 201 -0.17 -16.14 20.80
C GLU C 201 -0.63 -14.92 20.03
N ILE C 202 -0.14 -14.75 18.80
CA ILE C 202 -0.57 -13.64 17.96
C ILE C 202 -2.01 -13.83 17.51
N ALA C 203 -2.32 -15.02 16.96
CA ALA C 203 -3.65 -15.27 16.43
C ALA C 203 -4.71 -15.12 17.51
N ALA C 204 -4.38 -15.51 18.75
CA ALA C 204 -5.34 -15.35 19.83
C ALA C 204 -5.65 -13.88 20.11
N PHE C 205 -4.68 -13.00 19.90
CA PHE C 205 -4.94 -11.58 20.09
C PHE C 205 -5.87 -11.05 18.99
N HIS C 206 -5.58 -11.41 17.74
CA HIS C 206 -6.44 -10.96 16.64
C HIS C 206 -7.86 -11.48 16.80
N LEU C 207 -8.02 -12.72 17.26
CA LEU C 207 -9.35 -13.22 17.57
C LEU C 207 -9.98 -12.41 18.70
N ASP C 208 -9.18 -12.01 19.69
CA ASP C 208 -9.70 -11.20 20.79
C ASP C 208 -10.25 -9.89 20.27
N ARG C 209 -9.50 -9.19 19.42
CA ARG C 209 -9.95 -7.91 18.90
C ARG C 209 -11.16 -8.06 18.00
N ILE C 210 -11.23 -9.15 17.22
CA ILE C 210 -12.36 -9.37 16.34
C ILE C 210 -13.62 -9.64 17.15
N LEU C 211 -13.50 -10.38 18.25
CA LEU C 211 -14.66 -10.65 19.10
C LEU C 211 -15.07 -9.45 19.95
N ASP C 212 -14.28 -8.37 19.94
CA ASP C 212 -14.47 -7.25 20.86
C ASP C 212 -14.58 -7.74 22.31
N PHE C 213 -13.88 -8.84 22.61
CA PHE C 213 -13.68 -9.22 24.01
C PHE C 213 -12.70 -8.27 24.68
N ARG C 214 -11.63 -7.90 23.96
CA ARG C 214 -10.69 -6.87 24.40
C ARG C 214 -10.04 -7.25 25.74
N ARG C 215 -9.41 -8.43 25.75
CA ARG C 215 -8.97 -9.01 27.01
C ARG C 215 -7.55 -9.56 27.01
N VAL C 216 -7.04 -10.02 25.86
CA VAL C 216 -5.66 -10.49 25.84
C VAL C 216 -4.76 -9.33 25.44
N PRO C 217 -3.52 -9.29 25.92
CA PRO C 217 -2.65 -8.16 25.62
C PRO C 217 -2.26 -8.16 24.15
N PRO C 218 -2.00 -6.97 23.57
CA PRO C 218 -1.58 -6.92 22.17
C PRO C 218 -0.33 -7.74 21.92
N THR C 219 -0.32 -8.46 20.80
CA THR C 219 0.77 -9.37 20.50
C THR C 219 1.16 -9.25 19.02
N VAL C 220 2.45 -9.14 18.75
CA VAL C 220 2.98 -9.00 17.41
C VAL C 220 3.92 -10.17 17.12
N GLY C 221 4.14 -10.40 15.84
CA GLY C 221 5.20 -11.30 15.39
C GLY C 221 6.42 -10.49 15.00
N ARG C 222 7.60 -11.04 15.28
CA ARG C 222 8.84 -10.34 14.99
C ARG C 222 9.95 -11.36 14.77
N ILE C 223 10.87 -11.03 13.87
CA ILE C 223 12.06 -11.83 13.63
C ILE C 223 13.19 -11.25 14.45
N VAL C 224 13.76 -12.08 15.32
CA VAL C 224 14.71 -11.62 16.35
C VAL C 224 16.08 -12.21 16.05
N ASN C 225 17.08 -11.34 15.97
CA ASN C 225 18.49 -11.77 15.92
C ASN C 225 18.85 -12.18 17.35
N VAL C 226 18.81 -13.49 17.61
CA VAL C 226 18.99 -13.99 18.97
C VAL C 226 20.33 -13.58 19.56
N THR C 227 21.33 -13.27 18.73
CA THR C 227 22.61 -12.84 19.25
C THR C 227 22.61 -11.36 19.60
N LYS C 228 22.28 -10.50 18.63
CA LYS C 228 22.36 -9.06 18.84
C LYS C 228 21.23 -8.57 19.76
N GLU C 229 20.09 -9.23 19.75
CA GLU C 229 18.91 -8.74 20.45
C GLU C 229 18.55 -9.50 21.72
N ILE C 230 19.20 -10.63 21.99
CA ILE C 230 18.97 -11.35 23.24
C ILE C 230 20.27 -11.53 23.98
N LEU C 231 21.20 -12.29 23.38
CA LEU C 231 22.42 -12.67 24.08
C LEU C 231 23.29 -11.46 24.41
N GLU C 232 23.49 -10.58 23.44
CA GLU C 232 24.39 -9.45 23.63
C GLU C 232 23.80 -8.35 24.52
N VAL C 233 22.57 -8.48 24.99
CA VAL C 233 21.95 -7.46 25.83
C VAL C 233 21.59 -7.97 27.22
N THR C 234 21.67 -9.26 27.48
CA THR C 234 21.29 -9.79 28.78
C THR C 234 22.44 -9.63 29.79
N LYS C 235 22.08 -9.27 31.02
CA LYS C 235 23.03 -9.21 32.12
C LYS C 235 23.02 -10.48 32.95
N ASN C 236 22.21 -11.47 32.60
CA ASN C 236 22.07 -12.70 33.37
C ASN C 236 23.17 -13.68 32.97
N GLU C 237 24.03 -14.03 33.93
CA GLU C 237 25.15 -14.93 33.63
C GLU C 237 24.65 -16.30 33.18
N ILE C 238 23.47 -16.72 33.65
CA ILE C 238 22.94 -18.01 33.25
C ILE C 238 22.43 -17.97 31.82
N LEU C 239 21.72 -16.91 31.45
CA LEU C 239 21.19 -16.80 30.09
C LEU C 239 22.30 -16.81 29.05
N GLN C 240 23.46 -16.22 29.38
CA GLN C 240 24.59 -16.30 28.45
C GLN C 240 25.10 -17.72 28.36
N SER C 241 24.94 -18.52 29.41
CA SER C 241 25.48 -19.87 29.46
C SER C 241 24.66 -20.88 28.69
N VAL C 242 23.43 -20.55 28.28
CA VAL C 242 22.59 -21.47 27.54
C VAL C 242 22.66 -21.23 26.04
N PHE C 243 23.51 -20.30 25.59
CA PHE C 243 23.73 -20.08 24.18
C PHE C 243 24.96 -20.87 23.73
N PHE C 244 24.80 -21.66 22.67
CA PHE C 244 25.90 -22.45 22.13
C PHE C 244 25.85 -22.39 20.61
N VAL C 245 26.70 -23.17 19.96
CA VAL C 245 26.78 -23.21 18.50
C VAL C 245 26.65 -24.66 18.07
N SER C 246 25.83 -24.90 17.06
CA SER C 246 25.49 -26.24 16.61
C SER C 246 26.55 -26.76 15.64
N PRO C 247 26.54 -28.07 15.37
CA PRO C 247 27.39 -28.58 14.29
C PRO C 247 27.09 -27.96 12.93
N ALA C 248 25.92 -27.36 12.75
CA ALA C 248 25.60 -26.60 11.55
C ALA C 248 25.98 -25.13 11.67
N SER C 249 26.53 -24.72 12.81
CA SER C 249 26.97 -23.34 13.06
C SER C 249 25.78 -22.38 13.10
N ASN C 250 24.81 -22.70 13.96
CA ASN C 250 23.65 -21.86 14.22
C ASN C 250 23.65 -21.47 15.69
N VAL C 251 23.40 -20.19 15.98
CA VAL C 251 23.33 -19.75 17.37
C VAL C 251 22.05 -20.27 17.99
N CYS C 252 22.18 -21.13 19.00
CA CYS C 252 21.03 -21.74 19.65
C CYS C 252 20.98 -21.33 21.12
N PHE C 253 19.79 -21.51 21.72
CA PHE C 253 19.62 -21.41 23.15
C PHE C 253 18.48 -22.34 23.56
N PHE C 254 18.30 -22.49 24.88
CA PHE C 254 17.39 -23.50 25.40
C PHE C 254 16.95 -23.12 26.81
N ALA C 255 15.81 -23.66 27.21
CA ALA C 255 15.37 -23.58 28.60
C ALA C 255 16.18 -24.56 29.43
N LYS C 256 16.78 -24.06 30.51
CA LYS C 256 17.77 -24.86 31.24
C LYS C 256 17.19 -26.17 31.74
N CYS C 257 15.95 -26.15 32.27
CA CYS C 257 15.38 -27.37 32.85
C CYS C 257 14.98 -28.38 31.78
N PRO C 258 14.14 -28.03 30.79
CA PRO C 258 13.71 -29.08 29.83
C PRO C 258 14.86 -29.72 29.06
N TYR C 259 15.89 -28.96 28.68
CA TYR C 259 17.01 -29.57 27.98
C TYR C 259 17.67 -30.63 28.85
N MET C 260 17.81 -30.35 30.15
CA MET C 260 18.44 -31.32 31.05
C MET C 260 17.62 -32.60 31.14
N CYS C 261 16.31 -32.48 31.22
CA CYS C 261 15.46 -33.67 31.25
C CYS C 261 15.24 -34.28 29.87
N LYS C 262 15.78 -33.67 28.82
CA LYS C 262 15.64 -34.18 27.45
C LYS C 262 14.17 -34.31 27.03
N THR C 263 13.32 -33.40 27.51
CA THR C 263 11.92 -33.39 27.11
C THR C 263 11.67 -32.49 25.91
N GLU C 264 12.49 -31.45 25.72
CA GLU C 264 12.45 -30.64 24.51
C GLU C 264 13.88 -30.42 24.04
N TYR C 265 14.04 -29.72 22.92
CA TYR C 265 15.33 -29.51 22.28
C TYR C 265 15.78 -28.08 22.54
N ALA C 266 16.54 -27.52 21.61
CA ALA C 266 16.89 -26.11 21.62
C ALA C 266 16.06 -25.40 20.56
N VAL C 267 16.27 -24.09 20.45
CA VAL C 267 15.59 -23.26 19.47
C VAL C 267 16.68 -22.47 18.76
N CYS C 268 17.16 -22.99 17.63
CA CYS C 268 18.26 -22.38 16.90
C CYS C 268 17.77 -21.38 15.88
N GLY C 269 18.54 -20.31 15.68
CA GLY C 269 18.38 -19.45 14.54
C GLY C 269 18.88 -20.11 13.27
N LYS C 270 18.73 -19.37 12.17
CA LYS C 270 19.16 -19.84 10.85
C LYS C 270 20.00 -18.75 10.17
N PRO C 271 21.20 -18.47 10.68
CA PRO C 271 21.84 -19.03 11.89
C PRO C 271 21.53 -18.20 13.13
N HIS C 272 21.27 -16.90 12.92
CA HIS C 272 20.91 -15.99 14.01
C HIS C 272 19.44 -15.62 14.01
N LEU C 273 18.78 -15.63 12.85
CA LEU C 273 17.42 -15.15 12.74
C LEU C 273 16.45 -16.19 13.28
N LEU C 274 15.64 -15.78 14.26
CA LEU C 274 14.60 -16.61 14.84
C LEU C 274 13.35 -15.77 15.03
N GLU C 275 12.20 -16.32 14.69
CA GLU C 275 10.94 -15.59 14.79
C GLU C 275 10.19 -16.02 16.04
N GLY C 276 9.50 -15.05 16.65
CA GLY C 276 8.74 -15.30 17.86
C GLY C 276 7.60 -14.32 17.99
N SER C 277 6.90 -14.42 19.11
CA SER C 277 5.73 -13.59 19.38
C SER C 277 5.98 -12.80 20.66
N LEU C 278 5.95 -11.48 20.55
CA LEU C 278 6.07 -10.61 21.71
C LEU C 278 4.69 -10.22 22.21
N SER C 279 4.46 -10.43 23.50
CA SER C 279 3.20 -10.12 24.14
C SER C 279 3.44 -8.95 25.11
N ALA C 280 2.75 -7.83 24.86
CA ALA C 280 2.98 -6.63 25.64
C ALA C 280 2.70 -6.88 27.12
N PHE C 281 3.48 -6.21 27.97
CA PHE C 281 3.40 -6.42 29.41
C PHE C 281 2.23 -5.68 30.01
N LEU C 282 1.54 -6.34 30.94
CA LEU C 282 0.55 -5.68 31.76
C LEU C 282 1.26 -4.75 32.76
N PRO C 283 0.53 -3.82 33.38
CA PRO C 283 1.16 -2.95 34.39
C PRO C 283 1.76 -3.75 35.53
N SER C 284 2.75 -3.13 36.18
CA SER C 284 3.46 -3.79 37.27
C SER C 284 2.52 -4.09 38.44
N LEU C 285 2.73 -5.24 39.07
CA LEU C 285 1.86 -5.65 40.17
C LEU C 285 1.96 -4.71 41.37
N ASN C 286 2.91 -3.78 41.37
CA ASN C 286 2.94 -2.75 42.41
C ASN C 286 1.94 -1.63 42.13
N LEU C 287 1.47 -1.51 40.90
CA LEU C 287 0.44 -0.54 40.54
C LEU C 287 -0.92 -1.18 40.30
N ALA C 288 -0.95 -2.44 39.90
CA ALA C 288 -2.20 -3.13 39.57
C ALA C 288 -2.05 -4.59 39.96
N PRO C 289 -2.32 -4.91 41.23
CA PRO C 289 -2.21 -6.30 41.67
C PRO C 289 -3.18 -7.19 40.91
N ARG C 290 -2.84 -8.48 40.82
CA ARG C 290 -3.67 -9.44 40.11
C ARG C 290 -3.94 -10.64 41.00
N LEU C 291 -4.89 -11.45 40.56
CA LEU C 291 -5.45 -12.53 41.38
C LEU C 291 -5.56 -13.77 40.49
N SER C 292 -4.58 -14.66 40.58
CA SER C 292 -4.65 -15.92 39.83
C SER C 292 -5.70 -16.81 40.47
N VAL C 293 -6.83 -16.97 39.81
CA VAL C 293 -7.98 -17.70 40.33
C VAL C 293 -8.04 -19.05 39.62
N PRO C 294 -8.21 -20.16 40.33
CA PRO C 294 -8.36 -21.45 39.64
C PRO C 294 -9.69 -21.52 38.91
N ASN C 295 -9.62 -21.95 37.66
CA ASN C 295 -10.82 -22.19 36.87
C ASN C 295 -11.70 -23.22 37.59
N PRO C 296 -13.03 -23.12 37.46
CA PRO C 296 -13.88 -24.19 37.99
C PRO C 296 -13.89 -25.46 37.16
N TRP C 297 -13.37 -25.42 35.93
CA TRP C 297 -13.33 -26.56 35.04
C TRP C 297 -11.89 -26.97 34.76
N ILE C 298 -11.04 -27.00 35.80
CA ILE C 298 -9.66 -27.44 35.60
C ILE C 298 -9.64 -28.88 35.08
N ARG C 299 -8.54 -29.24 34.45
CA ARG C 299 -8.29 -30.62 34.10
C ARG C 299 -7.55 -31.32 35.24
N SER C 300 -7.60 -32.65 35.22
CA SER C 300 -6.86 -33.42 36.22
C SER C 300 -5.36 -33.14 36.12
N TYR C 301 -4.84 -33.07 34.89
CA TYR C 301 -3.39 -32.97 34.62
C TYR C 301 -2.67 -34.23 35.07
N THR C 302 -3.21 -35.38 34.69
CA THR C 302 -2.60 -36.67 34.93
C THR C 302 -2.84 -37.55 33.72
N LEU C 303 -2.07 -38.63 33.62
CA LEU C 303 -2.24 -39.56 32.52
C LEU C 303 -3.59 -40.28 32.57
N ALA C 304 -4.30 -40.20 33.69
CA ALA C 304 -5.62 -40.79 33.81
C ALA C 304 -6.37 -40.05 34.92
N GLY C 305 -7.64 -40.38 35.07
CA GLY C 305 -8.48 -39.71 36.05
C GLY C 305 -9.11 -38.43 35.54
N LYS C 306 -10.42 -38.30 35.72
CA LYS C 306 -11.18 -37.16 35.25
C LYS C 306 -11.73 -36.35 36.43
N GLU C 307 -11.85 -35.05 36.22
CA GLU C 307 -12.42 -34.18 37.24
C GLU C 307 -13.94 -34.33 37.29
N GLU C 308 -14.56 -33.63 38.24
CA GLU C 308 -15.99 -33.78 38.46
C GLU C 308 -16.79 -33.38 37.23
N TRP C 309 -16.52 -32.19 36.68
CA TRP C 309 -17.26 -31.72 35.51
C TRP C 309 -17.14 -32.66 34.32
N GLU C 310 -16.01 -33.37 34.21
CA GLU C 310 -15.80 -34.30 33.11
C GLU C 310 -16.76 -35.47 33.14
N VAL C 311 -17.50 -35.66 34.24
CA VAL C 311 -18.40 -36.80 34.38
C VAL C 311 -19.82 -36.41 34.75
N ASN C 312 -20.05 -35.25 35.37
CA ASN C 312 -21.38 -34.88 35.88
C ASN C 312 -21.99 -33.80 35.01
N PRO C 313 -22.96 -34.12 34.14
CA PRO C 313 -23.58 -33.07 33.31
C PRO C 313 -24.30 -31.99 34.11
N LEU C 314 -24.48 -32.16 35.42
CA LEU C 314 -25.08 -31.14 36.27
C LEU C 314 -24.04 -30.38 37.09
N TYR C 315 -22.79 -30.35 36.62
CA TYR C 315 -21.71 -29.75 37.39
C TYR C 315 -21.97 -28.27 37.64
N CYS C 316 -22.53 -27.56 36.66
CA CYS C 316 -22.74 -26.13 36.82
C CYS C 316 -23.87 -25.82 37.80
N ASP C 317 -24.80 -26.76 38.02
CA ASP C 317 -25.77 -26.56 39.09
C ASP C 317 -25.10 -26.37 40.44
N THR C 318 -23.94 -26.99 40.64
CA THR C 318 -23.17 -26.78 41.87
C THR C 318 -22.40 -25.47 41.82
N VAL C 319 -21.78 -25.16 40.68
CA VAL C 319 -20.94 -23.97 40.57
C VAL C 319 -21.75 -22.70 40.82
N LYS C 320 -22.99 -22.67 40.31
CA LYS C 320 -23.84 -21.49 40.47
C LYS C 320 -24.13 -21.18 41.93
N GLN C 321 -23.89 -22.13 42.85
CA GLN C 321 -24.17 -21.93 44.27
C GLN C 321 -22.90 -21.80 45.10
N ILE C 322 -21.77 -21.49 44.47
CA ILE C 322 -20.49 -21.31 45.16
C ILE C 322 -20.03 -19.88 44.91
N TYR C 323 -19.73 -19.17 46.00
CA TYR C 323 -19.19 -17.82 45.88
C TYR C 323 -17.84 -17.86 45.17
N PRO C 324 -17.53 -16.89 44.28
CA PRO C 324 -18.37 -15.76 43.90
C PRO C 324 -19.17 -15.96 42.61
N TYR C 325 -19.45 -17.21 42.28
CA TYR C 325 -20.26 -17.54 41.11
C TYR C 325 -21.76 -17.45 41.40
N ASN C 326 -22.14 -16.98 42.59
CA ASN C 326 -23.55 -16.82 42.92
C ASN C 326 -24.13 -15.54 42.32
N ASN C 327 -23.29 -14.52 42.10
CA ASN C 327 -23.75 -13.25 41.54
C ASN C 327 -24.19 -13.38 40.08
N SER C 328 -24.01 -14.55 39.45
CA SER C 328 -24.41 -14.80 38.07
C SER C 328 -23.77 -13.82 37.08
N GLN C 329 -22.73 -13.11 37.50
CA GLN C 329 -22.00 -12.19 36.64
C GLN C 329 -20.54 -12.58 36.43
N ARG C 330 -19.93 -13.24 37.41
CA ARG C 330 -18.59 -13.79 37.21
C ARG C 330 -18.64 -15.05 36.34
N LEU C 331 -19.68 -15.86 36.51
CA LEU C 331 -19.81 -17.07 35.71
C LEU C 331 -19.94 -16.76 34.23
N LEU C 332 -20.53 -15.61 33.89
CA LEU C 332 -20.69 -15.24 32.49
C LEU C 332 -19.35 -14.92 31.85
N ASN C 333 -18.49 -14.20 32.57
CA ASN C 333 -17.15 -13.93 32.05
C ASN C 333 -16.38 -15.21 31.79
N VAL C 334 -16.60 -16.24 32.61
CA VAL C 334 -15.97 -17.52 32.36
C VAL C 334 -16.53 -18.18 31.10
N ILE C 335 -17.81 -17.97 30.82
CA ILE C 335 -18.40 -18.51 29.59
C ILE C 335 -17.70 -17.93 28.37
N ASP C 336 -17.51 -16.60 28.35
CA ASP C 336 -16.76 -15.96 27.27
C ASP C 336 -15.39 -16.59 27.10
N MET C 337 -14.69 -16.83 28.21
CA MET C 337 -13.37 -17.43 28.16
C MET C 337 -13.44 -18.84 27.55
N ALA C 338 -14.45 -19.62 27.93
CA ALA C 338 -14.61 -20.95 27.35
C ALA C 338 -14.83 -20.89 25.85
N ILE C 339 -15.66 -19.93 25.41
CA ILE C 339 -15.87 -19.73 23.98
C ILE C 339 -14.56 -19.37 23.30
N PHE C 340 -13.85 -18.38 23.83
CA PHE C 340 -12.57 -17.96 23.25
C PHE C 340 -11.56 -19.11 23.23
N ASP C 341 -11.56 -19.94 24.28
CA ASP C 341 -10.63 -21.06 24.31
C ASP C 341 -11.03 -22.15 23.32
N PHE C 342 -12.34 -22.39 23.17
CA PHE C 342 -12.79 -23.42 22.24
C PHE C 342 -12.48 -23.04 20.80
N LEU C 343 -12.62 -21.75 20.45
CA LEU C 343 -12.32 -21.30 19.10
C LEU C 343 -10.87 -21.58 18.74
N ILE C 344 -9.96 -21.40 19.70
CA ILE C 344 -8.54 -21.65 19.45
C ILE C 344 -8.10 -23.04 19.90
N GLY C 345 -8.93 -23.76 20.65
CA GLY C 345 -8.55 -25.07 21.14
C GLY C 345 -7.50 -25.00 22.23
N ASN C 346 -7.75 -24.20 23.26
CA ASN C 346 -6.81 -24.00 24.37
C ASN C 346 -7.33 -24.79 25.57
N MET C 347 -6.92 -26.04 25.66
CA MET C 347 -7.34 -26.87 26.80
C MET C 347 -6.72 -26.41 28.10
N ASP C 348 -5.51 -25.85 28.04
CA ASP C 348 -4.72 -25.55 29.24
C ASP C 348 -5.06 -24.15 29.77
N ARG C 349 -6.26 -24.04 30.33
CA ARG C 349 -6.69 -22.84 31.04
C ARG C 349 -7.02 -23.21 32.48
N HIS C 350 -5.98 -23.61 33.23
CA HIS C 350 -6.18 -23.97 34.63
C HIS C 350 -6.53 -22.76 35.48
N HIS C 351 -5.94 -21.61 35.19
CA HIS C 351 -6.15 -20.41 35.99
C HIS C 351 -6.41 -19.22 35.08
N TYR C 352 -7.32 -18.35 35.51
CA TYR C 352 -7.55 -17.07 34.87
C TYR C 352 -7.20 -15.96 35.85
N GLU C 353 -6.51 -14.94 35.36
CA GLU C 353 -6.12 -13.81 36.20
C GLU C 353 -7.15 -12.69 36.11
N MET C 354 -7.21 -11.88 37.17
CA MET C 354 -8.13 -10.75 37.25
C MET C 354 -7.42 -9.57 37.87
N PHE C 355 -7.91 -8.37 37.56
CA PHE C 355 -7.46 -7.16 38.23
C PHE C 355 -8.31 -6.94 39.47
N THR C 356 -7.67 -6.82 40.64
CA THR C 356 -8.41 -6.74 41.89
C THR C 356 -9.21 -5.44 42.00
N LYS C 357 -8.78 -4.38 41.31
CA LYS C 357 -9.47 -3.11 41.43
C LYS C 357 -10.90 -3.20 40.89
N PHE C 358 -11.16 -4.11 39.95
CA PHE C 358 -12.44 -4.17 39.27
C PHE C 358 -13.45 -5.08 39.95
N GLY C 359 -13.02 -5.97 40.83
CA GLY C 359 -13.96 -6.73 41.63
C GLY C 359 -14.42 -8.02 40.98
N ASP C 360 -15.38 -8.66 41.65
CA ASP C 360 -15.90 -9.95 41.21
C ASP C 360 -16.48 -9.88 39.80
N ASP C 361 -16.97 -8.72 39.39
CA ASP C 361 -17.54 -8.57 38.05
C ASP C 361 -16.53 -8.10 37.01
N GLY C 362 -15.28 -7.84 37.41
CA GLY C 362 -14.27 -7.43 36.46
C GLY C 362 -14.01 -8.49 35.40
N PHE C 363 -13.48 -8.04 34.27
CA PHE C 363 -13.17 -8.92 33.16
C PHE C 363 -11.98 -9.82 33.50
N LEU C 364 -11.88 -10.92 32.77
CA LEU C 364 -10.80 -11.88 32.96
C LEU C 364 -9.73 -11.67 31.90
N ILE C 365 -8.47 -11.84 32.30
CA ILE C 365 -7.34 -11.70 31.38
C ILE C 365 -7.01 -13.07 30.80
N HIS C 366 -6.84 -13.13 29.48
CA HIS C 366 -6.51 -14.37 28.77
C HIS C 366 -5.04 -14.31 28.41
N LEU C 367 -4.18 -14.57 29.40
CA LEU C 367 -2.78 -14.19 29.29
C LEU C 367 -1.96 -15.11 28.39
N ASP C 368 -1.95 -16.41 28.67
CA ASP C 368 -1.08 -17.33 27.97
C ASP C 368 -1.94 -18.22 27.07
N ASN C 369 -2.02 -17.87 25.79
CA ASN C 369 -2.77 -18.61 24.80
C ASN C 369 -1.89 -19.47 23.91
N ALA C 370 -0.60 -19.60 24.23
CA ALA C 370 0.39 -20.22 23.36
C ALA C 370 0.07 -21.65 22.93
N ARG C 371 -0.95 -22.28 23.50
CA ARG C 371 -1.23 -23.69 23.22
C ARG C 371 -2.33 -23.90 22.20
N GLY C 372 -3.33 -23.04 22.13
CA GLY C 372 -4.35 -23.16 21.10
C GLY C 372 -3.75 -23.18 19.71
N PHE C 373 -4.62 -23.50 18.74
CA PHE C 373 -4.23 -23.55 17.32
C PHE C 373 -3.16 -24.62 17.09
N GLY C 374 -3.43 -25.81 17.60
CA GLY C 374 -2.51 -26.93 17.43
C GLY C 374 -3.17 -28.12 16.77
N ARG C 375 -4.50 -28.12 16.70
CA ARG C 375 -5.26 -29.14 15.99
C ARG C 375 -6.31 -28.44 15.13
N HIS C 376 -6.04 -28.33 13.83
CA HIS C 376 -7.01 -27.75 12.91
C HIS C 376 -8.04 -28.77 12.43
N SER C 377 -7.80 -30.05 12.68
CA SER C 377 -8.72 -31.11 12.27
C SER C 377 -9.62 -31.59 13.39
N HIS C 378 -9.38 -31.16 14.63
CA HIS C 378 -10.13 -31.63 15.79
C HIS C 378 -10.74 -30.45 16.54
N ASP C 379 -11.98 -30.63 16.99
CA ASP C 379 -12.65 -29.66 17.85
C ASP C 379 -12.87 -30.29 19.22
N GLU C 380 -12.25 -29.71 20.24
CA GLU C 380 -12.33 -30.25 21.60
C GLU C 380 -13.53 -29.61 22.30
N ILE C 381 -14.63 -30.36 22.41
CA ILE C 381 -15.87 -29.82 22.95
C ILE C 381 -15.84 -29.70 24.46
N SER C 382 -14.91 -30.39 25.13
CA SER C 382 -14.81 -30.28 26.59
C SER C 382 -14.45 -28.87 27.02
N ILE C 383 -13.83 -28.08 26.15
CA ILE C 383 -13.58 -26.69 26.49
C ILE C 383 -14.88 -25.92 26.62
N LEU C 384 -15.87 -26.26 25.81
CA LEU C 384 -17.16 -25.58 25.80
C LEU C 384 -18.06 -26.02 26.96
N SER C 385 -17.58 -26.91 27.81
CA SER C 385 -18.39 -27.40 28.93
C SER C 385 -19.04 -26.32 29.76
N PRO C 386 -18.40 -25.18 30.07
CA PRO C 386 -19.14 -24.11 30.77
C PRO C 386 -20.42 -23.71 30.06
N LEU C 387 -20.35 -23.44 28.76
CA LEU C 387 -21.55 -23.08 28.03
C LEU C 387 -22.49 -24.27 27.89
N SER C 388 -21.93 -25.47 27.71
CA SER C 388 -22.77 -26.64 27.51
C SER C 388 -23.62 -26.95 28.74
N GLN C 389 -23.02 -26.86 29.93
CA GLN C 389 -23.69 -27.26 31.15
C GLN C 389 -24.37 -26.10 31.88
N CYS C 390 -23.75 -24.93 31.93
CA CYS C 390 -24.41 -23.78 32.54
C CYS C 390 -25.56 -23.26 31.68
N CYS C 391 -25.41 -23.33 30.36
CA CYS C 391 -26.41 -22.88 29.40
C CYS C 391 -26.88 -21.46 29.73
N MET C 392 -25.95 -20.52 29.53
CA MET C 392 -26.22 -19.10 29.63
C MET C 392 -25.08 -18.34 28.98
N ILE C 393 -25.43 -17.36 28.15
CA ILE C 393 -24.45 -16.59 27.39
C ILE C 393 -24.86 -15.12 27.41
N LYS C 394 -23.85 -14.25 27.42
CA LYS C 394 -24.10 -12.81 27.49
C LYS C 394 -24.71 -12.31 26.19
N LYS C 395 -25.59 -11.30 26.32
CA LYS C 395 -26.26 -10.74 25.15
C LYS C 395 -25.25 -10.25 24.12
N LYS C 396 -24.32 -9.41 24.55
CA LYS C 396 -23.29 -8.88 23.64
C LYS C 396 -22.52 -10.01 22.98
N THR C 397 -22.02 -10.96 23.78
CA THR C 397 -21.22 -12.06 23.23
C THR C 397 -22.01 -12.82 22.17
N LEU C 398 -23.31 -13.00 22.37
CA LEU C 398 -24.10 -13.74 21.39
C LEU C 398 -24.25 -12.96 20.09
N LEU C 399 -24.39 -11.64 20.19
CA LEU C 399 -24.55 -10.82 18.99
C LEU C 399 -23.30 -10.86 18.12
N HIS C 400 -22.13 -10.68 18.73
CA HIS C 400 -20.89 -10.72 17.95
C HIS C 400 -20.67 -12.11 17.34
N LEU C 401 -21.02 -13.16 18.07
CA LEU C 401 -20.86 -14.51 17.51
C LEU C 401 -21.81 -14.74 16.35
N GLN C 402 -23.06 -14.33 16.49
CA GLN C 402 -24.03 -14.47 15.40
C GLN C 402 -23.58 -13.71 14.15
N LEU C 403 -23.12 -12.46 14.33
CA LEU C 403 -22.68 -11.65 13.21
C LEU C 403 -21.53 -12.33 12.47
N LEU C 404 -20.52 -12.80 13.21
CA LEU C 404 -19.35 -13.42 12.62
C LEU C 404 -19.64 -14.74 11.93
N ALA C 405 -20.90 -15.18 11.90
CA ALA C 405 -21.30 -16.36 11.14
C ALA C 405 -21.87 -16.00 9.77
N GLN C 406 -22.12 -14.73 9.50
CA GLN C 406 -22.67 -14.29 8.23
C GLN C 406 -21.55 -13.99 7.26
N ALA C 407 -21.72 -14.43 6.01
CA ALA C 407 -20.63 -14.40 5.03
C ALA C 407 -20.04 -13.01 4.85
N ASP C 408 -20.85 -11.96 5.00
CA ASP C 408 -20.34 -10.61 4.82
C ASP C 408 -19.28 -10.25 5.85
N TYR C 409 -19.33 -10.86 7.03
CA TYR C 409 -18.33 -10.65 8.06
C TYR C 409 -17.92 -11.97 8.70
N ARG C 410 -17.67 -13.00 7.88
CA ARG C 410 -17.40 -14.32 8.43
C ARG C 410 -16.08 -14.34 9.18
N LEU C 411 -16.05 -15.15 10.24
CA LEU C 411 -14.95 -15.09 11.20
C LEU C 411 -13.61 -15.41 10.55
N SER C 412 -13.58 -16.38 9.63
CA SER C 412 -12.31 -16.76 9.02
C SER C 412 -11.75 -15.65 8.15
N ASP C 413 -12.60 -14.97 7.40
CA ASP C 413 -12.10 -13.93 6.50
C ASP C 413 -11.60 -12.72 7.28
N VAL C 414 -12.33 -12.29 8.32
CA VAL C 414 -11.87 -11.13 9.08
C VAL C 414 -10.63 -11.48 9.88
N MET C 415 -10.45 -12.75 10.26
CA MET C 415 -9.19 -13.16 10.87
C MET C 415 -8.06 -13.16 9.85
N ARG C 416 -8.27 -13.84 8.72
CA ARG C 416 -7.26 -13.91 7.66
C ARG C 416 -6.77 -12.52 7.28
N GLU C 417 -7.68 -11.56 7.17
CA GLU C 417 -7.29 -10.21 6.78
C GLU C 417 -6.59 -9.48 7.91
N SER C 418 -7.08 -9.64 9.15
CA SER C 418 -6.46 -8.97 10.28
C SER C 418 -5.06 -9.50 10.57
N LEU C 419 -4.82 -10.77 10.25
CA LEU C 419 -3.51 -11.36 10.49
C LEU C 419 -2.49 -11.01 9.41
N LEU C 420 -2.91 -10.37 8.32
CA LEU C 420 -1.96 -10.03 7.27
C LEU C 420 -1.06 -8.88 7.66
N GLU C 421 -1.43 -8.09 8.67
CA GLU C 421 -0.64 -6.95 9.08
C GLU C 421 0.55 -7.34 9.93
N ASP C 422 0.83 -8.63 10.05
CA ASP C 422 1.92 -9.11 10.88
C ASP C 422 3.11 -9.52 10.03
N GLN C 423 4.31 -9.21 10.52
CA GLN C 423 5.52 -9.58 9.79
C GLN C 423 5.65 -11.10 9.61
N LEU C 424 4.98 -11.89 10.44
CA LEU C 424 5.05 -13.34 10.38
C LEU C 424 3.94 -13.96 9.54
N SER C 425 3.32 -13.19 8.64
CA SER C 425 2.26 -13.74 7.82
C SER C 425 2.82 -14.80 6.86
N PRO C 426 2.12 -15.92 6.66
CA PRO C 426 0.84 -16.23 7.31
C PRO C 426 0.99 -16.81 8.70
N VAL C 427 0.35 -16.22 9.69
CA VAL C 427 0.48 -16.74 11.05
C VAL C 427 -0.37 -17.99 11.25
N LEU C 428 -1.47 -18.11 10.53
CA LEU C 428 -2.36 -19.28 10.59
C LEU C 428 -2.50 -19.89 9.21
N THR C 429 -2.32 -21.19 9.14
CA THR C 429 -2.55 -21.91 7.88
C THR C 429 -4.04 -21.98 7.60
N GLU C 430 -4.37 -22.37 6.37
CA GLU C 430 -5.77 -22.32 5.92
C GLU C 430 -6.68 -23.24 6.71
N PRO C 431 -6.34 -24.50 6.99
CA PRO C 431 -7.25 -25.33 7.81
C PRO C 431 -7.57 -24.71 9.16
N HIS C 432 -6.62 -24.00 9.78
CA HIS C 432 -6.87 -23.37 11.07
C HIS C 432 -7.94 -22.28 10.94
N LEU C 433 -7.78 -21.38 9.98
CA LEU C 433 -8.75 -20.32 9.77
C LEU C 433 -10.14 -20.89 9.50
N LEU C 434 -10.22 -21.91 8.65
CA LEU C 434 -11.52 -22.52 8.36
C LEU C 434 -12.10 -23.21 9.58
N ALA C 435 -11.27 -23.64 10.52
CA ALA C 435 -11.80 -24.27 11.73
C ALA C 435 -12.63 -23.28 12.55
N LEU C 436 -12.19 -22.01 12.59
CA LEU C 436 -12.90 -21.01 13.37
C LEU C 436 -14.37 -20.90 12.97
N ASP C 437 -14.66 -20.96 11.67
CA ASP C 437 -16.05 -20.91 11.21
C ASP C 437 -16.84 -22.10 11.75
N ARG C 438 -16.32 -23.31 11.56
CA ARG C 438 -17.01 -24.51 12.00
C ARG C 438 -17.19 -24.53 13.52
N ARG C 439 -16.14 -24.16 14.28
CA ARG C 439 -16.25 -24.11 15.73
C ARG C 439 -17.22 -23.02 16.18
N LEU C 440 -17.39 -21.97 15.37
CA LEU C 440 -18.39 -20.95 15.70
C LEU C 440 -19.80 -21.52 15.60
N GLN C 441 -20.05 -22.33 14.57
CA GLN C 441 -21.36 -22.98 14.43
C GLN C 441 -21.65 -23.85 15.64
N THR C 442 -20.67 -24.65 16.08
CA THR C 442 -20.85 -25.50 17.25
C THR C 442 -21.23 -24.68 18.47
N ILE C 443 -20.64 -23.50 18.63
CA ILE C 443 -20.98 -22.63 19.75
C ILE C 443 -22.41 -22.10 19.60
N LEU C 444 -22.76 -21.64 18.40
CA LEU C 444 -24.11 -21.14 18.18
C LEU C 444 -25.13 -22.26 18.25
N ARG C 445 -24.79 -23.44 17.73
CA ARG C 445 -25.69 -24.59 17.82
C ARG C 445 -25.98 -24.96 19.27
N THR C 446 -25.01 -24.75 20.17
CA THR C 446 -25.23 -25.03 21.58
C THR C 446 -26.16 -23.99 22.21
N VAL C 447 -25.94 -22.72 21.89
CA VAL C 447 -26.82 -21.67 22.42
C VAL C 447 -28.26 -21.91 21.98
N GLU C 448 -28.47 -22.09 20.67
CA GLU C 448 -29.82 -22.38 20.18
C GLU C 448 -30.31 -23.73 20.66
N GLY C 449 -29.39 -24.68 20.86
CA GLY C 449 -29.81 -26.02 21.25
C GLY C 449 -30.30 -26.07 22.69
N CYS C 450 -29.54 -25.48 23.61
CA CYS C 450 -29.98 -25.46 25.00
C CYS C 450 -30.95 -24.32 25.31
N ILE C 451 -31.31 -23.51 24.31
CA ILE C 451 -32.43 -22.59 24.48
C ILE C 451 -33.74 -23.37 24.55
N VAL C 452 -33.86 -24.44 23.76
CA VAL C 452 -35.11 -25.19 23.68
C VAL C 452 -35.46 -25.81 25.02
N ALA C 453 -34.48 -26.04 25.90
CA ALA C 453 -34.74 -26.65 27.19
C ALA C 453 -34.90 -25.62 28.31
N HIS C 454 -34.54 -24.36 28.08
CA HIS C 454 -34.62 -23.33 29.10
C HIS C 454 -35.25 -22.03 28.64
N GLY C 455 -35.45 -21.83 27.34
CA GLY C 455 -36.01 -20.59 26.83
C GLY C 455 -35.02 -19.43 26.89
N GLN C 456 -35.26 -18.40 26.08
CA GLN C 456 -34.39 -17.23 26.05
C GLN C 456 -34.33 -16.52 27.42
N GLN C 457 -35.11 -17.01 28.38
CA GLN C 457 -35.08 -16.46 29.73
C GLN C 457 -33.71 -16.66 30.38
N SER C 458 -33.26 -17.90 30.49
CA SER C 458 -32.04 -18.26 31.20
C SER C 458 -30.87 -18.57 30.28
N VAL C 459 -31.01 -18.36 28.98
CA VAL C 459 -29.93 -18.60 28.03
C VAL C 459 -29.45 -17.29 27.40
N ILE C 460 -29.96 -16.16 27.86
CA ILE C 460 -29.50 -14.84 27.46
C ILE C 460 -29.58 -13.93 28.66
N VAL C 461 -28.52 -13.18 28.92
CA VAL C 461 -28.47 -12.30 30.08
C VAL C 461 -28.19 -10.89 29.60
N ASP C 462 -29.24 -10.20 29.16
CA ASP C 462 -29.08 -8.89 28.52
C ASP C 462 -28.79 -7.78 29.52
N GLY C 463 -27.89 -8.03 30.48
CA GLY C 463 -27.49 -7.01 31.42
C GLY C 463 -26.87 -5.82 30.71
N PRO C 464 -26.80 -4.68 31.41
CA PRO C 464 -26.28 -3.45 30.80
C PRO C 464 -24.74 -3.40 30.80
N PRO D 84 20.48 -74.66 21.25
CA PRO D 84 19.71 -73.78 20.37
C PRO D 84 20.64 -72.96 19.47
N ASN D 85 20.05 -72.18 18.56
CA ASN D 85 20.85 -71.39 17.63
C ASN D 85 21.65 -70.31 18.35
N TRP D 86 21.17 -69.84 19.50
CA TRP D 86 21.90 -68.83 20.26
C TRP D 86 23.14 -69.43 20.93
N LEU D 87 23.11 -70.72 21.24
CA LEU D 87 24.23 -71.37 21.92
C LEU D 87 25.30 -71.84 20.94
N LYS D 88 24.90 -72.29 19.74
CA LYS D 88 25.87 -72.54 18.70
C LYS D 88 26.64 -71.28 18.35
N PHE D 89 25.98 -70.12 18.47
CA PHE D 89 26.66 -68.84 18.23
C PHE D 89 27.72 -68.57 19.29
N HIS D 90 27.48 -68.96 20.54
CA HIS D 90 28.41 -68.66 21.62
C HIS D 90 29.65 -69.55 21.54
N ILE D 91 29.46 -70.85 21.35
CA ILE D 91 30.55 -71.82 21.36
C ILE D 91 31.36 -71.72 20.07
N GLY D 92 30.88 -70.93 19.11
CA GLY D 92 31.57 -70.72 17.86
C GLY D 92 32.44 -69.49 17.79
N ILE D 93 32.57 -68.74 18.89
CA ILE D 93 33.37 -67.52 18.90
C ILE D 93 34.84 -67.90 19.05
N ASN D 94 35.63 -67.68 18.01
CA ASN D 94 37.07 -67.92 18.05
C ASN D 94 37.79 -66.65 18.48
N ARG D 95 39.12 -66.66 18.41
CA ARG D 95 39.90 -65.48 18.76
C ARG D 95 39.72 -64.36 17.74
N TYR D 96 39.76 -64.71 16.45
CA TYR D 96 39.74 -63.72 15.38
C TYR D 96 38.33 -63.50 14.86
N SER D 100 31.40 -67.76 11.76
CA SER D 100 32.12 -68.11 10.55
C SER D 100 31.50 -67.43 9.32
N ARG D 101 32.13 -67.61 8.17
CA ARG D 101 31.63 -66.98 6.94
C ARG D 101 30.34 -67.64 6.46
N HIS D 102 30.27 -68.97 6.52
CA HIS D 102 29.09 -69.68 6.07
C HIS D 102 28.49 -70.56 7.18
N ASN D 103 28.14 -69.94 8.32
CA ASN D 103 27.63 -70.68 9.45
C ASN D 103 26.15 -71.00 9.27
N PRO D 104 25.69 -72.14 9.80
CA PRO D 104 24.27 -72.46 9.68
C PRO D 104 23.45 -71.90 10.82
N ALA D 105 24.14 -71.50 11.89
CA ALA D 105 23.45 -71.02 13.08
C ALA D 105 23.20 -69.53 13.03
N ILE D 106 24.13 -68.77 12.44
CA ILE D 106 23.98 -67.31 12.41
C ILE D 106 22.75 -66.92 11.60
N GLU D 107 22.56 -67.54 10.44
CA GLU D 107 21.36 -67.28 9.64
C GLU D 107 20.12 -67.92 10.25
N ALA D 108 20.28 -68.94 11.10
CA ALA D 108 19.15 -69.50 11.83
C ALA D 108 18.87 -68.76 13.13
N LEU D 109 19.91 -68.20 13.76
CA LEU D 109 19.69 -67.36 14.93
C LEU D 109 18.98 -66.05 14.56
N LEU D 110 19.28 -65.52 13.37
CA LEU D 110 18.56 -64.35 12.89
C LEU D 110 17.08 -64.67 12.70
N HIS D 111 16.76 -65.89 12.28
CA HIS D 111 15.37 -66.29 12.10
C HIS D 111 14.65 -66.45 13.43
N ASP D 112 15.36 -66.87 14.48
CA ASP D 112 14.74 -67.05 15.78
C ASP D 112 14.32 -65.72 16.38
N LEU D 113 15.20 -64.72 16.33
CA LEU D 113 14.90 -63.42 16.93
C LEU D 113 13.67 -62.76 16.32
N SER D 114 13.31 -63.13 15.09
CA SER D 114 12.17 -62.53 14.41
C SER D 114 10.88 -63.31 14.59
N SER D 115 10.97 -64.60 14.88
CA SER D 115 9.80 -65.46 14.92
C SER D 115 9.56 -66.15 16.25
N GLN D 116 10.61 -66.46 17.02
CA GLN D 116 10.44 -67.21 18.26
C GLN D 116 9.57 -66.44 19.24
N ARG D 117 8.80 -67.19 20.04
CA ARG D 117 7.91 -66.56 21.00
C ARG D 117 8.69 -65.96 22.16
N ILE D 118 8.14 -64.90 22.74
CA ILE D 118 8.78 -64.18 23.83
C ILE D 118 8.09 -64.54 25.13
N THR D 119 8.88 -64.91 26.14
CA THR D 119 8.38 -65.36 27.42
C THR D 119 8.48 -64.30 28.52
N SER D 120 9.61 -63.60 28.61
CA SER D 120 9.82 -62.60 29.64
C SER D 120 10.55 -61.39 29.06
N VAL D 121 10.25 -60.22 29.61
CA VAL D 121 10.87 -58.97 29.22
C VAL D 121 11.26 -58.22 30.48
N ALA D 122 12.45 -57.61 30.47
CA ALA D 122 12.92 -56.81 31.60
C ALA D 122 13.69 -55.61 31.07
N MET D 123 13.56 -54.48 31.76
CA MET D 123 14.25 -53.27 31.37
C MET D 123 15.67 -53.28 31.93
N LYS D 124 16.61 -52.76 31.14
CA LYS D 124 18.01 -52.78 31.51
C LYS D 124 18.24 -51.97 32.79
N SER D 125 19.42 -52.17 33.38
CA SER D 125 19.79 -51.50 34.62
C SER D 125 20.42 -50.14 34.32
N GLY D 126 20.48 -49.30 35.35
CA GLY D 126 21.07 -47.98 35.23
C GLY D 126 20.28 -47.06 34.31
N GLY D 127 20.76 -46.90 33.07
CA GLY D 127 20.10 -46.04 32.11
C GLY D 127 20.69 -46.11 30.72
N THR D 128 20.96 -44.93 30.14
CA THR D 128 21.53 -44.78 28.80
C THR D 128 20.59 -45.32 27.72
N GLN D 129 19.57 -44.52 27.37
CA GLN D 129 18.59 -44.88 26.34
C GLN D 129 17.75 -46.09 26.72
N LEU D 130 16.62 -46.28 26.03
CA LEU D 130 15.72 -47.38 26.34
C LEU D 130 16.19 -48.63 25.63
N LYS D 131 16.74 -49.57 26.40
CA LYS D 131 17.19 -50.87 25.89
C LYS D 131 16.54 -51.97 26.72
N LEU D 132 15.79 -52.85 26.05
CA LEU D 132 15.03 -53.91 26.70
C LEU D 132 15.70 -55.26 26.49
N ILE D 133 15.63 -56.11 27.51
CA ILE D 133 16.14 -57.47 27.45
C ILE D 133 14.95 -58.42 27.34
N MET D 134 15.02 -59.37 26.40
CA MET D 134 13.92 -60.27 26.11
C MET D 134 14.40 -61.71 26.16
N THR D 135 13.63 -62.56 26.83
CA THR D 135 13.91 -63.99 26.91
C THR D 135 12.89 -64.75 26.06
N PHE D 136 13.39 -65.65 25.22
CA PHE D 136 12.55 -66.42 24.33
C PHE D 136 12.25 -67.79 24.94
N GLN D 137 11.50 -68.61 24.20
CA GLN D 137 11.13 -69.94 24.67
C GLN D 137 12.33 -70.88 24.76
N ASN D 138 13.41 -70.59 24.04
CA ASN D 138 14.62 -71.40 24.05
C ASN D 138 15.71 -70.79 24.94
N TYR D 139 15.31 -70.22 26.07
CA TYR D 139 16.24 -69.67 27.06
C TYR D 139 17.16 -68.61 26.46
N PHE D 144 17.07 -55.24 22.79
CA PHE D 144 15.99 -54.62 22.03
C PHE D 144 16.08 -53.10 22.06
N LYS D 145 16.17 -52.50 20.87
CA LYS D 145 16.14 -51.05 20.71
C LYS D 145 14.91 -50.68 19.90
N PRO D 146 13.94 -49.97 20.49
CA PRO D 146 12.69 -49.67 19.76
C PRO D 146 12.88 -48.71 18.60
N MET D 147 11.77 -48.32 17.96
CA MET D 147 11.85 -47.54 16.72
C MET D 147 12.36 -46.12 16.98
N LYS D 148 11.70 -45.40 17.90
CA LYS D 148 12.17 -44.10 18.37
C LYS D 148 12.11 -43.02 17.29
N GLN D 149 12.68 -43.27 16.12
CA GLN D 149 12.67 -42.31 15.03
C GLN D 149 12.15 -42.96 13.76
N THR D 150 11.93 -42.15 12.72
CA THR D 150 11.27 -42.62 11.51
C THR D 150 12.25 -43.28 10.55
N ARG D 151 11.98 -43.19 9.25
CA ARG D 151 12.83 -43.74 8.20
C ARG D 151 13.38 -42.68 7.27
N GLU D 152 12.51 -41.85 6.69
CA GLU D 152 12.91 -40.75 5.82
C GLU D 152 13.35 -39.51 6.59
N GLN D 153 13.66 -39.67 7.87
CA GLN D 153 13.99 -38.55 8.74
C GLN D 153 15.50 -38.40 8.88
N GLU D 154 15.90 -37.20 9.30
CA GLU D 154 17.30 -36.91 9.58
C GLU D 154 17.41 -36.32 10.98
N THR D 155 18.45 -36.71 11.69
CA THR D 155 18.81 -36.02 12.91
C THR D 155 19.07 -34.56 12.57
N PRO D 156 18.43 -33.62 13.26
CA PRO D 156 18.61 -32.19 12.92
C PRO D 156 20.07 -31.81 12.96
N PRO D 157 20.53 -31.00 11.99
CA PRO D 157 21.95 -30.58 11.99
C PRO D 157 22.36 -29.89 13.28
N ASP D 158 21.42 -29.36 14.04
CA ASP D 158 21.69 -28.69 15.30
C ASP D 158 21.90 -29.65 16.46
N PHE D 159 21.89 -30.96 16.21
CA PHE D 159 22.08 -31.94 17.27
C PHE D 159 23.54 -32.34 17.37
N PHE D 160 24.08 -32.32 18.59
CA PHE D 160 25.41 -32.87 18.81
C PHE D 160 25.37 -34.40 18.72
N TYR D 161 26.56 -35.00 18.77
CA TYR D 161 26.64 -36.46 18.69
C TYR D 161 26.06 -37.13 19.93
N PHE D 162 26.11 -36.47 21.08
CA PHE D 162 25.55 -37.01 22.32
C PHE D 162 24.06 -36.73 22.46
N SER D 163 23.43 -36.14 21.45
CA SER D 163 22.00 -35.85 21.47
C SER D 163 21.22 -36.71 20.48
N ASP D 164 21.89 -37.58 19.74
CA ASP D 164 21.25 -38.33 18.67
C ASP D 164 20.45 -39.51 19.23
N TYR D 165 19.44 -39.92 18.47
CA TYR D 165 18.61 -41.06 18.86
C TYR D 165 19.38 -42.36 18.66
N GLU D 166 18.76 -43.46 19.08
CA GLU D 166 19.25 -44.81 18.80
C GLU D 166 18.14 -45.56 18.08
N ARG D 167 18.32 -45.75 16.77
CA ARG D 167 17.32 -46.39 15.94
C ARG D 167 17.70 -47.84 15.66
N HIS D 168 16.70 -48.71 15.62
CA HIS D 168 16.89 -50.09 15.18
C HIS D 168 17.44 -50.16 13.75
N ASN D 169 17.23 -49.12 12.95
CA ASN D 169 17.72 -49.13 11.56
C ASN D 169 19.22 -49.34 11.53
N ALA D 170 19.97 -48.55 12.29
CA ALA D 170 21.43 -48.66 12.28
C ALA D 170 21.90 -49.98 12.88
N GLU D 171 21.21 -50.47 13.91
CA GLU D 171 21.61 -51.72 14.54
C GLU D 171 21.47 -52.90 13.57
N ILE D 172 20.37 -52.93 12.81
CA ILE D 172 20.16 -54.00 11.83
C ILE D 172 21.13 -53.84 10.67
N ALA D 173 21.30 -52.61 10.17
CA ALA D 173 22.15 -52.39 9.02
C ALA D 173 23.63 -52.60 9.36
N ALA D 174 24.02 -52.26 10.59
CA ALA D 174 25.43 -52.41 10.97
C ALA D 174 25.85 -53.86 10.91
N PHE D 175 24.95 -54.78 11.26
CA PHE D 175 25.28 -56.20 11.21
C PHE D 175 25.57 -56.65 9.78
N HIS D 176 24.75 -56.20 8.83
CA HIS D 176 24.94 -56.60 7.44
C HIS D 176 26.13 -55.87 6.82
N LEU D 177 26.37 -54.62 7.19
CA LEU D 177 27.55 -53.91 6.70
C LEU D 177 28.82 -54.54 7.24
N ASP D 178 28.86 -54.83 8.54
CA ASP D 178 29.98 -55.54 9.12
C ASP D 178 30.11 -56.95 8.53
N ARG D 179 29.00 -57.51 8.07
CA ARG D 179 29.03 -58.83 7.45
C ARG D 179 29.60 -58.77 6.04
N ILE D 180 29.21 -57.76 5.26
CA ILE D 180 29.67 -57.64 3.88
C ILE D 180 31.17 -57.39 3.82
N LEU D 181 31.72 -56.69 4.81
CA LEU D 181 33.15 -56.40 4.85
C LEU D 181 33.97 -57.54 5.43
N ASP D 182 33.35 -58.68 5.72
CA ASP D 182 34.01 -59.86 6.28
C ASP D 182 34.69 -59.55 7.62
N PHE D 183 34.26 -58.48 8.30
CA PHE D 183 34.80 -58.19 9.62
C PHE D 183 34.29 -59.19 10.65
N ARG D 184 32.97 -59.38 10.72
CA ARG D 184 32.31 -60.30 11.65
C ARG D 184 32.67 -59.96 13.10
N ARG D 185 32.40 -58.71 13.47
CA ARG D 185 32.66 -58.20 14.82
C ARG D 185 31.38 -57.74 15.52
N VAL D 186 30.22 -58.00 14.95
CA VAL D 186 28.96 -57.53 15.52
C VAL D 186 28.09 -58.73 15.86
N PRO D 187 27.31 -58.67 16.94
CA PRO D 187 26.37 -59.76 17.22
C PRO D 187 25.20 -59.71 16.26
N PRO D 188 24.65 -60.87 15.90
CA PRO D 188 23.52 -60.87 14.95
C PRO D 188 22.31 -60.15 15.52
N VAL D 189 21.69 -59.32 14.68
CA VAL D 189 20.51 -58.55 15.05
C VAL D 189 19.50 -58.62 13.91
N ALA D 190 18.23 -58.78 14.25
CA ALA D 190 17.16 -58.87 13.27
C ALA D 190 15.96 -58.04 13.74
N GLY D 191 15.30 -57.39 12.78
CA GLY D 191 14.12 -56.61 13.10
C GLY D 191 12.88 -57.47 13.29
N ARG D 192 11.89 -56.91 13.98
CA ARG D 192 10.69 -57.66 14.32
C ARG D 192 9.59 -56.69 14.71
N MET D 193 8.37 -57.00 14.26
CA MET D 193 7.18 -56.21 14.61
C MET D 193 6.59 -56.82 15.88
N VAL D 194 7.01 -56.29 17.03
CA VAL D 194 6.62 -56.85 18.31
C VAL D 194 5.26 -56.30 18.73
N ASN D 195 4.46 -57.15 19.34
CA ASN D 195 3.20 -56.75 19.96
C ASN D 195 3.52 -56.18 21.33
N MET D 196 3.35 -54.87 21.50
CA MET D 196 3.71 -54.23 22.76
C MET D 196 2.77 -54.59 23.90
N THR D 197 1.76 -55.43 23.67
CA THR D 197 0.93 -55.93 24.76
C THR D 197 1.34 -57.36 25.13
N LYS D 198 1.17 -58.30 24.19
CA LYS D 198 1.41 -59.70 24.48
C LYS D 198 2.90 -60.05 24.51
N GLU D 199 3.78 -59.14 24.08
CA GLU D 199 5.22 -59.42 24.05
C GLU D 199 6.05 -58.40 24.81
N ILE D 200 5.42 -57.41 25.46
CA ILE D 200 6.16 -56.43 26.26
C ILE D 200 5.49 -56.28 27.62
N ARG D 201 4.29 -55.69 27.62
CA ARG D 201 3.64 -55.32 28.88
C ARG D 201 3.15 -56.55 29.64
N ASP D 202 2.38 -57.41 28.98
CA ASP D 202 1.80 -58.58 29.64
C ASP D 202 2.81 -59.68 29.96
N VAL D 203 4.11 -59.49 29.72
CA VAL D 203 5.10 -60.52 30.00
C VAL D 203 6.31 -59.91 30.71
N THR D 204 6.06 -59.06 31.68
CA THR D 204 7.15 -58.46 32.44
C THR D 204 6.71 -58.23 33.88
N ARG D 205 7.62 -58.51 34.82
CA ARG D 205 7.42 -58.21 36.23
C ARG D 205 8.15 -56.94 36.65
N ASP D 206 8.87 -56.30 35.73
CA ASP D 206 9.56 -55.04 36.04
C ASP D 206 8.54 -53.93 36.25
N LYS D 207 8.16 -53.69 37.51
CA LYS D 207 7.11 -52.72 37.80
C LYS D 207 7.48 -51.31 37.36
N LYS D 208 8.78 -51.02 37.25
CA LYS D 208 9.22 -49.74 36.74
C LYS D 208 8.82 -49.56 35.28
N LEU D 209 8.97 -50.62 34.48
CA LEU D 209 8.55 -50.56 33.09
C LEU D 209 7.03 -50.61 32.97
N TRP D 210 6.39 -51.55 33.68
CA TRP D 210 4.97 -51.83 33.47
C TRP D 210 4.09 -50.63 33.77
N ARG D 211 4.49 -49.77 34.71
CA ARG D 211 3.66 -48.64 35.12
C ARG D 211 3.73 -47.46 34.16
N THR D 212 4.39 -47.60 33.01
CA THR D 212 4.44 -46.53 32.00
C THR D 212 3.59 -46.84 30.78
N PHE D 213 2.89 -47.96 30.76
CA PHE D 213 2.01 -48.31 29.64
C PHE D 213 0.69 -47.58 29.81
N PHE D 214 0.56 -46.43 29.16
CA PHE D 214 -0.66 -45.64 29.21
C PHE D 214 -1.33 -45.62 27.85
N ILE D 215 -2.63 -45.38 27.86
CA ILE D 215 -3.41 -45.21 26.64
C ILE D 215 -3.48 -43.73 26.29
N SER D 216 -3.49 -43.45 25.00
CA SER D 216 -3.33 -42.12 24.47
C SER D 216 -4.66 -41.56 24.00
N PRO D 217 -4.74 -40.23 23.77
CA PRO D 217 -5.97 -39.66 23.19
C PRO D 217 -6.42 -40.33 21.90
N ALA D 218 -5.49 -40.74 21.04
CA ALA D 218 -5.82 -41.46 19.81
C ALA D 218 -6.15 -42.93 20.05
N ASN D 219 -6.37 -43.32 21.31
CA ASN D 219 -6.68 -44.71 21.67
C ASN D 219 -5.58 -45.66 21.21
N ASN D 220 -4.33 -45.20 21.34
CA ASN D 220 -3.16 -46.02 21.04
C ASN D 220 -2.43 -46.39 22.32
N ILE D 221 -1.66 -47.46 22.25
CA ILE D 221 -0.93 -47.97 23.40
C ILE D 221 0.48 -47.39 23.39
N CYS D 222 0.80 -46.63 24.44
CA CYS D 222 2.08 -45.95 24.60
C CYS D 222 2.84 -46.52 25.78
N PHE D 223 4.16 -46.35 25.75
CA PHE D 223 5.02 -46.63 26.90
C PHE D 223 6.35 -45.92 26.67
N TYR D 224 7.03 -45.59 27.77
CA TYR D 224 8.29 -44.86 27.69
C TYR D 224 9.41 -45.42 28.54
N GLY D 225 9.11 -46.25 29.53
CA GLY D 225 10.14 -46.82 30.38
C GLY D 225 10.77 -45.79 31.31
N GLU D 226 11.94 -46.16 31.85
CA GLU D 226 12.62 -45.35 32.86
C GLU D 226 14.14 -45.44 32.67
N CYS D 227 14.61 -44.95 31.54
CA CYS D 227 16.03 -44.81 31.29
C CYS D 227 16.46 -43.38 31.63
N SER D 228 17.54 -42.92 31.02
CA SER D 228 18.09 -41.59 31.32
C SER D 228 17.81 -40.60 30.20
N TYR D 229 18.24 -40.91 28.98
CA TYR D 229 18.06 -40.02 27.83
C TYR D 229 16.79 -40.40 27.07
N TYR D 230 15.83 -39.47 27.01
CA TYR D 230 14.64 -39.58 26.16
C TYR D 230 13.67 -40.65 26.69
N CYS D 231 13.29 -40.51 27.96
CA CYS D 231 12.52 -41.55 28.65
C CYS D 231 11.39 -40.93 29.47
N SER D 232 10.64 -40.02 28.85
CA SER D 232 9.49 -39.42 29.50
C SER D 232 8.27 -39.53 28.59
N THR D 233 7.17 -38.88 28.98
CA THR D 233 5.94 -38.98 28.19
C THR D 233 6.11 -38.35 26.81
N GLU D 234 6.94 -37.32 26.70
CA GLU D 234 7.13 -36.63 25.43
C GLU D 234 7.83 -37.49 24.39
N HIS D 235 8.49 -38.58 24.81
CA HIS D 235 9.14 -39.49 23.88
C HIS D 235 8.54 -40.88 23.95
N ALA D 236 7.33 -41.00 24.51
CA ALA D 236 6.69 -42.30 24.68
C ALA D 236 6.51 -42.98 23.34
N LEU D 237 6.97 -44.22 23.25
CA LEU D 237 6.86 -45.01 22.02
C LEU D 237 5.46 -45.58 21.92
N CYS D 238 4.80 -45.34 20.79
CA CYS D 238 3.40 -45.66 20.59
C CYS D 238 3.22 -46.39 19.27
N GLY D 239 2.44 -47.46 19.30
CA GLY D 239 2.04 -48.16 18.09
C GLY D 239 0.62 -47.82 17.69
N LYS D 240 0.28 -48.17 16.45
CA LYS D 240 -1.07 -47.99 15.93
C LYS D 240 -1.66 -49.34 15.54
N PRO D 241 -2.46 -49.95 16.43
CA PRO D 241 -2.71 -49.39 17.76
C PRO D 241 -1.83 -50.01 18.86
N ASP D 242 -1.19 -51.15 18.61
CA ASP D 242 -0.51 -51.87 19.68
C ASP D 242 0.64 -52.72 19.12
N GLN D 243 1.50 -52.11 18.30
CA GLN D 243 2.70 -52.81 17.83
C GLN D 243 3.68 -51.81 17.26
N ILE D 244 4.90 -51.80 17.78
CA ILE D 244 6.01 -51.06 17.19
C ILE D 244 7.04 -52.06 16.68
N GLU D 245 8.10 -51.55 16.05
CA GLU D 245 9.18 -52.39 15.55
C GLU D 245 10.48 -52.03 16.26
N GLY D 246 11.37 -53.01 16.36
CA GLY D 246 12.67 -52.82 16.97
C GLY D 246 13.71 -53.77 16.41
N SER D 247 14.89 -53.81 17.02
CA SER D 247 15.97 -54.67 16.59
C SER D 247 16.38 -55.57 17.76
N LEU D 248 16.04 -56.85 17.67
CA LEU D 248 16.48 -57.84 18.65
C LEU D 248 17.93 -58.18 18.33
N ALA D 249 18.85 -57.65 19.13
CA ALA D 249 20.28 -57.92 18.95
C ALA D 249 20.74 -59.09 19.82
N PHE D 251 22.30 -61.75 22.12
CA PHE D 251 23.03 -61.50 23.35
C PHE D 251 24.41 -62.16 23.34
N LEU D 252 25.45 -61.36 23.61
CA LEU D 252 26.79 -61.90 23.78
C LEU D 252 26.81 -62.84 24.99
N PRO D 253 27.82 -63.72 25.10
CA PRO D 253 27.84 -64.65 26.24
C PRO D 253 27.88 -63.90 27.57
N ASP D 254 27.23 -64.49 28.57
CA ASP D 254 27.15 -63.86 29.88
C ASP D 254 28.55 -63.65 30.46
N LEU D 255 28.68 -62.64 31.33
CA LEU D 255 29.98 -62.29 31.90
C LEU D 255 30.43 -63.24 33.00
N SER D 256 29.50 -63.97 33.62
CA SER D 256 29.83 -64.89 34.70
C SER D 256 30.44 -66.20 34.17
N LEU D 257 31.07 -66.14 32.99
CA LEU D 257 31.72 -67.28 32.34
C LEU D 257 32.46 -66.84 31.09
N ALA D 258 32.51 -65.53 30.83
CA ALA D 258 33.18 -64.98 29.66
C ALA D 258 33.41 -63.48 29.83
N LYS D 259 34.36 -63.11 30.69
CA LYS D 259 34.67 -61.70 30.95
C LYS D 259 35.06 -60.99 29.67
N ARG D 260 34.80 -59.68 29.63
CA ARG D 260 35.03 -58.88 28.43
C ARG D 260 35.67 -57.55 28.84
N LYS D 261 36.87 -57.30 28.33
CA LYS D 261 37.57 -56.05 28.57
C LYS D 261 36.79 -54.87 27.98
N THR D 262 37.17 -53.65 28.38
CA THR D 262 36.51 -52.45 27.90
C THR D 262 37.56 -51.33 27.82
N TRP D 263 38.01 -51.02 26.61
CA TRP D 263 39.03 -50.02 26.38
C TRP D 263 38.42 -48.67 26.04
N ARG D 264 39.20 -47.62 26.26
CA ARG D 264 38.82 -46.26 25.92
C ARG D 264 39.52 -45.88 24.61
N ASN D 265 38.74 -45.74 23.54
CA ASN D 265 39.31 -45.42 22.25
C ASN D 265 39.98 -44.05 22.30
N PRO D 266 41.25 -43.93 21.89
CA PRO D 266 41.97 -42.65 22.06
C PRO D 266 41.50 -41.55 21.12
N TRP D 267 40.50 -41.79 20.28
CA TRP D 267 39.87 -40.75 19.48
C TRP D 267 38.46 -40.45 19.94
N ARG D 268 38.13 -40.78 21.19
CA ARG D 268 36.82 -40.45 21.73
C ARG D 268 36.64 -38.93 21.74
N ARG D 269 35.42 -38.50 21.45
CA ARG D 269 35.14 -37.07 21.43
C ARG D 269 34.99 -36.54 22.85
N SER D 270 35.10 -35.22 22.97
CA SER D 270 35.06 -34.59 24.29
C SER D 270 33.73 -34.83 25.00
N TYR D 271 32.68 -35.19 24.27
CA TYR D 271 31.33 -35.33 24.80
C TYR D 271 30.97 -34.12 25.67
N HIS D 272 31.25 -32.94 25.11
CA HIS D 272 31.04 -31.66 25.74
C HIS D 272 31.07 -30.58 24.68
N LYS D 273 30.05 -29.72 24.63
CA LYS D 273 30.05 -28.61 23.69
C LYS D 273 31.18 -27.64 24.03
N ARG D 274 31.61 -26.89 23.01
CA ARG D 274 32.65 -25.87 23.11
C ARG D 274 33.98 -26.40 23.68
N LYS D 275 34.18 -27.72 23.69
CA LYS D 275 35.41 -28.32 24.18
C LYS D 275 35.95 -29.28 23.13
N LYS D 276 37.22 -29.11 22.76
CA LYS D 276 37.86 -29.98 21.79
C LYS D 276 38.60 -31.11 22.49
N ALA D 277 38.79 -32.22 21.77
CA ALA D 277 39.30 -33.46 22.34
C ALA D 277 40.72 -33.78 21.90
N GLU D 278 41.60 -32.77 21.93
CA GLU D 278 43.03 -32.93 21.67
C GLU D 278 43.35 -33.39 20.25
N TRP D 279 42.89 -34.58 19.85
CA TRP D 279 43.16 -35.05 18.50
C TRP D 279 42.51 -34.16 17.44
N GLU D 280 41.66 -33.23 17.84
CA GLU D 280 41.18 -32.15 16.97
C GLU D 280 42.13 -30.97 16.92
N VAL D 281 43.22 -31.02 17.69
CA VAL D 281 44.21 -29.95 17.69
C VAL D 281 45.60 -30.44 17.28
N ASP D 282 45.91 -31.72 17.42
CA ASP D 282 47.22 -32.26 17.07
C ASP D 282 47.11 -33.04 15.77
N PRO D 283 47.69 -32.55 14.66
CA PRO D 283 47.53 -33.25 13.38
C PRO D 283 48.26 -34.58 13.30
N ASP D 284 49.31 -34.78 14.09
CA ASP D 284 50.04 -36.05 14.16
C ASP D 284 49.91 -36.66 15.55
N TYR D 285 48.73 -36.52 16.14
CA TYR D 285 48.40 -37.16 17.41
C TYR D 285 48.59 -38.68 17.33
N CYS D 286 48.54 -39.25 16.13
CA CYS D 286 48.70 -40.69 15.96
C CYS D 286 50.12 -41.16 16.25
N GLU D 287 51.11 -40.26 16.20
CA GLU D 287 52.46 -40.64 16.55
C GLU D 287 52.61 -40.96 18.03
N GLU D 288 51.71 -40.43 18.87
CA GLU D 288 51.71 -40.77 20.28
C GLU D 288 50.99 -42.08 20.54
N VAL D 289 49.85 -42.29 19.89
CA VAL D 289 49.05 -43.49 20.11
C VAL D 289 49.80 -44.70 19.60
N PRO D 294 50.29 -48.83 25.69
CA PRO D 294 49.51 -49.74 24.85
C PRO D 294 49.34 -49.20 23.43
N TYR D 295 48.49 -49.87 22.63
CA TYR D 295 48.20 -49.45 21.26
C TYR D 295 49.48 -49.29 20.43
N ASP D 296 50.18 -50.41 20.26
CA ASP D 296 51.43 -50.38 19.50
C ASP D 296 51.60 -51.67 18.69
N SER D 297 50.84 -52.70 19.05
CA SER D 297 50.86 -53.94 18.29
C SER D 297 50.30 -53.70 16.89
N SER D 298 51.00 -54.22 15.87
CA SER D 298 50.51 -54.15 14.50
C SER D 298 49.11 -54.74 14.33
N HIS D 299 48.71 -55.63 15.24
CA HIS D 299 47.36 -56.19 15.28
C HIS D 299 46.37 -55.29 16.01
N ARG D 300 46.85 -54.26 16.72
CA ARG D 300 46.02 -53.34 17.48
C ARG D 300 45.85 -51.98 16.82
N ILE D 301 46.93 -51.41 16.30
CA ILE D 301 46.90 -50.13 15.59
C ILE D 301 46.00 -50.23 14.37
N MET D 305 41.30 -49.23 12.67
CA MET D 305 41.12 -48.72 11.32
C MET D 305 39.95 -49.39 10.63
N ASP D 306 39.83 -50.71 10.80
CA ASP D 306 38.65 -51.42 10.32
C ASP D 306 37.38 -50.88 10.99
N MET D 307 37.49 -50.42 12.23
CA MET D 307 36.34 -49.97 12.99
C MET D 307 35.92 -48.55 12.58
N THR D 308 36.90 -47.66 12.35
CA THR D 308 36.57 -46.30 11.97
C THR D 308 36.10 -46.19 10.52
N ILE D 309 36.62 -47.05 9.63
CA ILE D 309 36.04 -47.16 8.30
C ILE D 309 34.64 -47.71 8.38
N PHE D 310 34.40 -48.65 9.31
CA PHE D 310 33.05 -49.11 9.61
C PHE D 310 32.18 -47.97 10.11
N ASP D 311 32.65 -47.22 11.11
CA ASP D 311 31.84 -46.16 11.71
C ASP D 311 31.57 -45.04 10.70
N PHE D 312 32.57 -44.68 9.90
CA PHE D 312 32.39 -43.57 8.96
C PHE D 312 31.42 -43.92 7.84
N LEU D 313 31.36 -45.20 7.45
CA LEU D 313 30.38 -45.63 6.45
C LEU D 313 28.95 -45.45 6.96
N MET D 314 28.76 -45.53 8.28
CA MET D 314 27.44 -45.35 8.88
C MET D 314 27.21 -43.94 9.40
N GLY D 315 28.28 -43.23 9.78
CA GLY D 315 28.14 -41.96 10.46
C GLY D 315 28.06 -42.06 11.96
N ASN D 316 28.52 -43.16 12.55
CA ASN D 316 28.43 -43.40 13.99
C ASN D 316 29.65 -42.77 14.67
N MET D 317 29.48 -41.52 15.10
CA MET D 317 30.51 -40.79 15.84
C MET D 317 30.39 -40.97 17.35
N ASP D 318 29.85 -42.11 17.80
CA ASP D 318 29.64 -42.37 19.21
C ASP D 318 30.45 -43.58 19.68
N ARG D 319 31.63 -43.77 19.09
CA ARG D 319 32.49 -44.90 19.46
C ARG D 319 33.51 -44.44 20.50
N HIS D 320 33.00 -44.21 21.71
CA HIS D 320 33.86 -43.79 22.81
C HIS D 320 34.59 -44.96 23.46
N HIS D 321 33.99 -46.15 23.45
CA HIS D 321 34.61 -47.33 24.04
C HIS D 321 34.41 -48.52 23.10
N TYR D 322 35.32 -49.50 23.22
CA TYR D 322 35.14 -50.80 22.57
C TYR D 322 35.63 -51.89 23.52
N GLU D 323 35.26 -53.12 23.20
CA GLU D 323 35.47 -54.24 24.10
C GLU D 323 36.24 -55.36 23.41
N THR D 324 37.01 -56.10 24.22
CA THR D 324 37.74 -57.26 23.74
C THR D 324 37.04 -58.53 24.23
N PHE D 325 37.82 -59.56 24.55
CA PHE D 325 37.25 -60.81 25.05
C PHE D 325 38.01 -61.39 26.24
N GLU D 326 39.04 -60.71 26.76
CA GLU D 326 39.79 -61.15 27.92
C GLU D 326 40.51 -62.47 27.68
N LYS D 327 39.75 -63.54 27.40
CA LYS D 327 40.34 -64.85 27.14
C LYS D 327 41.26 -64.85 25.92
N PHE D 328 41.24 -63.80 25.10
CA PHE D 328 42.13 -63.68 23.95
C PHE D 328 43.22 -62.64 24.15
N GLY D 329 43.28 -62.00 25.32
CA GLY D 329 44.30 -61.01 25.59
C GLY D 329 44.17 -59.82 24.68
N ASN D 330 45.30 -59.38 24.13
CA ASN D 330 45.38 -58.24 23.23
C ASN D 330 45.80 -58.64 21.82
N GLU D 331 45.43 -59.85 21.41
CA GLU D 331 45.72 -60.32 20.06
C GLU D 331 44.45 -60.88 19.41
N LEU D 337 29.83 -53.22 18.82
CA LEU D 337 28.67 -53.12 19.71
C LEU D 337 28.11 -51.70 19.74
N ASP D 338 26.82 -51.60 20.05
CA ASP D 338 26.11 -50.32 20.18
C ASP D 338 26.30 -49.45 18.94
N ASN D 339 25.84 -49.99 17.80
CA ASN D 339 25.95 -49.31 16.52
C ASN D 339 24.68 -48.55 16.15
N GLY D 340 23.90 -48.14 17.14
CA GLY D 340 22.59 -47.56 16.88
C GLY D 340 22.58 -46.08 16.53
N ARG D 341 23.73 -45.40 16.58
CA ARG D 341 23.79 -43.98 16.29
C ARG D 341 24.30 -43.68 14.88
N GLY D 342 24.24 -44.66 13.98
CA GLY D 342 24.56 -44.44 12.59
C GLY D 342 23.29 -44.33 11.73
N PHE D 343 23.52 -44.08 10.45
CA PHE D 343 22.45 -44.01 9.44
C PHE D 343 21.36 -43.01 9.85
N GLY D 344 21.76 -41.93 10.52
CA GLY D 344 20.82 -40.90 10.93
C GLY D 344 20.84 -39.72 9.99
N LYS D 345 21.89 -39.64 9.18
CA LYS D 345 22.07 -38.55 8.23
C LYS D 345 22.42 -39.15 6.88
N TYR D 346 21.59 -38.89 5.86
CA TYR D 346 21.87 -39.36 4.51
C TYR D 346 22.34 -38.26 3.58
N SER D 347 22.24 -36.99 3.98
CA SER D 347 22.75 -35.87 3.21
C SER D 347 23.97 -35.27 3.87
N HIS D 348 24.79 -36.12 4.49
CA HIS D 348 25.95 -35.66 5.25
C HIS D 348 26.92 -36.83 5.42
N ASP D 349 28.21 -36.55 5.23
CA ASP D 349 29.29 -37.48 5.51
C ASP D 349 30.22 -36.84 6.53
N GLU D 350 30.20 -37.36 7.75
CA GLU D 350 30.94 -36.75 8.87
C GLU D 350 32.39 -37.17 8.79
N LEU D 351 33.21 -36.36 8.12
CA LEU D 351 34.63 -36.63 7.97
C LEU D 351 35.33 -36.67 9.32
N PRO D 356 40.87 -40.85 12.58
CA PRO D 356 41.79 -41.92 12.99
C PRO D 356 42.60 -42.50 11.82
N LEU D 357 41.97 -42.62 10.64
CA LEU D 357 42.68 -43.12 9.47
C LEU D 357 43.57 -42.05 8.85
N GLN D 358 43.15 -40.77 8.90
CA GLN D 358 43.94 -39.69 8.31
C GLN D 358 45.21 -39.41 9.10
N GLN D 359 45.21 -39.67 10.41
CA GLN D 359 46.36 -39.38 11.25
C GLN D 359 47.38 -40.51 11.25
N CYS D 360 46.95 -41.74 11.50
CA CYS D 360 47.88 -42.87 11.51
C CYS D 360 48.27 -43.30 10.10
N CYS D 361 47.38 -43.15 9.13
CA CYS D 361 47.63 -43.53 7.74
C CYS D 361 48.12 -44.97 7.62
N LYS D 365 45.68 -54.50 4.21
CA LYS D 365 45.53 -54.92 2.82
C LYS D 365 44.29 -55.78 2.63
N SER D 366 43.94 -56.55 3.67
CA SER D 366 42.76 -57.40 3.62
C SER D 366 41.50 -56.59 3.33
N THR D 367 41.30 -55.51 4.09
CA THR D 367 40.14 -54.66 3.87
C THR D 367 40.30 -53.77 2.64
N TYR D 368 41.53 -53.42 2.28
CA TYR D 368 41.76 -52.51 1.15
C TYR D 368 41.26 -53.13 -0.15
N LEU D 369 41.65 -54.38 -0.41
CA LEU D 369 41.19 -55.07 -1.61
C LEU D 369 39.68 -55.32 -1.57
N ARG D 370 39.11 -55.47 -0.38
CA ARG D 370 37.66 -55.54 -0.27
C ARG D 370 37.02 -54.20 -0.63
N LEU D 371 37.47 -53.12 0.02
CA LEU D 371 36.85 -51.81 -0.17
C LEU D 371 36.88 -51.38 -1.63
N GLN D 372 37.89 -51.81 -2.40
CA GLN D 372 37.89 -51.54 -3.83
C GLN D 372 36.80 -52.34 -4.55
N LEU D 373 36.67 -53.62 -4.20
CA LEU D 373 35.66 -54.46 -4.84
C LEU D 373 34.25 -53.95 -4.55
N LEU D 374 34.01 -53.46 -3.33
CA LEU D 374 32.71 -52.92 -2.97
C LEU D 374 32.37 -51.64 -3.72
N ALA D 375 33.31 -51.07 -4.47
CA ALA D 375 33.07 -49.87 -5.26
C ALA D 375 32.68 -50.16 -6.70
N LYS D 376 33.06 -51.31 -7.24
CA LYS D 376 32.71 -51.66 -8.61
C LYS D 376 31.24 -52.00 -8.70
N GLU D 377 30.60 -51.56 -9.79
CA GLU D 377 29.16 -51.69 -9.94
C GLU D 377 28.70 -53.14 -9.92
N GLU D 378 29.57 -54.10 -10.24
CA GLU D 378 29.21 -55.50 -10.16
C GLU D 378 29.20 -56.02 -8.72
N TYR D 379 29.93 -55.37 -7.82
CA TYR D 379 30.01 -55.75 -6.41
C TYR D 379 29.71 -54.54 -5.52
N LYS D 380 28.71 -53.74 -5.93
CA LYS D 380 28.46 -52.45 -5.32
C LYS D 380 27.83 -52.58 -3.94
N LEU D 381 28.26 -51.71 -3.02
CA LEU D 381 27.70 -51.69 -1.68
C LEU D 381 26.20 -51.41 -1.71
N SER D 382 25.75 -50.56 -2.64
CA SER D 382 24.34 -50.21 -2.74
C SER D 382 23.49 -51.46 -3.00
N LEU D 383 23.80 -52.19 -4.07
CA LEU D 383 22.98 -53.34 -4.45
C LEU D 383 23.26 -54.56 -3.59
N LEU D 384 24.44 -54.64 -2.94
CA LEU D 384 24.73 -55.77 -2.07
C LEU D 384 24.05 -55.64 -0.72
N MET D 385 23.96 -54.41 -0.19
CA MET D 385 23.32 -54.21 1.11
C MET D 385 21.80 -54.17 0.99
N ALA D 386 21.28 -53.54 -0.07
CA ALA D 386 19.83 -53.50 -0.26
C ALA D 386 19.25 -54.89 -0.46
N GLU D 387 20.06 -55.83 -0.95
CA GLU D 387 19.59 -57.20 -1.08
C GLU D 387 19.76 -57.97 0.23
N SER D 388 20.89 -57.76 0.92
CA SER D 388 21.13 -58.44 2.19
C SER D 388 20.10 -58.03 3.24
N LEU D 389 19.58 -56.81 3.15
CA LEU D 389 18.56 -56.30 4.07
C LEU D 389 17.14 -56.55 3.56
N ARG D 390 16.98 -57.22 2.42
CA ARG D 390 15.65 -57.47 1.88
C ARG D 390 14.86 -58.48 2.72
N GLY D 391 15.55 -59.36 3.45
CA GLY D 391 14.89 -60.32 4.31
C GLY D 391 15.14 -60.08 5.78
N ASP D 392 14.31 -59.22 6.40
CA ASP D 392 14.49 -58.88 7.80
C ASP D 392 13.17 -58.69 8.53
N GLN D 393 12.03 -58.98 7.89
CA GLN D 393 10.69 -58.80 8.45
C GLN D 393 10.35 -57.33 8.65
N VAL D 394 11.35 -56.50 8.90
CA VAL D 394 11.18 -55.06 9.07
C VAL D 394 11.58 -54.29 7.81
N ALA D 395 11.92 -55.00 6.74
CA ALA D 395 12.41 -54.37 5.52
C ALA D 395 11.34 -53.45 4.92
N PRO D 396 11.75 -52.36 4.26
CA PRO D 396 13.14 -51.95 4.06
C PRO D 396 13.74 -51.30 5.32
N VAL D 397 14.86 -51.86 5.80
CA VAL D 397 15.46 -51.35 7.03
C VAL D 397 16.14 -50.00 6.81
N LEU D 398 16.51 -49.69 5.56
CA LEU D 398 17.23 -48.45 5.25
C LEU D 398 16.49 -47.68 4.18
N TYR D 399 16.24 -46.39 4.47
CA TYR D 399 15.81 -45.46 3.43
C TYR D 399 16.82 -45.46 2.30
N GLN D 400 16.32 -45.39 1.07
CA GLN D 400 17.15 -45.60 -0.11
C GLN D 400 18.40 -44.72 -0.17
N PRO D 401 18.33 -43.40 0.03
CA PRO D 401 19.55 -42.58 -0.09
C PRO D 401 20.65 -42.92 0.92
N HIS D 402 20.35 -43.73 1.94
CA HIS D 402 21.41 -44.22 2.81
C HIS D 402 22.25 -45.29 2.12
N LEU D 403 21.58 -46.19 1.38
CA LEU D 403 22.30 -47.17 0.58
C LEU D 403 23.12 -46.50 -0.51
N GLU D 404 22.58 -45.44 -1.12
CA GLU D 404 23.34 -44.69 -2.11
C GLU D 404 24.51 -43.95 -1.46
N ALA D 405 24.28 -43.36 -0.28
CA ALA D 405 25.37 -42.69 0.43
C ALA D 405 26.45 -43.67 0.84
N LEU D 406 26.08 -44.93 1.11
CA LEU D 406 27.04 -45.94 1.55
C LEU D 406 28.19 -46.10 0.55
N ASP D 407 27.95 -45.82 -0.73
CA ASP D 407 29.02 -45.89 -1.73
C ASP D 407 29.82 -44.61 -1.79
N ARG D 408 29.17 -43.46 -1.62
CA ARG D 408 29.89 -42.19 -1.57
C ARG D 408 30.83 -42.13 -0.38
N ARG D 409 30.42 -42.72 0.76
CA ARG D 409 31.31 -42.85 1.91
C ARG D 409 32.45 -43.83 1.64
N LEU D 410 32.26 -44.75 0.70
CA LEU D 410 33.31 -45.73 0.41
C LEU D 410 34.41 -45.13 -0.45
N ARG D 411 34.05 -44.30 -1.44
CA ARG D 411 35.07 -43.74 -2.32
C ARG D 411 35.91 -42.68 -1.63
N VAL D 412 35.35 -42.00 -0.62
CA VAL D 412 36.15 -41.03 0.13
C VAL D 412 37.07 -41.74 1.12
N VAL D 413 36.65 -42.90 1.65
CA VAL D 413 37.57 -43.74 2.40
C VAL D 413 38.63 -44.32 1.48
N LEU D 414 38.22 -44.75 0.28
CA LEU D 414 39.17 -45.30 -0.69
C LEU D 414 40.11 -44.22 -1.20
N LYS D 415 39.61 -42.98 -1.34
CA LYS D 415 40.48 -41.88 -1.74
C LYS D 415 41.35 -41.42 -0.58
N ALA D 416 40.92 -41.64 0.66
CA ALA D 416 41.72 -41.27 1.82
C ALA D 416 42.95 -42.15 1.97
N VAL D 417 42.85 -43.42 1.59
CA VAL D 417 44.01 -44.30 1.61
C VAL D 417 45.03 -43.86 0.56
N ARG D 418 44.54 -43.35 -0.59
CA ARG D 418 45.45 -42.86 -1.62
C ARG D 418 46.17 -41.59 -1.17
N ASP D 419 45.51 -40.74 -0.37
CA ASP D 419 46.18 -39.58 0.19
C ASP D 419 47.24 -39.97 1.21
N CYS D 420 47.10 -41.15 1.81
CA CYS D 420 48.10 -41.68 2.73
C CYS D 420 49.20 -42.46 2.02
N VAL D 421 48.93 -42.99 0.83
CA VAL D 421 49.92 -43.81 0.14
C VAL D 421 50.89 -42.97 -0.69
N GLU D 422 50.45 -41.79 -1.16
CA GLU D 422 51.33 -40.87 -1.88
C GLU D 422 52.11 -39.95 -0.95
N ARG D 423 51.82 -39.98 0.34
CA ARG D 423 52.50 -39.16 1.34
C ARG D 423 53.34 -39.99 2.31
N ASN D 424 52.93 -41.21 2.65
CA ASN D 424 53.74 -42.09 3.48
C ASN D 424 54.26 -43.27 2.66
PG ATP E . -33.09 15.64 -0.32
O1G ATP E . -32.58 15.01 -1.59
O2G ATP E . -34.02 16.82 -0.54
O3G ATP E . -33.58 14.64 0.70
PB ATP E . -30.40 16.57 -0.31
O1B ATP E . -30.07 15.53 -1.34
O2B ATP E . -29.40 16.91 0.77
O3B ATP E . -31.82 16.31 0.40
PA ATP E . -29.61 18.72 -1.85
O1A ATP E . -28.86 17.71 -2.68
O2A ATP E . -30.23 19.95 -2.47
O3A ATP E . -30.75 17.95 -1.03
O5' ATP E . -28.66 19.16 -0.63
C5' ATP E . -27.26 18.96 -0.72
C4' ATP E . -26.54 20.31 -0.86
O4' ATP E . -25.47 20.37 0.08
C3' ATP E . -25.96 20.44 -2.25
O3' ATP E . -26.24 21.73 -2.78
C2' ATP E . -24.47 20.34 -2.06
O2' ATP E . -23.83 21.34 -2.85
C1' ATP E . -24.23 20.59 -0.59
N9 ATP E . -23.20 19.63 -0.09
C8 ATP E . -23.42 18.52 0.64
N7 ATP E . -22.25 17.88 0.91
C5 ATP E . -21.26 18.60 0.35
C6 ATP E . -19.79 18.50 0.24
N6 ATP E . -19.11 17.47 0.82
N1 ATP E . -19.13 19.46 -0.43
C2 ATP E . -19.78 20.48 -1.00
N3 ATP E . -21.11 20.64 -0.95
C4 ATP E . -21.89 19.75 -0.30
PG ATP F . -33.84 14.18 -6.16
O1G ATP F . -33.35 12.78 -5.83
O2G ATP F . -35.32 14.42 -5.97
O3G ATP F . -32.97 15.26 -5.57
PB ATP F . -34.46 13.58 -8.88
O1B ATP F . -35.76 13.14 -8.25
O2B ATP F . -34.52 14.51 -10.07
O3B ATP F . -33.58 14.31 -7.75
PA ATP F . -33.26 11.63 -10.67
O1A ATP F . -32.02 10.77 -10.55
O2A ATP F . -34.48 11.02 -11.28
O3A ATP F . -33.56 12.29 -9.22
O5' ATP F . -32.88 12.88 -11.62
C5' ATP F . -33.79 13.14 -12.67
C4' ATP F . -33.37 14.31 -13.54
O4' ATP F . -33.28 13.84 -14.88
C3' ATP F . -34.45 15.38 -13.51
O3' ATP F . -33.88 16.63 -13.09
C2' ATP F . -34.97 15.49 -14.93
O2' ATP F . -34.52 16.72 -15.48
C1' ATP F . -34.35 14.33 -15.70
N9 ATP F . -35.33 13.22 -15.92
C8 ATP F . -35.80 12.38 -14.98
N7 ATP F . -36.66 11.46 -15.47
C5 ATP F . -36.75 11.70 -16.79
C6 ATP F . -37.50 11.09 -17.91
N6 ATP F . -38.33 10.03 -17.71
N1 ATP F . -37.33 11.64 -19.14
C2 ATP F . -36.51 12.68 -19.34
N3 ATP F . -35.81 13.28 -18.36
C4 ATP F . -35.88 12.85 -17.09
PG ATP G . 8.81 -4.07 38.82
O1G ATP G . 9.02 -4.96 40.03
O2G ATP G . 8.38 -2.65 39.13
O3G ATP G . 9.89 -4.16 37.78
PB ATP G . 7.63 -5.40 36.70
O1B ATP G . 8.76 -6.40 36.77
O2B ATP G . 7.63 -4.33 35.62
O3B ATP G . 7.51 -4.67 38.12
PA ATP G . 6.11 -7.68 37.18
O1A ATP G . 7.16 -8.51 36.48
O2A ATP G . 6.05 -7.65 38.69
O3A ATP G . 6.22 -6.17 36.65
O5' ATP G . 4.69 -8.16 36.63
C5' ATP G . 4.64 -8.95 35.45
C4' ATP G . 4.49 -10.43 35.77
O4' ATP G . 3.32 -10.92 35.11
C3' ATP G . 5.67 -11.21 35.22
O3' ATP G . 5.98 -12.31 36.07
C2' ATP G . 5.20 -11.74 33.88
O2' ATP G . 5.68 -13.07 33.71
C1' ATP G . 3.68 -11.71 33.96
N9 ATP G . 3.09 -11.04 32.77
C8 ATP G . 2.74 -9.74 32.70
N7 ATP G . 2.23 -9.42 31.48
C5 ATP G . 2.27 -10.54 30.73
C6 ATP G . 1.90 -10.91 29.34
N6 ATP G . 1.36 -9.99 28.49
N1 ATP G . 2.09 -12.18 28.95
C2 ATP G . 2.62 -13.11 29.79
N3 ATP G . 2.98 -12.84 31.06
C4 ATP G . 2.84 -11.60 31.58
PG ATP H . 13.52 -5.06 36.09
O1G ATP H . 14.13 -3.88 36.80
O2G ATP H . 12.29 -5.64 36.74
O3G ATP H . 13.36 -4.83 34.60
PB ATP H . 16.16 -6.18 36.53
O1B ATP H . 16.52 -7.50 37.17
O2B ATP H . 16.45 -4.92 37.29
O3B ATP H . 14.60 -6.27 36.13
PA ATP H . 18.31 -6.33 34.59
O1A ATP H . 19.23 -5.41 35.35
O2A ATP H . 18.35 -6.28 33.08
O3A ATP H . 16.78 -6.10 35.03
O5' ATP H . 18.65 -7.84 35.02
C5' ATP H . 19.33 -8.06 36.26
C4' ATP H . 19.70 -9.52 36.42
O4' ATP H . 20.98 -9.74 35.81
C3' ATP H . 19.80 -9.89 37.89
O3' ATP H . 18.75 -10.78 38.28
C2' ATP H . 21.17 -10.53 38.05
O2' ATP H . 21.03 -11.95 38.16
C1' ATP H . 21.94 -10.18 36.79
N9 ATP H . 22.86 -9.04 37.06
C8 ATP H . 22.48 -7.83 37.52
N7 ATP H . 23.55 -6.99 37.68
C5 ATP H . 24.65 -7.69 37.31
C6 ATP H . 26.10 -7.41 37.24
N6 ATP H . 26.60 -6.19 37.59
N1 ATP H . 26.91 -8.40 36.80
C2 ATP H . 26.43 -9.60 36.45
N3 ATP H . 25.12 -9.93 36.50
C4 ATP H . 24.19 -9.03 36.92
#